data_6QFO
#
_entry.id   6QFO
#
_cell.length_a   193.470
_cell.length_b   193.470
_cell.length_c   123.770
_cell.angle_alpha   90.00
_cell.angle_beta   90.00
_cell.angle_gamma   120.00
#
_symmetry.space_group_name_H-M   'P 65'
#
loop_
_entity.id
_entity.type
_entity.pdbx_description
1 polymer 'PEGA domain-containing protein,PEGA domain-containing protein,EngBF DARPin fusion 9b 3G124'
2 non-polymer 'MANGANESE (II) ION'
3 non-polymer '2-(N-MORPHOLINO)-ETHANESULFONIC ACID'
4 non-polymer (4S)-2-METHYL-2,4-PENTANEDIOL
5 water water
#
_entity_poly.entity_id   1
_entity_poly.type   'polypeptide(L)'
_entity_poly.pdbx_seq_one_letter_code
;GPLGSMVASETLKTKKMEVQIKKNFPSVLQYTMTDGKVMYGQSKDVRTVEINGTNIELGDDDVTFKKVSDTEATYTLKVK
DEAKKIDAVITVQITVKANQLHLNVTKIKNNLSEGIPEGNGVEENAIQTLSFPNQSLVSVRSSQENAQFTGARMSSNTQK
PGDTNFAVTEDTNVTDSDYTYGFISGAGLSAGLWSNSEHDGTYVAAPVRGGSQNTRVYATTQQTGDATSLGLASAPWYYH
RTVTDSKGKKYTVAETALPQMAVAIAGDENEDGAVNWQDGAIAYRDIMNNPYKSEEVPELVAWRIAMNFGSQAQNPFLTT
LDNVKKVALNTDGLGQSVLLKGYGNEGHDSGHPDYGDIGQRLGGADDMNTMMEEGSKYGARFGVHVNASEMYPEAKAFSE
DMVRRNSAGGLSYGWNWLDQGVGIDGIYDLASGSRVSRFADLSKEVGDNMDFIYLDVWGNLTSSGSEDSWETRKMSKMIN
DNGWRMTTEWGSGNEYDSTFQHWAADLTYGGYTSKGENSEVMRFLRNHQKDSWVGDYPQYGGAANAPLLGGYNMKDFEGW
QGRNDYAAYIKNLYTHDVSTKFIQHFKVTRWVNNPLLTADNGNAAAVSDPNTNNGNEQITLKDSNGNVVVVSRGSNDTSS
AAYRQRTITFNGVKVASGVVSAGDGSATGDESYLLPWMWDSFTGKLVKDSEQKLYHWNTKGGTTTWTLPDSWKNLSSVKV
YQLTDQGKTNCQTVAVSGGKVTLTADAETPYVVYKGCAKQIQVNWSEGMHVVDAGFNGGSNTLTCNWTVSGSGKAEVEGD
NNAMLRLTGKVDVSQRLTDLKAGQKYALYVGVDNRSTGDASVTVTSGGKVLATNSTGKSIAKNYIKAYGHNTNSNTENGS
SYFQNMYVFFTAPENGDATVTLSHKSTDGAHTYFDDVRIVENQYSGITYEKDGTLKSLTNGFENNAQGIWPFVVSGSEGV
EDNRIHLSELHAPFTRAGWDVKKMDDVLDGTWSVKVNGLTQKGTLVYQTIPQNVKFEAGAKYKVSFDYQSGSDDIYAIAV
GQGEYSAGSVKLTNLKKALGETGKAEFELTGGCNGDSWFGIYSTATAPDLQGSTGNAQDFGGYKDFVLDNLKIERIESQT
RTKAEAQDKVKEIRGKYDSKRACLSDAAWQQYQDCLVKARVLINKNGATAEDFTKAYDILVALDEYMKKAERKLKDLDRK
LLEAARAGQDDEVRILMANGACVNAADDVGVTPLHLAAQRGHLEIVEVLLKCGADVNAADLWGQTPLHLAATAGHLEIVE
VLLCNGADVNARDNIGHTPLHLAAWAGHLEIVEVLLKYGADVCAQDKFGKTAFDISIDNGNEDLAEILQKACKLGSLEVL
FQ
;
_entity_poly.pdbx_strand_id   A
#
loop_
_chem_comp.id
_chem_comp.type
_chem_comp.name
_chem_comp.formula
MES non-polymer '2-(N-MORPHOLINO)-ETHANESULFONIC ACID' 'C6 H13 N O4 S'
MN non-polymer 'MANGANESE (II) ION' 'Mn 2'
MPD non-polymer (4S)-2-METHYL-2,4-PENTANEDIOL 'C6 H14 O2'
#
# COMPACT_ATOMS: atom_id res chain seq x y z
N VAL A 7 41.04 -1.76 52.11
CA VAL A 7 40.14 -2.85 51.69
C VAL A 7 40.94 -3.99 50.99
N ALA A 8 40.65 -5.28 51.33
CA ALA A 8 41.31 -6.45 50.73
C ALA A 8 40.85 -6.63 49.29
N SER A 9 41.81 -6.81 48.39
CA SER A 9 41.57 -6.86 46.96
C SER A 9 42.39 -7.92 46.25
N GLU A 10 42.09 -8.12 44.96
CA GLU A 10 42.83 -9.02 44.07
C GLU A 10 42.99 -8.35 42.70
N THR A 11 43.88 -8.89 41.87
CA THR A 11 44.17 -8.32 40.57
C THR A 11 43.86 -9.30 39.44
N LEU A 12 43.10 -8.83 38.45
CA LEU A 12 42.81 -9.56 37.22
C LEU A 12 43.69 -8.90 36.14
N LYS A 13 44.32 -9.69 35.25
CA LYS A 13 45.29 -9.19 34.29
C LYS A 13 45.02 -9.63 32.88
N THR A 14 45.29 -8.72 31.92
CA THR A 14 45.31 -8.99 30.48
C THR A 14 46.59 -8.30 29.96
N LYS A 15 46.84 -8.35 28.63
CA LYS A 15 48.01 -7.69 28.03
C LYS A 15 47.76 -6.18 27.95
N LYS A 16 46.51 -5.78 28.10
CA LYS A 16 46.10 -4.38 27.98
C LYS A 16 45.93 -3.62 29.30
N MET A 17 45.50 -4.32 30.36
CA MET A 17 45.26 -3.67 31.65
C MET A 17 45.32 -4.64 32.82
N GLU A 18 45.35 -4.05 34.02
CA GLU A 18 45.26 -4.72 35.31
C GLU A 18 44.13 -4.05 36.07
N VAL A 19 43.20 -4.88 36.57
CA VAL A 19 42.02 -4.42 37.29
C VAL A 19 42.11 -4.88 38.73
N GLN A 20 42.12 -3.92 39.65
CA GLN A 20 42.13 -4.19 41.10
C GLN A 20 40.65 -4.32 41.49
N ILE A 21 40.28 -5.47 42.07
CA ILE A 21 38.90 -5.75 42.46
C ILE A 21 38.78 -6.06 43.94
N LYS A 22 37.65 -5.68 44.55
CA LYS A 22 37.37 -5.93 45.98
C LYS A 22 36.95 -7.38 46.21
N LYS A 23 37.32 -7.94 47.36
CA LYS A 23 36.95 -9.31 47.74
C LYS A 23 35.56 -9.34 48.40
N ASN A 24 35.17 -8.25 49.10
CA ASN A 24 33.91 -8.19 49.83
C ASN A 24 32.67 -7.90 48.96
N PHE A 25 32.83 -7.59 47.66
CA PHE A 25 31.72 -7.29 46.74
C PHE A 25 32.19 -7.29 45.29
N PRO A 26 31.33 -7.60 44.27
CA PRO A 26 31.77 -7.50 42.87
C PRO A 26 31.95 -6.04 42.39
N SER A 27 33.02 -5.39 42.87
CA SER A 27 33.37 -4.00 42.59
C SER A 27 34.79 -3.88 42.11
N VAL A 28 35.01 -2.90 41.21
CA VAL A 28 36.33 -2.56 40.71
C VAL A 28 36.84 -1.37 41.55
N LEU A 29 38.12 -1.40 41.91
CA LEU A 29 38.73 -0.26 42.56
C LEU A 29 39.23 0.64 41.46
N GLN A 30 40.01 0.06 40.49
CA GLN A 30 40.54 0.79 39.33
C GLN A 30 41.02 -0.10 38.20
N TYR A 31 41.12 0.49 36.99
CA TYR A 31 41.67 -0.08 35.78
C TYR A 31 42.96 0.65 35.55
N THR A 32 44.07 -0.08 35.42
CA THR A 32 45.36 0.53 35.13
C THR A 32 45.78 -0.01 33.78
N MET A 33 45.85 0.85 32.77
CA MET A 33 46.22 0.44 31.41
C MET A 33 47.75 0.25 31.33
N THR A 34 48.23 -0.44 30.26
CA THR A 34 49.67 -0.72 30.04
C THR A 34 50.53 0.57 30.15
N ASP A 35 50.04 1.70 29.59
CA ASP A 35 50.72 2.99 29.62
C ASP A 35 50.67 3.70 30.99
N GLY A 36 50.02 3.09 31.98
CA GLY A 36 49.91 3.67 33.31
C GLY A 36 48.68 4.51 33.59
N LYS A 37 47.87 4.81 32.54
CA LYS A 37 46.64 5.60 32.69
C LYS A 37 45.62 4.83 33.56
N VAL A 38 44.91 5.54 34.41
CA VAL A 38 44.00 4.92 35.39
C VAL A 38 42.58 5.41 35.24
N MET A 39 41.62 4.49 35.33
CA MET A 39 40.19 4.80 35.40
C MET A 39 39.67 4.18 36.69
N TYR A 40 38.90 4.95 37.45
CA TYR A 40 38.32 4.48 38.70
C TYR A 40 37.08 3.63 38.52
N GLY A 41 36.82 2.80 39.52
CA GLY A 41 35.62 1.99 39.65
C GLY A 41 34.74 2.59 40.72
N GLN A 42 34.48 1.82 41.80
CA GLN A 42 33.71 2.25 42.96
C GLN A 42 34.72 2.42 44.10
N SER A 43 35.12 3.66 44.39
CA SER A 43 36.15 3.97 45.40
C SER A 43 35.64 3.90 46.85
N LYS A 44 34.32 3.92 47.03
CA LYS A 44 33.66 3.91 48.34
C LYS A 44 33.06 2.56 48.74
N ASP A 45 32.77 2.36 50.05
CA ASP A 45 32.15 1.15 50.58
C ASP A 45 30.63 1.15 50.28
N VAL A 46 30.26 0.68 49.08
CA VAL A 46 28.89 0.57 48.58
C VAL A 46 28.69 -0.92 48.30
N ARG A 47 27.80 -1.59 49.06
CA ARG A 47 27.53 -3.02 48.93
C ARG A 47 26.02 -3.33 48.79
N THR A 48 25.32 -2.49 48.01
CA THR A 48 23.88 -2.59 47.81
C THR A 48 23.46 -3.53 46.68
N VAL A 49 22.43 -4.31 46.94
CA VAL A 49 21.76 -5.22 46.01
C VAL A 49 20.28 -4.89 46.15
N GLU A 50 19.61 -4.62 45.02
CA GLU A 50 18.18 -4.37 45.00
C GLU A 50 17.51 -5.62 44.43
N ILE A 51 16.51 -6.13 45.13
CA ILE A 51 15.65 -7.24 44.72
C ILE A 51 14.22 -6.75 44.93
N ASN A 52 13.39 -6.80 43.86
CA ASN A 52 11.97 -6.41 43.87
C ASN A 52 11.71 -5.00 44.43
N GLY A 53 12.65 -4.09 44.22
CA GLY A 53 12.56 -2.70 44.67
C GLY A 53 13.05 -2.41 46.08
N THR A 54 13.59 -3.42 46.77
CA THR A 54 14.13 -3.31 48.14
C THR A 54 15.67 -3.33 48.12
N ASN A 55 16.28 -2.28 48.71
CA ASN A 55 17.73 -2.15 48.83
C ASN A 55 18.22 -2.89 50.06
N ILE A 56 19.16 -3.81 49.85
CA ILE A 56 19.75 -4.59 50.93
C ILE A 56 21.28 -4.35 50.93
N GLU A 57 21.83 -3.90 52.06
CA GLU A 57 23.27 -3.67 52.17
C GLU A 57 23.95 -4.94 52.68
N LEU A 58 24.97 -5.43 51.96
CA LEU A 58 25.63 -6.67 52.36
C LEU A 58 26.79 -6.42 53.31
N GLY A 59 26.92 -7.32 54.28
CA GLY A 59 27.99 -7.32 55.26
C GLY A 59 29.07 -8.30 54.83
N ASP A 60 30.21 -8.33 55.55
CA ASP A 60 31.34 -9.20 55.25
C ASP A 60 30.97 -10.71 55.15
N ASP A 61 30.07 -11.18 56.04
CA ASP A 61 29.63 -12.58 56.08
C ASP A 61 28.62 -12.94 55.00
N ASP A 62 28.07 -11.93 54.29
CA ASP A 62 27.10 -12.12 53.21
C ASP A 62 27.80 -12.34 51.85
N VAL A 63 29.13 -12.22 51.78
CA VAL A 63 29.86 -12.36 50.52
C VAL A 63 31.05 -13.29 50.65
N THR A 64 31.19 -14.23 49.70
CA THR A 64 32.34 -15.12 49.57
C THR A 64 32.98 -14.84 48.20
N PHE A 65 34.32 -14.91 48.16
CA PHE A 65 35.14 -14.60 47.00
C PHE A 65 36.02 -15.79 46.62
N LYS A 66 36.37 -15.88 45.33
CA LYS A 66 37.21 -16.93 44.77
C LYS A 66 37.80 -16.42 43.45
N LYS A 67 39.14 -16.34 43.39
CA LYS A 67 39.85 -15.99 42.17
C LYS A 67 40.01 -17.32 41.42
N VAL A 68 39.33 -17.47 40.28
CA VAL A 68 39.34 -18.69 39.47
C VAL A 68 40.64 -18.77 38.65
N SER A 69 41.06 -17.62 38.06
CA SER A 69 42.25 -17.47 37.23
C SER A 69 42.65 -15.99 37.22
N ASP A 70 43.66 -15.62 36.42
CA ASP A 70 44.12 -14.25 36.25
C ASP A 70 43.13 -13.42 35.48
N THR A 71 42.15 -14.06 34.86
CA THR A 71 41.14 -13.36 34.09
C THR A 71 39.74 -13.50 34.68
N GLU A 72 39.58 -14.17 35.84
CA GLU A 72 38.23 -14.41 36.39
C GLU A 72 38.16 -14.56 37.90
N ALA A 73 37.07 -14.02 38.46
CA ALA A 73 36.70 -14.10 39.87
C ALA A 73 35.19 -14.34 39.98
N THR A 74 34.78 -15.12 41.01
CA THR A 74 33.41 -15.50 41.32
C THR A 74 33.03 -15.00 42.71
N TYR A 75 31.80 -14.50 42.84
CA TYR A 75 31.24 -14.02 44.10
C TYR A 75 29.93 -14.74 44.37
N THR A 76 29.69 -15.04 45.64
CA THR A 76 28.45 -15.63 46.15
C THR A 76 27.88 -14.62 47.15
N LEU A 77 26.70 -14.09 46.82
CA LEU A 77 26.01 -13.03 47.55
C LEU A 77 24.79 -13.55 48.28
N LYS A 78 24.78 -13.48 49.61
CA LYS A 78 23.63 -13.88 50.44
C LYS A 78 22.75 -12.64 50.53
N VAL A 79 21.63 -12.60 49.79
CA VAL A 79 20.72 -11.44 49.75
C VAL A 79 19.39 -11.75 50.49
N LYS A 80 19.29 -11.32 51.75
CA LYS A 80 18.13 -11.60 52.60
C LYS A 80 17.49 -10.39 53.32
N ASP A 81 16.16 -10.32 53.28
CA ASP A 81 15.31 -9.36 53.98
C ASP A 81 14.00 -10.10 54.30
N GLU A 82 13.94 -10.70 55.49
CA GLU A 82 12.81 -11.48 56.01
C GLU A 82 11.48 -10.74 55.97
N ALA A 83 11.50 -9.43 56.30
CA ALA A 83 10.34 -8.55 56.32
C ALA A 83 9.78 -8.30 54.91
N LYS A 84 10.66 -8.23 53.90
CA LYS A 84 10.24 -7.96 52.54
C LYS A 84 10.15 -9.22 51.65
N LYS A 85 10.20 -10.42 52.28
CA LYS A 85 10.08 -11.72 51.63
C LYS A 85 11.13 -11.94 50.55
N ILE A 86 12.40 -11.72 50.93
CA ILE A 86 13.57 -11.87 50.06
C ILE A 86 14.58 -12.76 50.77
N ASP A 87 14.96 -13.87 50.11
CA ASP A 87 15.96 -14.83 50.57
C ASP A 87 16.58 -15.50 49.33
N ALA A 88 17.67 -14.90 48.86
CA ALA A 88 18.34 -15.29 47.63
C ALA A 88 19.84 -15.47 47.74
N VAL A 89 20.39 -16.26 46.82
CA VAL A 89 21.81 -16.49 46.66
C VAL A 89 22.15 -16.16 45.22
N ILE A 90 22.87 -15.04 45.03
CA ILE A 90 23.26 -14.53 43.71
C ILE A 90 24.73 -14.89 43.45
N THR A 91 25.01 -15.47 42.28
CA THR A 91 26.38 -15.80 41.86
C THR A 91 26.79 -14.80 40.78
N VAL A 92 27.87 -14.05 41.05
CA VAL A 92 28.41 -13.03 40.16
C VAL A 92 29.79 -13.43 39.65
N GLN A 93 29.99 -13.30 38.34
CA GLN A 93 31.25 -13.57 37.67
C GLN A 93 31.82 -12.26 37.12
N ILE A 94 33.12 -12.01 37.36
CA ILE A 94 33.84 -10.87 36.78
C ILE A 94 34.95 -11.48 35.88
N THR A 95 34.96 -11.13 34.59
CA THR A 95 35.97 -11.64 33.65
C THR A 95 36.61 -10.48 32.91
N VAL A 96 37.86 -10.65 32.50
CA VAL A 96 38.57 -9.60 31.75
C VAL A 96 39.15 -10.19 30.47
N LYS A 97 39.11 -9.42 29.39
CA LYS A 97 39.72 -9.77 28.11
C LYS A 97 40.06 -8.50 27.39
N ALA A 98 41.33 -8.35 27.00
CA ALA A 98 41.88 -7.14 26.38
C ALA A 98 41.54 -5.95 27.31
N ASN A 99 40.81 -4.94 26.82
CA ASN A 99 40.41 -3.74 27.58
C ASN A 99 38.96 -3.84 28.07
N GLN A 100 38.42 -5.05 28.11
CA GLN A 100 37.04 -5.28 28.51
C GLN A 100 36.94 -5.96 29.86
N LEU A 101 35.91 -5.57 30.61
CA LEU A 101 35.56 -6.22 31.85
C LEU A 101 34.08 -6.55 31.74
N HIS A 102 33.72 -7.78 32.09
CA HIS A 102 32.34 -8.25 32.06
C HIS A 102 31.90 -8.59 33.46
N LEU A 103 30.66 -8.24 33.80
CA LEU A 103 30.09 -8.60 35.10
C LEU A 103 28.79 -9.34 34.80
N ASN A 104 28.78 -10.66 35.03
CA ASN A 104 27.58 -11.49 34.74
C ASN A 104 26.99 -12.14 35.96
N VAL A 105 25.65 -12.18 36.03
CA VAL A 105 24.96 -12.93 37.09
C VAL A 105 24.77 -14.33 36.48
N THR A 106 25.59 -15.30 36.91
CA THR A 106 25.58 -16.64 36.32
C THR A 106 24.60 -17.61 36.97
N LYS A 107 24.06 -17.24 38.16
CA LYS A 107 23.10 -18.06 38.90
C LYS A 107 22.34 -17.23 39.92
N ILE A 108 21.02 -17.49 40.03
CA ILE A 108 20.10 -16.88 40.99
C ILE A 108 19.35 -18.02 41.69
N LYS A 109 19.58 -18.18 43.01
CA LYS A 109 18.89 -19.19 43.81
C LYS A 109 17.88 -18.49 44.74
N ASN A 110 16.60 -18.94 44.69
CA ASN A 110 15.51 -18.44 45.52
C ASN A 110 15.14 -19.50 46.57
N ASN A 111 15.41 -19.18 47.85
CA ASN A 111 15.14 -20.06 48.99
C ASN A 111 13.66 -20.04 49.39
N LEU A 112 12.88 -19.14 48.79
CA LEU A 112 11.46 -18.94 49.09
C LEU A 112 10.51 -19.50 48.03
N SER A 113 11.04 -20.27 47.06
CA SER A 113 10.20 -20.88 46.02
C SER A 113 10.86 -22.08 45.35
N GLU A 114 10.03 -22.97 44.77
CA GLU A 114 10.43 -24.18 44.06
C GLU A 114 10.51 -23.95 42.54
N GLY A 115 10.41 -22.69 42.14
CA GLY A 115 10.48 -22.29 40.74
C GLY A 115 9.13 -21.91 40.18
N ILE A 116 9.09 -21.75 38.85
CA ILE A 116 7.87 -21.37 38.18
C ILE A 116 6.96 -22.59 37.97
N PRO A 117 5.70 -22.55 38.51
CA PRO A 117 4.76 -23.66 38.25
C PRO A 117 4.55 -23.90 36.75
N GLU A 118 4.15 -25.13 36.40
CA GLU A 118 3.92 -25.59 35.02
C GLU A 118 2.91 -24.70 34.28
N GLY A 119 3.26 -24.32 33.05
CA GLY A 119 2.42 -23.45 32.23
C GLY A 119 2.46 -21.99 32.64
N ASN A 120 3.65 -21.54 33.10
CA ASN A 120 3.95 -20.17 33.53
C ASN A 120 2.99 -19.67 34.63
N GLY A 121 2.67 -20.54 35.58
CA GLY A 121 1.85 -20.18 36.74
C GLY A 121 2.60 -19.20 37.62
N VAL A 122 1.88 -18.51 38.52
CA VAL A 122 2.46 -17.53 39.43
C VAL A 122 3.45 -18.16 40.40
N GLU A 123 4.69 -17.64 40.43
CA GLU A 123 5.73 -18.07 41.35
C GLU A 123 5.68 -17.08 42.51
N GLU A 124 5.24 -17.55 43.67
CA GLU A 124 5.13 -16.76 44.90
C GLU A 124 6.53 -16.41 45.40
N ASN A 125 6.75 -15.12 45.75
CA ASN A 125 8.02 -14.57 46.23
C ASN A 125 9.14 -14.65 45.17
N ALA A 126 8.74 -14.68 43.88
CA ALA A 126 9.62 -14.65 42.71
C ALA A 126 10.56 -13.43 42.77
N ILE A 127 11.79 -13.60 42.26
CA ILE A 127 12.77 -12.52 42.12
C ILE A 127 12.47 -11.95 40.74
N GLN A 128 11.75 -10.81 40.72
CA GLN A 128 11.28 -10.11 39.53
C GLN A 128 12.31 -9.13 39.00
N THR A 129 12.92 -8.32 39.89
CA THR A 129 13.95 -7.36 39.47
C THR A 129 15.21 -7.51 40.28
N LEU A 130 16.34 -7.10 39.67
CA LEU A 130 17.66 -7.17 40.30
C LEU A 130 18.51 -6.02 39.77
N SER A 131 19.26 -5.37 40.67
CA SER A 131 20.21 -4.31 40.33
C SER A 131 21.19 -4.13 41.46
N PHE A 132 22.25 -3.37 41.18
CA PHE A 132 23.31 -3.01 42.10
C PHE A 132 23.31 -1.48 42.18
N PRO A 133 22.41 -0.87 43.01
CA PRO A 133 22.36 0.62 43.07
C PRO A 133 23.71 1.26 43.33
N ASN A 134 24.06 2.24 42.48
CA ASN A 134 25.31 3.01 42.54
C ASN A 134 26.55 2.11 42.55
N GLN A 135 26.56 1.10 41.67
CA GLN A 135 27.69 0.19 41.61
C GLN A 135 28.96 0.87 41.07
N SER A 136 28.79 1.96 40.27
CA SER A 136 29.91 2.76 39.72
C SER A 136 31.02 1.80 39.18
N LEU A 137 30.69 0.99 38.16
CA LEU A 137 31.63 0.02 37.58
C LEU A 137 32.82 0.76 36.93
N VAL A 138 32.52 1.95 36.42
CA VAL A 138 33.43 2.95 35.88
C VAL A 138 32.97 4.32 36.42
N SER A 139 33.91 5.23 36.67
CA SER A 139 33.61 6.58 37.17
C SER A 139 34.68 7.56 36.75
N VAL A 140 34.31 8.86 36.72
CA VAL A 140 35.20 10.00 36.47
C VAL A 140 34.97 11.04 37.57
N ARG A 141 35.99 11.89 37.83
CA ARG A 141 35.90 12.90 38.88
C ARG A 141 36.09 14.29 38.37
N SER A 142 35.43 15.27 39.01
CA SER A 142 35.57 16.69 38.70
C SER A 142 37.03 17.16 38.83
N SER A 143 37.86 16.40 39.60
CA SER A 143 39.28 16.67 39.82
C SER A 143 40.18 16.20 38.65
N GLN A 144 39.60 15.50 37.65
CA GLN A 144 40.34 14.99 36.49
C GLN A 144 40.26 15.90 35.28
N GLU A 145 41.34 15.91 34.48
CA GLU A 145 41.46 16.67 33.25
C GLU A 145 40.40 16.20 32.24
N ASN A 146 39.60 17.16 31.74
CA ASN A 146 38.53 17.02 30.73
C ASN A 146 37.45 15.97 31.11
N ALA A 147 37.06 15.94 32.40
CA ALA A 147 36.03 15.04 32.90
C ALA A 147 34.71 15.37 32.24
N GLN A 148 34.08 14.36 31.62
CA GLN A 148 32.82 14.60 30.91
C GLN A 148 31.89 13.41 30.86
N PHE A 149 30.61 13.68 30.59
CA PHE A 149 29.58 12.68 30.37
C PHE A 149 28.94 12.93 29.00
N THR A 150 28.63 11.84 28.28
CA THR A 150 27.83 11.86 27.05
C THR A 150 26.78 10.76 27.17
N GLY A 151 25.51 11.17 27.05
CA GLY A 151 24.38 10.24 27.09
C GLY A 151 23.52 10.32 25.85
N ALA A 152 22.74 9.27 25.60
CA ALA A 152 21.80 9.17 24.49
C ALA A 152 20.50 8.60 24.98
N ARG A 153 19.39 9.22 24.58
CA ARG A 153 18.01 8.82 24.85
C ARG A 153 17.28 8.79 23.50
N MET A 154 16.15 8.08 23.44
CA MET A 154 15.41 7.94 22.20
C MET A 154 14.68 9.21 21.77
N SER A 155 14.86 9.59 20.48
CA SER A 155 14.16 10.69 19.82
C SER A 155 13.82 10.33 18.40
N SER A 156 12.53 10.42 18.07
CA SER A 156 12.00 10.20 16.73
C SER A 156 11.72 11.55 16.06
N ASN A 157 12.00 12.64 16.79
CA ASN A 157 11.75 14.03 16.40
C ASN A 157 13.01 14.66 15.78
N THR A 158 12.91 15.03 14.48
CA THR A 158 14.00 15.63 13.69
C THR A 158 14.53 16.96 14.23
N GLN A 159 13.73 17.63 15.08
CA GLN A 159 14.11 18.93 15.64
C GLN A 159 14.68 18.81 17.06
N LYS A 160 14.61 17.60 17.66
CA LYS A 160 15.07 17.36 19.03
C LYS A 160 16.11 16.24 19.13
N PRO A 161 17.41 16.56 19.28
CA PRO A 161 18.42 15.49 19.39
C PRO A 161 18.25 14.66 20.68
N GLY A 162 18.60 13.38 20.62
CA GLY A 162 18.55 12.49 21.77
C GLY A 162 19.79 12.53 22.66
N ASP A 163 20.82 13.27 22.26
CA ASP A 163 22.10 13.35 22.99
C ASP A 163 22.20 14.44 24.04
N THR A 164 23.09 14.21 25.00
CA THR A 164 23.53 15.16 26.03
C THR A 164 25.05 15.06 26.12
N ASN A 165 25.72 16.20 26.24
CA ASN A 165 27.18 16.29 26.35
C ASN A 165 27.50 17.38 27.35
N PHE A 166 28.04 17.01 28.52
CA PHE A 166 28.39 18.00 29.55
C PHE A 166 29.62 17.63 30.35
N ALA A 167 30.31 18.67 30.84
CA ALA A 167 31.49 18.54 31.68
C ALA A 167 31.09 18.06 33.09
N VAL A 168 31.93 17.20 33.69
CA VAL A 168 31.68 16.72 35.05
C VAL A 168 32.42 17.67 35.99
N THR A 169 31.63 18.47 36.77
CA THR A 169 32.13 19.48 37.71
C THR A 169 31.68 19.21 39.16
N GLU A 170 32.14 20.05 40.11
CA GLU A 170 31.77 19.93 41.52
C GLU A 170 30.27 20.14 41.75
N ASP A 171 29.58 20.79 40.78
CA ASP A 171 28.15 21.09 40.79
C ASP A 171 27.30 19.99 40.15
N THR A 172 27.96 19.03 39.45
CA THR A 172 27.27 17.91 38.80
C THR A 172 26.60 17.07 39.89
N ASN A 173 25.28 16.89 39.79
CA ASN A 173 24.53 16.12 40.77
C ASN A 173 23.47 15.30 40.06
N VAL A 174 23.65 13.97 39.99
CA VAL A 174 22.71 13.03 39.34
C VAL A 174 22.47 11.81 40.21
N THR A 175 21.25 11.24 40.13
CA THR A 175 20.83 10.07 40.90
C THR A 175 20.02 9.16 39.99
N ASP A 176 20.60 8.01 39.62
CA ASP A 176 20.00 7.01 38.73
C ASP A 176 19.48 7.63 37.42
N SER A 177 20.23 8.58 36.84
CA SER A 177 19.85 9.23 35.57
C SER A 177 20.07 8.20 34.46
N ASP A 178 18.95 7.81 33.82
CA ASP A 178 18.90 6.70 32.89
C ASP A 178 19.05 7.06 31.42
N TYR A 179 19.86 6.25 30.71
CA TYR A 179 20.14 6.46 29.30
C TYR A 179 20.16 5.15 28.53
N THR A 180 19.98 5.24 27.19
CA THR A 180 20.10 4.09 26.29
C THR A 180 21.60 3.77 26.25
N TYR A 181 22.44 4.84 26.13
CA TYR A 181 23.91 4.76 26.13
C TYR A 181 24.47 5.84 27.03
N GLY A 182 25.59 5.54 27.70
CA GLY A 182 26.26 6.47 28.60
C GLY A 182 27.76 6.28 28.51
N PHE A 183 28.50 7.37 28.33
CA PHE A 183 29.95 7.35 28.19
C PHE A 183 30.58 8.39 29.10
N ILE A 184 31.61 7.97 29.85
CA ILE A 184 32.35 8.88 30.74
C ILE A 184 33.79 8.98 30.29
N SER A 185 34.36 10.20 30.30
CA SER A 185 35.75 10.40 29.88
C SER A 185 36.45 11.29 30.91
N GLY A 186 37.75 11.10 31.06
CA GLY A 186 38.55 11.84 32.02
C GLY A 186 39.93 11.25 32.19
N ALA A 187 40.91 12.12 32.47
CA ALA A 187 42.31 11.75 32.72
C ALA A 187 42.92 10.85 31.62
N GLY A 188 42.53 11.12 30.37
CA GLY A 188 43.03 10.46 29.17
C GLY A 188 42.46 9.10 28.82
N LEU A 189 41.29 8.75 29.39
CA LEU A 189 40.60 7.47 29.17
C LEU A 189 39.10 7.70 29.06
N SER A 190 38.42 6.79 28.35
CA SER A 190 36.98 6.85 28.11
C SER A 190 36.36 5.48 28.26
N ALA A 191 35.10 5.42 28.74
CA ALA A 191 34.38 4.16 28.81
C ALA A 191 32.87 4.32 28.73
N GLY A 192 32.26 3.37 28.03
CA GLY A 192 30.81 3.24 27.96
C GLY A 192 30.42 1.97 28.70
N LEU A 193 29.21 1.97 29.24
CA LEU A 193 28.69 0.81 29.96
C LEU A 193 27.61 0.14 29.11
N TRP A 194 27.75 -1.17 28.89
CA TRP A 194 26.76 -1.94 28.18
C TRP A 194 26.04 -2.82 29.20
N SER A 195 24.74 -3.01 29.01
CA SER A 195 23.92 -3.90 29.83
C SER A 195 22.82 -4.53 28.96
N ASN A 196 22.35 -5.73 29.31
CA ASN A 196 21.24 -6.33 28.57
C ASN A 196 19.88 -6.01 29.28
N SER A 197 19.89 -5.07 30.26
CA SER A 197 18.71 -4.64 30.99
C SER A 197 17.53 -4.32 30.07
N GLU A 198 16.32 -4.76 30.46
CA GLU A 198 15.11 -4.49 29.67
C GLU A 198 14.33 -3.34 30.30
N HIS A 199 15.00 -2.52 31.13
CA HIS A 199 14.39 -1.37 31.78
C HIS A 199 13.90 -0.30 30.78
N ASP A 200 12.71 0.23 31.06
CA ASP A 200 12.10 1.31 30.30
C ASP A 200 12.10 2.58 31.12
N GLY A 201 12.58 3.68 30.53
CA GLY A 201 12.64 4.95 31.25
C GLY A 201 12.48 6.22 30.44
N THR A 202 13.30 7.22 30.75
CA THR A 202 13.31 8.57 30.15
C THR A 202 13.64 8.52 28.65
N TYR A 203 12.84 9.21 27.85
CA TYR A 203 13.06 9.38 26.42
C TYR A 203 12.83 10.85 26.05
N VAL A 204 13.40 11.29 24.91
CA VAL A 204 13.27 12.65 24.39
C VAL A 204 11.96 12.79 23.64
N ALA A 205 11.67 11.84 22.72
CA ALA A 205 10.47 11.83 21.85
C ALA A 205 10.30 10.45 21.20
N ALA A 206 9.07 9.94 21.28
CA ALA A 206 8.66 8.65 20.70
C ALA A 206 7.13 8.61 20.68
N PRO A 207 6.51 8.23 19.54
CA PRO A 207 5.04 8.19 19.50
C PRO A 207 4.45 6.89 20.06
N VAL A 208 5.30 5.89 20.33
CA VAL A 208 4.92 4.53 20.73
C VAL A 208 5.80 4.00 21.83
N ARG A 209 5.46 2.78 22.31
CA ARG A 209 6.24 2.03 23.29
C ARG A 209 7.03 1.03 22.45
N GLY A 210 6.82 -0.27 22.64
CA GLY A 210 7.46 -1.34 21.88
C GLY A 210 8.98 -1.32 21.86
N GLY A 211 9.59 -1.03 23.00
CA GLY A 211 11.05 -1.00 23.12
C GLY A 211 11.73 0.30 22.73
N SER A 212 10.95 1.35 22.53
CA SER A 212 11.43 2.70 22.24
C SER A 212 12.15 3.27 23.45
N GLN A 213 11.65 2.98 24.67
CA GLN A 213 12.10 3.57 25.93
C GLN A 213 13.14 2.79 26.70
N ASN A 214 13.77 1.78 26.07
CA ASN A 214 14.79 0.97 26.71
C ASN A 214 16.01 1.80 27.14
N THR A 215 16.16 2.00 28.47
CA THR A 215 17.27 2.74 29.08
C THR A 215 18.00 1.75 29.96
N ARG A 216 19.26 1.50 29.65
CA ARG A 216 20.07 0.44 30.23
C ARG A 216 21.22 0.90 31.14
N VAL A 217 21.58 2.20 31.09
CA VAL A 217 22.65 2.78 31.91
C VAL A 217 22.06 3.73 32.96
N TYR A 218 22.62 3.69 34.20
CA TYR A 218 22.26 4.58 35.35
C TYR A 218 23.50 5.36 35.77
N ALA A 219 23.38 6.69 35.78
CA ALA A 219 24.46 7.58 36.19
C ALA A 219 24.09 8.18 37.54
N THR A 220 25.05 8.15 38.47
CA THR A 220 24.89 8.64 39.85
C THR A 220 26.19 9.32 40.30
N THR A 221 26.06 10.47 40.99
CA THR A 221 27.22 11.18 41.57
C THR A 221 27.33 10.85 43.05
N GLN A 222 28.57 10.87 43.55
CA GLN A 222 28.90 10.67 44.96
C GLN A 222 30.14 11.52 45.28
N GLN A 223 30.34 11.82 46.57
CA GLN A 223 31.52 12.59 46.99
C GLN A 223 32.68 11.66 47.18
N THR A 224 33.77 11.93 46.46
CA THR A 224 34.97 11.11 46.49
C THR A 224 36.09 11.99 47.09
N GLY A 225 36.01 12.16 48.41
CA GLY A 225 36.92 13.04 49.12
C GLY A 225 36.48 14.46 48.84
N ASP A 226 37.36 15.25 48.19
CA ASP A 226 37.07 16.65 47.88
C ASP A 226 36.50 16.89 46.46
N ALA A 227 36.39 15.82 45.65
CA ALA A 227 35.87 15.86 44.29
C ALA A 227 34.48 15.20 44.16
N THR A 228 33.76 15.52 43.07
CA THR A 228 32.49 14.91 42.72
C THR A 228 32.82 13.81 41.72
N SER A 229 32.41 12.59 42.02
CA SER A 229 32.62 11.40 41.18
C SER A 229 31.31 11.04 40.48
N LEU A 230 31.35 10.85 39.17
CA LEU A 230 30.17 10.41 38.41
C LEU A 230 30.44 8.98 37.96
N GLY A 231 29.60 8.05 38.44
CA GLY A 231 29.73 6.62 38.16
C GLY A 231 28.60 6.04 37.35
N LEU A 232 28.90 4.99 36.56
CA LEU A 232 27.94 4.26 35.71
C LEU A 232 27.61 2.90 36.27
N ALA A 233 26.32 2.57 36.26
CA ALA A 233 25.78 1.31 36.76
C ALA A 233 24.78 0.80 35.74
N SER A 234 24.43 -0.48 35.81
CA SER A 234 23.38 -0.99 34.94
C SER A 234 22.02 -0.60 35.52
N ALA A 235 21.04 -0.36 34.63
CA ALA A 235 19.64 -0.16 35.00
C ALA A 235 19.14 -1.56 35.49
N PRO A 236 17.99 -1.68 36.22
CA PRO A 236 17.57 -3.03 36.69
C PRO A 236 17.30 -4.07 35.60
N TRP A 237 17.59 -5.35 35.93
CA TRP A 237 17.33 -6.49 35.04
C TRP A 237 16.07 -7.18 35.53
N TYR A 238 15.33 -7.80 34.60
CA TYR A 238 14.17 -8.61 34.95
C TYR A 238 14.66 -10.04 35.01
N TYR A 239 14.21 -10.79 36.04
CA TYR A 239 14.53 -12.22 36.17
C TYR A 239 13.23 -13.01 35.96
N HIS A 240 12.50 -13.33 37.04
CA HIS A 240 11.23 -14.04 36.95
C HIS A 240 10.11 -13.05 37.18
N ARG A 241 9.66 -12.42 36.08
CA ARG A 241 8.63 -11.38 36.09
C ARG A 241 7.18 -11.91 36.08
N THR A 242 6.35 -11.33 36.97
CA THR A 242 4.93 -11.64 37.13
C THR A 242 4.10 -10.62 36.35
N VAL A 243 3.30 -11.12 35.39
CA VAL A 243 2.47 -10.29 34.50
C VAL A 243 1.00 -10.73 34.54
N THR A 244 0.08 -9.84 34.15
CA THR A 244 -1.36 -10.09 34.17
C THR A 244 -1.92 -9.88 32.77
N ASP A 245 -2.83 -10.75 32.33
CA ASP A 245 -3.44 -10.56 31.01
C ASP A 245 -4.74 -9.73 31.14
N SER A 246 -5.42 -9.47 29.99
CA SER A 246 -6.63 -8.65 29.88
C SER A 246 -7.80 -9.19 30.72
N LYS A 247 -7.78 -10.49 31.03
CA LYS A 247 -8.82 -11.17 31.80
C LYS A 247 -8.53 -11.23 33.31
N GLY A 248 -7.36 -10.74 33.73
CA GLY A 248 -6.95 -10.71 35.12
C GLY A 248 -6.16 -11.92 35.58
N LYS A 249 -5.85 -12.83 34.65
CA LYS A 249 -5.06 -14.02 34.95
C LYS A 249 -3.57 -13.63 35.03
N LYS A 250 -2.95 -13.98 36.15
CA LYS A 250 -1.53 -13.69 36.44
C LYS A 250 -0.64 -14.85 36.00
N TYR A 251 0.61 -14.53 35.61
CA TYR A 251 1.61 -15.50 35.15
C TYR A 251 2.98 -15.09 35.64
N THR A 252 3.91 -16.04 35.74
CA THR A 252 5.32 -15.76 35.96
C THR A 252 6.07 -16.33 34.76
N VAL A 253 6.90 -15.49 34.12
CA VAL A 253 7.66 -15.90 32.93
C VAL A 253 9.15 -15.78 33.25
N ALA A 254 9.94 -16.81 32.86
CA ALA A 254 11.38 -16.82 33.09
C ALA A 254 12.11 -15.74 32.28
N GLU A 255 13.35 -15.43 32.70
CA GLU A 255 14.23 -14.43 32.09
C GLU A 255 14.46 -14.67 30.60
N THR A 256 14.61 -13.58 29.83
CA THR A 256 14.90 -13.66 28.39
C THR A 256 16.34 -14.15 28.25
N ALA A 257 17.19 -13.71 29.18
CA ALA A 257 18.60 -14.03 29.33
C ALA A 257 18.98 -13.66 30.77
N LEU A 258 20.07 -14.23 31.29
CA LEU A 258 20.52 -13.88 32.64
C LEU A 258 21.13 -12.46 32.61
N PRO A 259 21.17 -11.74 33.78
CA PRO A 259 21.76 -10.38 33.81
C PRO A 259 23.21 -10.36 33.34
N GLN A 260 23.53 -9.43 32.44
CA GLN A 260 24.89 -9.25 31.91
C GLN A 260 25.15 -7.77 31.71
N MET A 261 26.40 -7.35 31.90
CA MET A 261 26.85 -5.98 31.71
C MET A 261 28.37 -5.99 31.42
N ALA A 262 28.91 -4.91 30.85
CA ALA A 262 30.33 -4.83 30.52
C ALA A 262 30.77 -3.38 30.32
N VAL A 263 32.09 -3.18 30.38
CA VAL A 263 32.79 -1.91 30.14
C VAL A 263 33.99 -2.21 29.23
N ALA A 264 34.40 -1.25 28.42
CA ALA A 264 35.57 -1.39 27.54
C ALA A 264 36.33 -0.06 27.67
N ILE A 265 37.55 -0.10 28.21
CA ILE A 265 38.35 1.09 28.52
C ILE A 265 39.14 1.50 27.30
N ALA A 266 38.93 2.76 26.86
CA ALA A 266 39.60 3.33 25.69
C ALA A 266 40.55 4.49 26.03
N GLY A 267 41.60 4.61 25.22
CA GLY A 267 42.53 5.73 25.21
C GLY A 267 42.15 6.59 24.01
N ASP A 268 43.11 7.20 23.31
CA ASP A 268 42.76 8.01 22.14
C ASP A 268 42.73 7.12 20.90
N GLU A 269 41.61 6.39 20.77
CA GLU A 269 41.31 5.39 19.75
C GLU A 269 41.31 5.92 18.33
N ASN A 270 40.77 7.13 18.10
CA ASN A 270 40.75 7.66 16.72
C ASN A 270 41.96 8.53 16.44
N GLU A 271 42.87 8.65 17.44
CA GLU A 271 44.14 9.37 17.36
C GLU A 271 43.95 10.83 16.91
N ASP A 272 42.99 11.55 17.48
CA ASP A 272 42.75 12.93 17.06
C ASP A 272 43.27 13.98 18.07
N GLY A 273 43.95 13.49 19.12
CA GLY A 273 44.55 14.33 20.15
C GLY A 273 43.66 14.66 21.33
N ALA A 274 42.41 14.18 21.32
CA ALA A 274 41.50 14.42 22.44
C ALA A 274 40.89 13.09 22.86
N VAL A 275 40.47 12.98 24.13
CA VAL A 275 39.84 11.78 24.66
C VAL A 275 38.44 12.14 25.08
N ASN A 276 37.46 11.60 24.36
CA ASN A 276 36.04 11.85 24.60
C ASN A 276 35.22 10.58 24.30
N TRP A 277 33.86 10.68 24.36
CA TRP A 277 32.92 9.57 24.16
C TRP A 277 33.13 8.80 22.89
N GLN A 278 33.69 9.44 21.84
CA GLN A 278 33.94 8.83 20.53
C GLN A 278 34.97 7.73 20.62
N ASP A 279 35.98 7.94 21.48
CA ASP A 279 37.01 6.93 21.77
C ASP A 279 36.36 5.76 22.50
N GLY A 280 35.53 6.08 23.51
CA GLY A 280 34.74 5.12 24.28
C GLY A 280 33.79 4.34 23.40
N ALA A 281 33.14 5.02 22.42
CA ALA A 281 32.19 4.46 21.46
C ALA A 281 32.89 3.49 20.50
N ILE A 282 34.13 3.77 20.06
CA ILE A 282 34.88 2.84 19.23
C ILE A 282 35.10 1.51 20.04
N ALA A 283 35.56 1.63 21.30
CA ALA A 283 35.82 0.48 22.20
C ALA A 283 34.54 -0.28 22.50
N TYR A 284 33.44 0.45 22.71
CA TYR A 284 32.12 -0.07 23.06
C TYR A 284 31.54 -1.07 22.02
N ARG A 285 31.93 -0.91 20.74
CA ARG A 285 31.49 -1.81 19.66
C ARG A 285 31.95 -3.26 19.89
N ASP A 286 33.04 -3.44 20.68
CA ASP A 286 33.58 -4.76 20.99
C ASP A 286 32.78 -5.48 22.08
N ILE A 287 31.96 -4.74 22.88
CA ILE A 287 31.19 -5.32 23.99
C ILE A 287 29.67 -5.27 23.77
N MET A 288 29.19 -4.38 22.90
CA MET A 288 27.74 -4.19 22.69
C MET A 288 27.04 -5.37 22.05
N ASN A 289 25.74 -5.48 22.31
CA ASN A 289 24.87 -6.43 21.64
C ASN A 289 24.78 -5.98 20.14
N ASN A 290 24.72 -6.93 19.22
CA ASN A 290 24.55 -6.58 17.82
C ASN A 290 23.29 -7.23 17.34
N PRO A 291 22.33 -6.49 16.73
CA PRO A 291 21.11 -7.15 16.23
C PRO A 291 21.44 -8.34 15.34
N TYR A 292 20.69 -9.42 15.50
CA TYR A 292 20.89 -10.63 14.71
C TYR A 292 20.76 -10.31 13.19
N LYS A 293 21.76 -10.73 12.41
CA LYS A 293 21.91 -10.56 10.96
C LYS A 293 22.13 -9.10 10.56
N SER A 294 22.60 -8.26 11.51
CA SER A 294 22.87 -6.85 11.22
C SER A 294 24.05 -6.70 10.24
N GLU A 295 24.89 -7.74 10.13
CA GLU A 295 26.06 -7.73 9.24
C GLU A 295 25.69 -7.75 7.74
N GLU A 296 24.44 -8.08 7.37
CA GLU A 296 24.02 -8.07 5.96
C GLU A 296 23.38 -6.75 5.54
N VAL A 297 23.06 -5.88 6.51
CA VAL A 297 22.38 -4.59 6.28
C VAL A 297 23.06 -3.75 5.16
N PRO A 298 24.42 -3.56 5.11
CA PRO A 298 25.02 -2.77 4.01
C PRO A 298 24.77 -3.28 2.59
N GLU A 299 24.43 -4.57 2.43
CA GLU A 299 24.15 -5.22 1.15
C GLU A 299 22.74 -4.98 0.64
N LEU A 300 21.82 -4.51 1.51
CA LEU A 300 20.40 -4.35 1.15
C LEU A 300 20.11 -3.01 0.50
N VAL A 301 20.56 -2.86 -0.74
CA VAL A 301 20.43 -1.63 -1.52
C VAL A 301 18.99 -1.39 -1.94
N ALA A 302 18.32 -2.46 -2.42
CA ALA A 302 16.95 -2.32 -2.95
C ALA A 302 15.86 -2.91 -2.04
N TRP A 303 15.36 -2.07 -1.15
CA TRP A 303 14.23 -2.39 -0.28
C TRP A 303 12.95 -2.06 -1.05
N ARG A 304 11.89 -2.86 -0.84
CA ARG A 304 10.55 -2.63 -1.42
C ARG A 304 9.55 -3.63 -0.88
N ILE A 305 8.25 -3.33 -1.09
CA ILE A 305 7.12 -4.17 -0.70
C ILE A 305 6.46 -4.76 -1.92
N ALA A 306 6.23 -6.09 -1.92
CA ALA A 306 5.45 -6.80 -2.94
C ALA A 306 4.10 -7.07 -2.23
N MET A 307 3.01 -6.43 -2.70
CA MET A 307 1.71 -6.50 -2.04
C MET A 307 0.65 -7.39 -2.69
N ASN A 308 -0.16 -8.04 -1.83
CA ASN A 308 -1.31 -8.87 -2.18
C ASN A 308 -2.45 -8.48 -1.26
N PHE A 309 -3.66 -8.37 -1.81
CA PHE A 309 -4.80 -7.92 -1.03
C PHE A 309 -6.14 -8.44 -1.56
N GLY A 310 -7.04 -8.74 -0.63
CA GLY A 310 -8.41 -9.13 -0.87
C GLY A 310 -8.66 -10.25 -1.86
N SER A 311 -7.88 -11.35 -1.76
CA SER A 311 -8.02 -12.57 -2.58
C SER A 311 -7.59 -12.40 -4.03
N GLN A 312 -7.18 -11.18 -4.42
CA GLN A 312 -6.86 -10.82 -5.80
C GLN A 312 -5.58 -11.43 -6.37
N ALA A 313 -4.63 -11.87 -5.52
CA ALA A 313 -3.32 -12.39 -5.97
C ALA A 313 -2.67 -11.43 -7.00
N GLN A 314 -2.52 -10.13 -6.62
CA GLN A 314 -1.94 -9.07 -7.48
C GLN A 314 -0.50 -9.39 -7.80
N ASN A 315 0.19 -10.04 -6.85
CA ASN A 315 1.60 -10.38 -6.94
C ASN A 315 1.91 -11.81 -6.53
N PRO A 316 1.69 -12.84 -7.39
CA PRO A 316 2.02 -14.21 -6.99
C PRO A 316 3.55 -14.33 -6.82
N PHE A 317 4.04 -15.24 -5.95
CA PHE A 317 5.47 -15.38 -5.66
C PHE A 317 6.38 -15.48 -6.87
N LEU A 318 5.97 -16.19 -7.93
CA LEU A 318 6.81 -16.37 -9.12
C LEU A 318 6.90 -15.10 -9.98
N THR A 319 5.91 -14.18 -9.87
CA THR A 319 5.95 -12.85 -10.50
C THR A 319 6.98 -11.98 -9.73
N THR A 320 6.92 -12.00 -8.37
CA THR A 320 7.85 -11.30 -7.48
C THR A 320 9.33 -11.66 -7.84
N LEU A 321 9.60 -12.95 -8.17
CA LEU A 321 10.91 -13.43 -8.60
C LEU A 321 11.32 -12.80 -9.95
N ASP A 322 10.37 -12.65 -10.90
CA ASP A 322 10.71 -12.01 -12.18
C ASP A 322 11.13 -10.55 -11.93
N ASN A 323 10.40 -9.88 -11.03
CA ASN A 323 10.64 -8.48 -10.66
C ASN A 323 11.98 -8.28 -10.00
N VAL A 324 12.48 -9.29 -9.26
CA VAL A 324 13.80 -9.33 -8.62
C VAL A 324 14.88 -9.34 -9.71
N LYS A 325 14.69 -10.16 -10.75
CA LYS A 325 15.59 -10.28 -11.91
C LYS A 325 15.62 -8.96 -12.71
N LYS A 326 14.48 -8.25 -12.81
CA LYS A 326 14.41 -6.94 -13.49
C LYS A 326 15.26 -5.89 -12.74
N VAL A 327 15.08 -5.79 -11.42
CA VAL A 327 15.83 -4.89 -10.51
C VAL A 327 17.32 -5.31 -10.49
N ALA A 328 17.61 -6.62 -10.62
CA ALA A 328 18.99 -7.09 -10.63
C ALA A 328 19.72 -6.57 -11.87
N LEU A 329 19.05 -6.64 -13.05
CA LEU A 329 19.63 -6.17 -14.32
C LEU A 329 19.92 -4.67 -14.27
N ASN A 330 18.95 -3.90 -13.76
CA ASN A 330 18.96 -2.45 -13.66
C ASN A 330 19.95 -1.88 -12.61
N THR A 331 20.37 -2.69 -11.63
CA THR A 331 21.31 -2.27 -10.56
C THR A 331 22.66 -2.97 -10.69
N ASP A 332 22.81 -3.80 -11.73
CA ASP A 332 23.99 -4.62 -11.98
C ASP A 332 24.26 -5.60 -10.83
N GLY A 333 23.18 -6.13 -10.26
CA GLY A 333 23.22 -7.15 -9.24
C GLY A 333 23.39 -6.70 -7.81
N LEU A 334 22.96 -5.47 -7.47
CA LEU A 334 23.03 -5.02 -6.08
C LEU A 334 22.02 -5.80 -5.21
N GLY A 335 22.28 -5.92 -3.91
CA GLY A 335 21.43 -6.67 -2.99
C GLY A 335 20.05 -6.07 -2.81
N GLN A 336 19.05 -6.94 -2.56
CA GLN A 336 17.66 -6.53 -2.43
C GLN A 336 17.06 -7.05 -1.15
N SER A 337 16.00 -6.39 -0.64
CA SER A 337 15.27 -6.82 0.55
C SER A 337 13.78 -6.59 0.25
N VAL A 338 13.06 -7.67 -0.09
CA VAL A 338 11.65 -7.60 -0.48
C VAL A 338 10.75 -8.04 0.67
N LEU A 339 9.89 -7.11 1.15
CA LEU A 339 8.91 -7.31 2.21
C LEU A 339 7.60 -7.78 1.54
N LEU A 340 7.18 -9.03 1.84
CA LEU A 340 5.98 -9.65 1.30
C LEU A 340 4.76 -9.29 2.15
N LYS A 341 4.07 -8.22 1.76
CA LYS A 341 2.90 -7.73 2.49
C LYS A 341 1.66 -8.39 1.91
N GLY A 342 1.12 -9.33 2.65
CA GLY A 342 -0.01 -10.11 2.20
C GLY A 342 0.39 -11.45 1.62
N TYR A 343 1.51 -11.98 2.13
CA TYR A 343 2.09 -13.28 1.77
C TYR A 343 1.15 -14.44 2.20
N GLY A 344 0.33 -14.15 3.20
CA GLY A 344 -0.48 -15.17 3.83
C GLY A 344 -1.96 -15.06 3.64
N ASN A 345 -2.65 -16.20 3.81
CA ASN A 345 -4.09 -16.29 3.74
C ASN A 345 -4.63 -15.60 2.43
N GLU A 346 -5.55 -14.64 2.53
CA GLU A 346 -6.16 -13.93 1.39
C GLU A 346 -5.42 -12.64 0.97
N GLY A 347 -4.37 -12.29 1.71
CA GLY A 347 -3.59 -11.11 1.44
C GLY A 347 -3.34 -10.28 2.68
N HIS A 348 -3.04 -8.99 2.48
CA HIS A 348 -2.71 -8.01 3.50
C HIS A 348 -3.88 -7.72 4.38
N ASP A 349 -3.67 -7.82 5.69
CA ASP A 349 -4.71 -7.61 6.72
C ASP A 349 -5.87 -8.61 6.56
N SER A 350 -5.49 -9.86 6.25
CA SER A 350 -6.32 -11.06 6.16
C SER A 350 -5.56 -12.17 6.87
N GLY A 351 -6.28 -13.01 7.61
CA GLY A 351 -5.73 -14.16 8.30
C GLY A 351 -4.79 -13.96 9.47
N HIS A 352 -4.62 -12.71 9.95
CA HIS A 352 -3.80 -12.45 11.15
C HIS A 352 -4.45 -13.18 12.34
N PRO A 353 -3.72 -13.94 13.20
CA PRO A 353 -2.26 -14.09 13.27
C PRO A 353 -1.75 -15.47 12.81
N ASP A 354 -2.38 -16.06 11.77
CA ASP A 354 -1.97 -17.39 11.29
C ASP A 354 -0.70 -17.28 10.49
N TYR A 355 0.45 -17.18 11.18
CA TYR A 355 1.76 -16.96 10.53
C TYR A 355 2.16 -18.07 9.51
N GLY A 356 1.78 -19.32 9.81
CA GLY A 356 2.07 -20.49 8.96
C GLY A 356 1.17 -20.71 7.77
N ASP A 357 0.11 -19.87 7.59
CA ASP A 357 -0.84 -19.98 6.47
C ASP A 357 -0.38 -19.10 5.29
N ILE A 358 0.46 -19.68 4.44
CA ILE A 358 1.00 -19.03 3.23
C ILE A 358 -0.11 -19.03 2.16
N GLY A 359 -0.33 -17.88 1.54
CA GLY A 359 -1.37 -17.67 0.53
C GLY A 359 -1.40 -18.72 -0.55
N GLN A 360 -2.47 -19.54 -0.56
CA GLN A 360 -2.61 -20.62 -1.56
C GLN A 360 -2.76 -20.06 -2.98
N ARG A 361 -3.46 -18.91 -3.12
CA ARG A 361 -3.69 -18.24 -4.41
C ARG A 361 -2.45 -17.57 -4.99
N LEU A 362 -1.34 -17.46 -4.20
CA LEU A 362 -0.06 -16.89 -4.65
C LEU A 362 0.88 -17.99 -5.12
N GLY A 363 0.50 -19.24 -4.84
CA GLY A 363 1.27 -20.42 -5.18
C GLY A 363 1.75 -21.23 -3.98
N GLY A 364 1.30 -20.85 -2.78
CA GLY A 364 1.63 -21.54 -1.53
C GLY A 364 3.11 -21.51 -1.15
N ALA A 365 3.46 -22.35 -0.18
CA ALA A 365 4.83 -22.50 0.36
C ALA A 365 5.81 -22.94 -0.72
N ASP A 366 5.35 -23.81 -1.64
CA ASP A 366 6.15 -24.33 -2.77
C ASP A 366 6.74 -23.20 -3.59
N ASP A 367 5.88 -22.29 -4.10
CA ASP A 367 6.28 -21.13 -4.87
C ASP A 367 7.05 -20.11 -4.05
N MET A 368 6.69 -19.94 -2.75
CA MET A 368 7.40 -18.99 -1.89
C MET A 368 8.86 -19.43 -1.72
N ASN A 369 9.08 -20.74 -1.58
CA ASN A 369 10.42 -21.33 -1.43
C ASN A 369 11.23 -21.25 -2.70
N THR A 370 10.58 -21.44 -3.86
CA THR A 370 11.21 -21.32 -5.18
C THR A 370 11.70 -19.87 -5.35
N MET A 371 10.83 -18.89 -5.06
CA MET A 371 11.12 -17.46 -5.14
C MET A 371 12.33 -17.08 -4.23
N MET A 372 12.31 -17.52 -2.95
CA MET A 372 13.38 -17.28 -1.96
C MET A 372 14.72 -17.93 -2.35
N GLU A 373 14.68 -19.22 -2.76
CA GLU A 373 15.86 -19.99 -3.19
C GLU A 373 16.48 -19.39 -4.43
N GLU A 374 15.69 -19.18 -5.52
CA GLU A 374 16.19 -18.58 -6.76
C GLU A 374 16.61 -17.12 -6.61
N GLY A 375 15.80 -16.37 -5.86
CA GLY A 375 16.04 -14.95 -5.61
C GLY A 375 17.35 -14.71 -4.88
N SER A 376 17.75 -15.65 -3.99
CA SER A 376 19.00 -15.51 -3.23
C SER A 376 20.24 -15.50 -4.13
N LYS A 377 20.14 -16.10 -5.32
CA LYS A 377 21.21 -16.15 -6.33
C LYS A 377 21.49 -14.79 -6.95
N TYR A 378 20.55 -13.85 -6.77
CA TYR A 378 20.62 -12.47 -7.23
C TYR A 378 20.82 -11.50 -6.04
N GLY A 379 21.11 -12.05 -4.88
CA GLY A 379 21.29 -11.27 -3.64
C GLY A 379 20.00 -10.71 -3.10
N ALA A 380 18.84 -11.34 -3.40
CA ALA A 380 17.57 -10.83 -2.89
C ALA A 380 17.14 -11.57 -1.61
N ARG A 381 16.91 -10.82 -0.52
CA ARG A 381 16.44 -11.34 0.77
C ARG A 381 14.91 -11.14 0.81
N PHE A 382 14.19 -12.06 1.45
CA PHE A 382 12.73 -12.00 1.58
C PHE A 382 12.30 -12.07 3.03
N GLY A 383 11.16 -11.46 3.31
CA GLY A 383 10.59 -11.42 4.64
C GLY A 383 9.12 -11.15 4.57
N VAL A 384 8.41 -11.51 5.63
CA VAL A 384 6.94 -11.44 5.65
C VAL A 384 6.38 -10.44 6.66
N HIS A 385 5.26 -9.83 6.33
CA HIS A 385 4.57 -8.90 7.22
C HIS A 385 3.69 -9.74 8.15
N VAL A 386 3.92 -9.62 9.47
CA VAL A 386 3.11 -10.33 10.45
C VAL A 386 2.50 -9.32 11.42
N ASN A 387 1.45 -9.72 12.12
CA ASN A 387 0.79 -8.89 13.10
C ASN A 387 0.58 -9.74 14.36
N ALA A 388 0.97 -9.20 15.54
CA ALA A 388 0.82 -9.88 16.84
C ALA A 388 -0.07 -9.07 17.77
N SER A 389 -0.84 -8.12 17.19
CA SER A 389 -1.71 -7.20 17.94
C SER A 389 -3.20 -7.25 17.56
N GLU A 390 -3.51 -7.68 16.32
CA GLU A 390 -4.89 -7.72 15.78
C GLU A 390 -5.12 -9.03 15.06
N MET A 391 -6.36 -9.55 15.15
CA MET A 391 -6.74 -10.81 14.52
C MET A 391 -8.15 -10.73 13.94
N TYR A 392 -8.46 -11.63 13.00
CA TYR A 392 -9.78 -11.67 12.37
C TYR A 392 -10.47 -13.01 12.67
N PRO A 393 -11.83 -13.04 12.86
CA PRO A 393 -12.54 -14.31 13.13
C PRO A 393 -12.16 -15.51 12.24
N GLU A 394 -11.80 -15.29 10.96
CA GLU A 394 -11.40 -16.35 10.01
C GLU A 394 -10.10 -17.09 10.39
N ALA A 395 -9.21 -16.44 11.16
CA ALA A 395 -7.94 -17.03 11.56
C ALA A 395 -8.15 -18.21 12.54
N LYS A 396 -7.49 -19.35 12.26
CA LYS A 396 -7.58 -20.57 13.06
C LYS A 396 -7.09 -20.36 14.50
N ALA A 397 -6.18 -19.37 14.71
CA ALA A 397 -5.66 -18.98 16.03
C ALA A 397 -6.72 -18.24 16.85
N PHE A 398 -7.77 -17.69 16.18
CA PHE A 398 -8.86 -16.94 16.83
C PHE A 398 -9.56 -17.79 17.88
N SER A 399 -9.61 -17.30 19.13
CA SER A 399 -10.21 -18.02 20.26
C SER A 399 -10.58 -17.02 21.37
N GLU A 400 -11.35 -17.47 22.37
CA GLU A 400 -11.76 -16.62 23.49
C GLU A 400 -10.56 -16.21 24.33
N ASP A 401 -9.58 -17.12 24.50
CA ASP A 401 -8.32 -16.86 25.23
C ASP A 401 -7.45 -15.81 24.55
N MET A 402 -7.42 -15.81 23.19
CA MET A 402 -6.66 -14.86 22.35
C MET A 402 -7.24 -13.45 22.34
N VAL A 403 -8.57 -13.33 22.51
CA VAL A 403 -9.33 -12.08 22.50
C VAL A 403 -8.91 -11.12 23.62
N ARG A 404 -8.57 -9.88 23.25
CA ARG A 404 -8.30 -8.88 24.28
C ARG A 404 -9.67 -8.34 24.73
N ARG A 405 -9.87 -8.28 26.05
CA ARG A 405 -11.09 -7.75 26.61
C ARG A 405 -10.83 -6.52 27.46
N ASN A 406 -11.77 -5.56 27.44
CA ASN A 406 -11.69 -4.34 28.25
C ASN A 406 -12.09 -4.64 29.71
N SER A 407 -11.96 -3.64 30.62
CA SER A 407 -12.33 -3.78 32.04
C SER A 407 -13.83 -4.11 32.29
N ALA A 408 -14.70 -3.87 31.27
CA ALA A 408 -16.14 -4.17 31.34
C ALA A 408 -16.51 -5.57 30.82
N GLY A 409 -15.56 -6.26 30.20
CA GLY A 409 -15.77 -7.62 29.66
C GLY A 409 -16.11 -7.72 28.18
N GLY A 410 -16.12 -6.59 27.49
CA GLY A 410 -16.40 -6.57 26.06
C GLY A 410 -15.14 -6.73 25.23
N LEU A 411 -15.30 -6.96 23.91
CA LEU A 411 -14.15 -7.09 23.01
C LEU A 411 -13.42 -5.77 22.89
N SER A 412 -12.10 -5.84 22.74
CA SER A 412 -11.28 -4.68 22.46
C SER A 412 -11.18 -4.69 20.92
N TYR A 413 -12.07 -3.92 20.27
CA TYR A 413 -12.16 -3.87 18.80
C TYR A 413 -11.01 -3.15 18.14
N GLY A 414 -10.61 -3.69 16.99
CA GLY A 414 -9.65 -3.11 16.09
C GLY A 414 -10.38 -2.40 14.97
N TRP A 415 -9.74 -2.36 13.80
CA TRP A 415 -10.20 -1.71 12.58
C TRP A 415 -11.05 -2.63 11.72
N ASN A 416 -12.15 -2.09 11.17
CA ASN A 416 -13.03 -2.80 10.24
C ASN A 416 -12.72 -2.36 8.82
N TRP A 417 -12.46 -3.32 7.92
CA TRP A 417 -12.17 -3.06 6.50
C TRP A 417 -12.78 -4.17 5.66
N LEU A 418 -12.07 -5.33 5.52
CA LEU A 418 -12.60 -6.51 4.82
C LEU A 418 -13.47 -7.25 5.84
N ASP A 419 -13.00 -7.28 7.10
CA ASP A 419 -13.63 -7.93 8.26
C ASP A 419 -13.31 -7.10 9.48
N GLN A 420 -13.94 -7.42 10.61
CA GLN A 420 -13.70 -6.69 11.85
C GLN A 420 -12.50 -7.29 12.61
N GLY A 421 -11.49 -6.47 12.81
CA GLY A 421 -10.31 -6.87 13.55
C GLY A 421 -10.62 -6.79 15.03
N VAL A 422 -10.07 -7.74 15.79
CA VAL A 422 -10.20 -7.82 17.24
C VAL A 422 -8.78 -7.83 17.79
N GLY A 423 -8.56 -7.17 18.92
CA GLY A 423 -7.27 -7.09 19.57
C GLY A 423 -6.84 -8.41 20.17
N ILE A 424 -5.54 -8.72 20.08
CA ILE A 424 -4.98 -9.93 20.66
C ILE A 424 -4.50 -9.62 22.08
N ASP A 425 -4.79 -10.50 23.03
CA ASP A 425 -4.32 -10.36 24.40
C ASP A 425 -2.80 -10.71 24.41
N GLY A 426 -1.96 -9.67 24.24
CA GLY A 426 -0.51 -9.75 24.15
C GLY A 426 0.20 -10.56 25.22
N ILE A 427 -0.21 -10.38 26.49
CA ILE A 427 0.33 -11.08 27.65
C ILE A 427 -0.06 -12.55 27.60
N TYR A 428 -1.33 -12.86 27.28
CA TYR A 428 -1.75 -14.25 27.11
C TYR A 428 -0.90 -14.90 25.99
N ASP A 429 -0.85 -14.26 24.80
CA ASP A 429 -0.16 -14.74 23.62
C ASP A 429 1.32 -15.13 23.91
N LEU A 430 2.00 -14.34 24.75
CA LEU A 430 3.36 -14.61 25.19
C LEU A 430 3.40 -15.78 26.23
N ALA A 431 2.73 -15.60 27.37
CA ALA A 431 2.74 -16.52 28.54
C ALA A 431 2.19 -17.93 28.29
N SER A 432 1.26 -18.10 27.35
CA SER A 432 0.67 -19.41 27.02
C SER A 432 1.51 -20.21 26.02
N GLY A 433 2.46 -19.56 25.36
CA GLY A 433 3.31 -20.17 24.33
C GLY A 433 2.64 -20.25 22.97
N SER A 434 1.53 -19.48 22.81
CA SER A 434 0.72 -19.44 21.58
C SER A 434 1.45 -18.82 20.40
N ARG A 435 1.97 -17.60 20.55
CA ARG A 435 2.69 -16.88 19.49
C ARG A 435 3.92 -17.65 19.03
N VAL A 436 4.70 -18.20 19.98
CA VAL A 436 5.91 -18.94 19.65
C VAL A 436 5.58 -20.19 18.79
N SER A 437 4.43 -20.83 19.05
CA SER A 437 3.97 -21.99 18.28
C SER A 437 3.52 -21.62 16.85
N ARG A 438 2.97 -20.40 16.67
CA ARG A 438 2.54 -19.89 15.37
C ARG A 438 3.75 -19.53 14.49
N PHE A 439 4.83 -18.96 15.09
CA PHE A 439 6.08 -18.71 14.37
C PHE A 439 6.75 -20.07 13.99
N ALA A 440 6.56 -21.10 14.83
CA ALA A 440 7.04 -22.47 14.59
C ALA A 440 6.33 -23.05 13.35
N ASP A 441 5.00 -22.79 13.20
CA ASP A 441 4.18 -23.16 12.03
C ASP A 441 4.78 -22.56 10.77
N LEU A 442 5.19 -21.27 10.83
CA LEU A 442 5.84 -20.59 9.72
C LEU A 442 7.22 -21.22 9.43
N SER A 443 8.03 -21.46 10.47
CA SER A 443 9.35 -22.10 10.33
C SER A 443 9.28 -23.42 9.54
N LYS A 444 8.24 -24.28 9.81
CA LYS A 444 8.02 -25.56 9.10
C LYS A 444 7.81 -25.35 7.61
N GLU A 445 7.19 -24.22 7.23
CA GLU A 445 6.92 -23.90 5.83
C GLU A 445 8.13 -23.36 5.06
N VAL A 446 8.95 -22.50 5.71
CA VAL A 446 10.06 -21.77 5.08
C VAL A 446 11.46 -22.36 5.33
N GLY A 447 11.60 -23.19 6.37
CA GLY A 447 12.88 -23.76 6.77
C GLY A 447 13.87 -22.64 7.07
N ASP A 448 15.00 -22.64 6.33
CA ASP A 448 16.03 -21.62 6.49
C ASP A 448 16.14 -20.72 5.27
N ASN A 449 15.08 -20.65 4.47
CA ASN A 449 15.08 -19.82 3.26
C ASN A 449 14.77 -18.35 3.49
N MET A 450 13.93 -18.05 4.53
CA MET A 450 13.48 -16.69 4.76
C MET A 450 14.46 -15.88 5.57
N ASP A 451 14.67 -14.64 5.13
CA ASP A 451 15.61 -13.74 5.77
C ASP A 451 15.10 -13.03 7.00
N PHE A 452 13.92 -12.39 6.90
CA PHE A 452 13.44 -11.55 7.98
C PHE A 452 11.96 -11.64 8.26
N ILE A 453 11.55 -11.08 9.40
CA ILE A 453 10.16 -10.91 9.78
C ILE A 453 9.95 -9.41 9.80
N TYR A 454 8.81 -8.94 9.32
CA TYR A 454 8.45 -7.54 9.46
C TYR A 454 7.27 -7.49 10.44
N LEU A 455 7.51 -7.00 11.65
CA LEU A 455 6.44 -6.93 12.65
C LEU A 455 5.70 -5.59 12.61
N ASP A 456 4.45 -5.64 12.16
CA ASP A 456 3.57 -4.48 12.10
C ASP A 456 3.05 -4.06 13.47
N VAL A 457 2.70 -2.76 13.59
CA VAL A 457 2.05 -1.96 14.66
C VAL A 457 2.62 -2.09 16.10
N TRP A 458 3.46 -3.09 16.41
CA TRP A 458 4.01 -3.32 17.75
C TRP A 458 4.52 -2.06 18.42
N GLY A 459 3.92 -1.76 19.58
CA GLY A 459 4.22 -0.59 20.38
C GLY A 459 3.10 0.42 20.45
N ASN A 460 2.02 0.25 19.62
CA ASN A 460 0.88 1.19 19.57
C ASN A 460 -0.25 0.92 20.59
N LEU A 461 -0.04 -0.08 21.47
CA LEU A 461 -0.88 -0.49 22.61
C LEU A 461 -2.22 -1.15 22.22
N THR A 462 -2.24 -1.81 21.07
CA THR A 462 -3.38 -2.57 20.57
C THR A 462 -3.46 -3.95 21.28
N SER A 463 -2.31 -4.52 21.69
CA SER A 463 -2.32 -5.85 22.33
C SER A 463 -2.43 -5.81 23.87
N SER A 464 -2.06 -4.66 24.49
CA SER A 464 -2.11 -4.34 25.92
C SER A 464 -1.56 -2.94 26.10
N GLY A 465 -1.75 -2.35 27.28
CA GLY A 465 -1.25 -1.00 27.59
C GLY A 465 0.24 -0.96 27.92
N SER A 466 0.93 -2.09 27.73
CA SER A 466 2.35 -2.17 28.05
C SER A 466 3.22 -2.25 26.80
N GLU A 467 3.36 -3.46 26.16
CA GLU A 467 4.21 -3.73 25.00
C GLU A 467 5.60 -3.12 25.23
N ASP A 468 6.14 -3.34 26.43
CA ASP A 468 7.40 -2.77 26.88
C ASP A 468 8.65 -3.44 26.25
N SER A 469 9.86 -2.99 26.66
CA SER A 469 11.13 -3.56 26.16
C SER A 469 11.31 -5.03 26.56
N TRP A 470 10.75 -5.46 27.69
CA TRP A 470 10.80 -6.85 28.15
C TRP A 470 9.98 -7.75 27.18
N GLU A 471 8.75 -7.31 26.81
CA GLU A 471 7.87 -7.99 25.85
C GLU A 471 8.48 -8.00 24.44
N THR A 472 9.05 -6.86 24.02
CA THR A 472 9.66 -6.68 22.71
C THR A 472 10.93 -7.51 22.61
N ARG A 473 11.70 -7.63 23.73
CA ARG A 473 12.91 -8.45 23.80
C ARG A 473 12.57 -9.92 23.58
N LYS A 474 11.47 -10.40 24.19
CA LYS A 474 10.99 -11.78 24.06
C LYS A 474 10.43 -12.06 22.66
N MET A 475 9.72 -11.08 22.07
CA MET A 475 9.16 -11.12 20.72
C MET A 475 10.33 -11.26 19.71
N SER A 476 11.37 -10.40 19.84
CA SER A 476 12.53 -10.44 18.96
C SER A 476 13.31 -11.75 19.09
N LYS A 477 13.33 -12.36 20.27
CA LYS A 477 14.02 -13.62 20.53
C LYS A 477 13.35 -14.81 19.81
N MET A 478 12.01 -14.93 19.90
CA MET A 478 11.19 -15.94 19.21
C MET A 478 11.53 -15.92 17.70
N ILE A 479 11.65 -14.70 17.14
CA ILE A 479 11.92 -14.44 15.72
C ILE A 479 13.38 -14.80 15.39
N ASN A 480 14.35 -14.23 16.14
CA ASN A 480 15.77 -14.50 15.91
C ASN A 480 16.08 -15.96 16.05
N ASP A 481 15.40 -16.66 17.00
CA ASP A 481 15.53 -18.09 17.23
C ASP A 481 15.21 -18.93 15.99
N ASN A 482 14.33 -18.45 15.10
CA ASN A 482 14.03 -19.16 13.85
C ASN A 482 14.93 -18.78 12.68
N GLY A 483 16.03 -18.07 12.97
CA GLY A 483 16.99 -17.59 11.98
C GLY A 483 16.49 -16.39 11.20
N TRP A 484 15.60 -15.59 11.82
CA TRP A 484 15.06 -14.42 11.14
C TRP A 484 15.55 -13.09 11.67
N ARG A 485 15.97 -12.21 10.77
CA ARG A 485 16.38 -10.85 11.10
C ARG A 485 15.09 -10.06 11.54
N MET A 486 15.22 -9.19 12.55
CA MET A 486 14.09 -8.43 13.08
C MET A 486 13.96 -7.06 12.41
N THR A 487 12.73 -6.74 11.97
CA THR A 487 12.38 -5.45 11.35
C THR A 487 10.99 -5.10 11.90
N THR A 488 10.67 -3.79 12.02
CA THR A 488 9.38 -3.39 12.60
C THR A 488 8.88 -2.08 12.00
N GLU A 489 7.68 -1.63 12.39
CA GLU A 489 7.02 -0.45 11.84
C GLU A 489 7.55 0.92 12.31
N TRP A 490 7.37 1.26 13.59
CA TRP A 490 7.64 2.58 14.13
C TRP A 490 9.09 2.94 14.18
N GLY A 491 9.38 4.20 13.83
CA GLY A 491 10.72 4.74 13.78
C GLY A 491 11.53 4.58 15.05
N SER A 492 10.89 4.80 16.22
CA SER A 492 11.54 4.71 17.54
C SER A 492 11.56 3.31 18.15
N GLY A 493 10.77 2.38 17.61
CA GLY A 493 10.59 1.05 18.16
C GLY A 493 11.77 0.11 18.15
N ASN A 494 11.81 -0.80 19.15
CA ASN A 494 12.76 -1.91 19.29
C ASN A 494 14.23 -1.47 19.03
N GLU A 495 14.78 -0.62 19.93
CA GLU A 495 16.15 -0.12 19.81
C GLU A 495 17.18 -1.27 19.90
N TYR A 496 16.89 -2.26 20.74
CA TYR A 496 17.78 -3.39 21.00
C TYR A 496 17.97 -4.34 19.85
N ASP A 497 16.89 -4.73 19.12
CA ASP A 497 16.99 -5.79 18.13
C ASP A 497 16.61 -5.52 16.67
N SER A 498 15.91 -4.43 16.37
CA SER A 498 15.45 -4.17 15.00
C SER A 498 16.57 -3.64 14.07
N THR A 499 16.56 -4.03 12.81
CA THR A 499 17.55 -3.61 11.80
C THR A 499 16.92 -2.66 10.77
N PHE A 500 15.60 -2.44 10.89
CA PHE A 500 14.82 -1.63 9.95
C PHE A 500 13.50 -1.21 10.57
N GLN A 501 13.11 0.06 10.34
CA GLN A 501 11.83 0.61 10.76
C GLN A 501 11.20 1.17 9.50
N HIS A 502 9.95 0.78 9.20
CA HIS A 502 9.27 1.30 8.00
C HIS A 502 9.09 2.82 8.06
N TRP A 503 8.76 3.36 9.23
CA TRP A 503 8.56 4.79 9.40
C TRP A 503 9.89 5.55 9.54
N ALA A 504 11.02 4.85 9.48
CA ALA A 504 12.34 5.47 9.41
C ALA A 504 12.77 5.49 7.92
N ALA A 505 12.69 4.32 7.22
CA ALA A 505 13.11 4.17 5.81
C ALA A 505 12.17 4.80 4.81
N ASP A 506 10.85 4.79 5.08
CA ASP A 506 9.90 5.50 4.22
C ASP A 506 9.73 6.84 4.90
N LEU A 507 10.41 7.84 4.35
CA LEU A 507 10.47 9.17 4.91
C LEU A 507 9.15 9.96 4.81
N THR A 508 8.23 9.57 3.91
CA THR A 508 6.95 10.27 3.72
C THR A 508 5.98 10.17 4.91
N TYR A 509 6.06 9.11 5.72
CA TYR A 509 5.09 8.93 6.82
C TYR A 509 5.30 9.77 8.07
N GLY A 510 4.17 10.04 8.72
CA GLY A 510 4.04 10.59 10.05
C GLY A 510 4.60 11.94 10.47
N GLY A 511 5.30 12.62 9.57
CA GLY A 511 5.87 13.93 9.89
C GLY A 511 7.12 13.88 10.74
N TYR A 512 7.71 15.05 10.96
CA TYR A 512 8.98 15.27 11.64
C TYR A 512 9.09 14.77 13.07
N THR A 513 7.96 14.56 13.79
CA THR A 513 8.00 14.09 15.18
C THR A 513 8.04 12.55 15.26
N SER A 514 7.85 11.85 14.13
CA SER A 514 7.72 10.40 14.14
C SER A 514 8.58 9.65 13.15
N LYS A 515 9.85 10.03 13.04
CA LYS A 515 10.76 9.38 12.10
C LYS A 515 11.72 8.45 12.80
N GLY A 516 12.86 8.19 12.17
CA GLY A 516 13.94 7.38 12.75
C GLY A 516 14.66 8.03 13.92
N GLU A 517 15.66 7.32 14.44
CA GLU A 517 16.46 7.69 15.62
C GLU A 517 17.36 8.92 15.37
N ASN A 518 16.98 10.05 15.98
CA ASN A 518 17.72 11.28 15.89
C ASN A 518 18.73 11.37 17.05
N SER A 519 19.87 10.72 16.86
CA SER A 519 20.95 10.68 17.84
C SER A 519 22.29 10.49 17.16
N GLU A 520 23.27 11.34 17.52
CA GLU A 520 24.64 11.28 17.01
C GLU A 520 25.34 10.02 17.61
N VAL A 521 25.06 9.71 18.88
CA VAL A 521 25.62 8.59 19.64
C VAL A 521 25.16 7.28 19.05
N MET A 522 23.84 7.10 18.89
CA MET A 522 23.27 5.87 18.32
C MET A 522 23.71 5.67 16.86
N ARG A 523 23.77 6.74 16.07
CA ARG A 523 24.17 6.60 14.66
C ARG A 523 25.66 6.39 14.49
N PHE A 524 26.48 7.02 15.37
CA PHE A 524 27.94 6.82 15.38
C PHE A 524 28.19 5.31 15.59
N LEU A 525 27.58 4.76 16.62
CA LEU A 525 27.73 3.37 17.00
C LEU A 525 27.23 2.35 15.99
N ARG A 526 26.00 2.57 15.46
CA ARG A 526 25.27 1.57 14.71
C ARG A 526 24.79 1.95 13.31
N ASN A 527 25.30 3.02 12.68
CA ASN A 527 24.84 3.36 11.34
C ASN A 527 24.90 2.18 10.34
N HIS A 528 25.96 1.38 10.44
CA HIS A 528 26.23 0.27 9.55
C HIS A 528 25.33 -0.96 9.79
N GLN A 529 24.58 -0.99 10.92
CA GLN A 529 23.79 -2.14 11.36
C GLN A 529 22.29 -2.02 11.16
N LYS A 530 21.81 -0.80 10.88
CA LYS A 530 20.37 -0.56 10.75
C LYS A 530 20.03 0.42 9.65
N ASP A 531 18.75 0.37 9.22
CA ASP A 531 18.08 1.34 8.39
C ASP A 531 16.96 1.91 9.32
N SER A 532 17.39 2.56 10.40
CA SER A 532 16.55 3.10 11.49
C SER A 532 16.88 4.56 11.82
N TRP A 533 17.41 5.30 10.82
CA TRP A 533 17.89 6.68 11.01
C TRP A 533 17.04 7.73 10.35
N VAL A 534 17.55 8.95 10.29
CA VAL A 534 16.88 10.06 9.61
C VAL A 534 17.62 10.33 8.30
N GLY A 535 16.92 10.19 7.16
CA GLY A 535 17.48 10.47 5.84
C GLY A 535 17.06 11.86 5.37
N ASP A 536 17.40 12.22 4.11
CA ASP A 536 17.03 13.54 3.59
C ASP A 536 15.51 13.66 3.34
N TYR A 537 14.89 14.67 3.94
CA TYR A 537 13.47 15.03 3.80
C TYR A 537 13.40 16.48 4.30
N PRO A 538 13.91 17.46 3.50
CA PRO A 538 14.14 18.80 4.05
C PRO A 538 12.93 19.52 4.68
N GLN A 539 11.69 19.18 4.28
CA GLN A 539 10.54 19.85 4.91
C GLN A 539 10.42 19.57 6.43
N TYR A 540 11.03 18.45 6.94
CA TYR A 540 11.04 18.15 8.38
C TYR A 540 12.09 18.98 9.11
N GLY A 541 13.10 19.47 8.37
CA GLY A 541 14.20 20.25 8.93
C GLY A 541 15.09 19.45 9.87
N GLY A 542 15.96 20.14 10.60
CA GLY A 542 16.91 19.58 11.57
C GLY A 542 17.71 18.40 11.04
N ALA A 543 17.50 17.25 11.66
CA ALA A 543 18.14 15.98 11.30
C ALA A 543 17.84 15.53 9.87
N ALA A 544 16.68 15.94 9.30
CA ALA A 544 16.24 15.55 7.96
C ALA A 544 16.71 16.50 6.85
N ASN A 545 17.50 17.51 7.19
CA ASN A 545 18.03 18.40 6.17
C ASN A 545 19.43 17.96 5.81
N ALA A 546 19.55 17.15 4.75
CA ALA A 546 20.84 16.67 4.21
C ALA A 546 21.75 16.00 5.27
N PRO A 547 21.30 14.94 5.98
CA PRO A 547 22.25 14.24 6.89
C PRO A 547 23.47 13.75 6.06
N LEU A 548 24.68 13.92 6.60
CA LEU A 548 25.91 13.50 5.89
C LEU A 548 25.95 12.02 5.59
N LEU A 549 25.40 11.20 6.49
CA LEU A 549 25.41 9.76 6.28
C LEU A 549 24.29 9.29 5.35
N GLY A 550 23.53 10.23 4.80
CA GLY A 550 22.36 9.93 4.01
C GLY A 550 21.33 9.28 4.92
N GLY A 551 20.69 8.25 4.42
CA GLY A 551 19.68 7.52 5.17
C GLY A 551 18.75 6.87 4.18
N TYR A 552 18.37 5.62 4.45
CA TYR A 552 17.52 4.91 3.53
C TYR A 552 16.23 5.68 3.19
N ASN A 553 15.94 5.77 1.87
CA ASN A 553 14.75 6.41 1.29
C ASN A 553 14.03 5.30 0.51
N MET A 554 12.94 4.79 1.06
CA MET A 554 12.23 3.66 0.48
C MET A 554 11.01 4.03 -0.36
N LYS A 555 11.00 3.50 -1.59
CA LYS A 555 9.92 3.59 -2.57
C LYS A 555 9.55 2.16 -2.98
N ASP A 556 8.42 2.01 -3.70
CA ASP A 556 7.93 0.68 -4.10
C ASP A 556 7.33 0.75 -5.48
N PHE A 557 7.15 -0.39 -6.13
CA PHE A 557 6.48 -0.42 -7.44
C PHE A 557 5.53 -1.62 -7.56
N GLU A 558 5.36 -2.40 -6.46
CA GLU A 558 4.54 -3.61 -6.53
C GLU A 558 3.25 -3.53 -5.70
N GLY A 559 2.59 -2.38 -5.79
CA GLY A 559 1.24 -2.16 -5.30
C GLY A 559 1.02 -1.61 -3.92
N TRP A 560 2.09 -1.48 -3.13
CA TRP A 560 1.97 -0.94 -1.79
C TRP A 560 1.51 0.53 -1.89
N GLN A 561 0.34 0.85 -1.32
CA GLN A 561 -0.30 2.17 -1.36
C GLN A 561 -0.48 2.70 -2.81
N GLY A 562 -0.73 1.78 -3.75
CA GLY A 562 -0.93 2.06 -5.15
C GLY A 562 0.33 2.38 -5.91
N ARG A 563 1.51 2.32 -5.25
CA ARG A 563 2.80 2.63 -5.89
C ARG A 563 3.09 1.57 -6.92
N ASN A 564 3.09 1.96 -8.19
N ASN A 564 3.18 1.98 -8.19
CA ASN A 564 3.32 1.03 -9.29
CA ASN A 564 3.36 1.12 -9.37
C ASN A 564 4.29 1.67 -10.38
C ASN A 564 4.51 1.58 -10.29
N ASP A 565 5.07 2.75 -10.01
CA ASP A 565 6.07 3.46 -10.87
C ASP A 565 7.51 2.91 -10.75
N TYR A 566 7.87 2.00 -11.66
CA TYR A 566 9.16 1.36 -11.68
C TYR A 566 10.36 2.34 -11.90
N ALA A 567 10.27 3.24 -12.90
CA ALA A 567 11.34 4.21 -13.20
C ALA A 567 11.65 5.12 -11.98
N ALA A 568 10.60 5.58 -11.26
CA ALA A 568 10.77 6.40 -10.07
C ALA A 568 11.47 5.61 -8.98
N TYR A 569 11.17 4.30 -8.86
CA TYR A 569 11.76 3.40 -7.88
C TYR A 569 13.29 3.32 -8.06
N ILE A 570 13.71 3.04 -9.31
CA ILE A 570 15.10 2.91 -9.73
C ILE A 570 15.84 4.25 -9.60
N LYS A 571 15.23 5.35 -10.06
CA LYS A 571 15.81 6.69 -9.98
C LYS A 571 16.16 7.00 -8.51
N ASN A 572 15.18 6.72 -7.60
CA ASN A 572 15.31 6.94 -6.18
C ASN A 572 16.43 6.08 -5.53
N LEU A 573 16.60 4.83 -5.98
CA LEU A 573 17.69 3.96 -5.50
C LEU A 573 19.08 4.61 -5.71
N TYR A 574 19.31 5.15 -6.91
CA TYR A 574 20.55 5.79 -7.27
C TYR A 574 20.70 7.16 -6.65
N THR A 575 19.58 7.87 -6.43
CA THR A 575 19.63 9.20 -5.80
C THR A 575 20.08 9.14 -4.35
N HIS A 576 19.49 8.23 -3.57
CA HIS A 576 19.80 8.23 -2.14
C HIS A 576 20.42 6.98 -1.57
N ASP A 577 20.00 5.82 -2.06
CA ASP A 577 20.29 4.54 -1.43
C ASP A 577 21.63 3.92 -1.74
N VAL A 578 22.16 4.10 -2.95
CA VAL A 578 23.48 3.59 -3.33
C VAL A 578 24.56 4.23 -2.42
N SER A 579 24.59 5.58 -2.26
CA SER A 579 25.55 6.28 -1.39
C SER A 579 25.33 5.97 0.11
N THR A 580 24.06 5.87 0.59
CA THR A 580 23.74 5.47 1.98
C THR A 580 24.38 4.09 2.24
N LYS A 581 24.17 3.14 1.30
CA LYS A 581 24.67 1.76 1.42
C LYS A 581 26.16 1.67 1.34
N PHE A 582 26.78 2.49 0.47
CA PHE A 582 28.23 2.60 0.36
C PHE A 582 28.78 3.06 1.74
N ILE A 583 28.18 4.08 2.34
CA ILE A 583 28.59 4.64 3.65
C ILE A 583 28.49 3.58 4.77
N GLN A 584 27.47 2.70 4.70
CA GLN A 584 27.28 1.63 5.68
C GLN A 584 28.35 0.52 5.62
N HIS A 585 29.28 0.55 4.64
CA HIS A 585 30.37 -0.43 4.54
C HIS A 585 31.58 -0.01 5.36
N PHE A 586 31.44 1.12 6.06
CA PHE A 586 32.47 1.73 6.91
C PHE A 586 31.88 2.03 8.29
N LYS A 587 32.73 2.04 9.33
CA LYS A 587 32.28 2.32 10.71
C LYS A 587 32.76 3.70 11.10
N VAL A 588 31.90 4.49 11.74
CA VAL A 588 32.23 5.87 12.15
C VAL A 588 33.36 5.84 13.19
N THR A 589 34.39 6.67 12.99
CA THR A 589 35.52 6.77 13.92
C THR A 589 35.63 8.14 14.56
N ARG A 590 35.13 9.18 13.86
CA ARG A 590 35.15 10.58 14.30
C ARG A 590 33.96 11.36 13.68
N TRP A 591 33.36 12.25 14.47
CA TRP A 591 32.21 13.07 14.10
C TRP A 591 32.32 14.41 14.85
N VAL A 592 32.72 15.46 14.13
CA VAL A 592 32.90 16.81 14.69
C VAL A 592 31.96 17.83 14.09
N ASN A 593 31.77 18.95 14.81
CA ASN A 593 31.03 20.14 14.37
C ASN A 593 29.60 19.86 13.94
N ASN A 594 28.86 19.08 14.75
CA ASN A 594 27.47 18.70 14.48
C ASN A 594 26.57 19.93 14.71
N PRO A 595 25.94 20.51 13.65
CA PRO A 595 25.12 21.73 13.84
C PRO A 595 23.85 21.56 14.67
N LEU A 596 23.40 20.32 14.84
CA LEU A 596 22.18 20.00 15.57
C LEU A 596 22.35 20.13 17.06
N LEU A 597 23.61 20.06 17.53
CA LEU A 597 23.97 20.08 18.96
C LEU A 597 24.48 21.43 19.38
N THR A 598 23.81 22.03 20.38
CA THR A 598 24.10 23.37 20.88
C THR A 598 24.11 23.35 22.41
N ALA A 599 24.50 24.48 23.03
CA ALA A 599 24.51 24.64 24.49
C ALA A 599 23.07 24.61 25.07
N ASP A 600 22.12 25.16 24.31
CA ASP A 600 20.70 25.29 24.65
C ASP A 600 19.93 23.96 24.65
N ASN A 601 20.37 22.97 23.83
CA ASN A 601 19.67 21.69 23.83
C ASN A 601 20.39 20.63 24.69
N GLY A 602 21.31 21.11 25.54
CA GLY A 602 22.08 20.31 26.48
C GLY A 602 23.33 19.67 25.94
N ASN A 603 23.99 20.31 24.94
CA ASN A 603 25.18 19.74 24.31
C ASN A 603 26.36 20.74 24.20
N ALA A 604 26.67 21.42 25.32
CA ALA A 604 27.76 22.39 25.44
C ALA A 604 29.14 21.74 25.22
N ALA A 605 29.33 20.49 25.70
CA ALA A 605 30.59 19.77 25.56
C ALA A 605 30.71 18.97 24.24
N ALA A 606 29.74 19.07 23.32
CA ALA A 606 29.83 18.40 22.01
C ALA A 606 31.08 18.87 21.27
N VAL A 607 31.78 17.92 20.62
CA VAL A 607 33.03 18.13 19.89
C VAL A 607 32.95 19.23 18.82
N SER A 608 33.80 20.28 18.94
CA SER A 608 33.81 21.39 17.99
C SER A 608 35.24 21.83 17.55
N ASP A 609 35.76 21.20 16.45
CA ASP A 609 37.10 21.46 15.89
C ASP A 609 37.13 22.49 14.74
N PRO A 610 37.71 23.70 14.97
CA PRO A 610 37.81 24.69 13.88
C PRO A 610 38.88 24.37 12.82
N ASN A 611 39.78 23.39 13.09
CA ASN A 611 40.84 22.94 12.17
C ASN A 611 40.40 21.81 11.24
N THR A 612 39.13 21.39 11.38
CA THR A 612 38.52 20.39 10.53
C THR A 612 37.41 21.05 9.76
N ASN A 613 37.46 20.97 8.41
CA ASN A 613 36.41 21.44 7.48
C ASN A 613 35.87 22.84 7.82
N ASN A 614 36.77 23.79 8.15
CA ASN A 614 36.45 25.19 8.48
C ASN A 614 35.47 25.32 9.66
N GLY A 615 35.53 24.37 10.59
CA GLY A 615 34.60 24.37 11.72
C GLY A 615 33.20 23.89 11.34
N ASN A 616 33.02 23.35 10.10
CA ASN A 616 31.76 22.80 9.64
C ASN A 616 31.79 21.28 9.83
N GLU A 617 30.61 20.65 9.81
CA GLU A 617 30.41 19.22 10.07
C GLU A 617 31.24 18.27 9.20
N GLN A 618 31.85 17.27 9.88
CA GLN A 618 32.64 16.22 9.26
C GLN A 618 32.56 14.92 10.04
N ILE A 619 32.46 13.83 9.27
CA ILE A 619 32.45 12.47 9.78
C ILE A 619 33.52 11.65 9.05
N THR A 620 34.35 10.93 9.81
CA THR A 620 35.34 10.01 9.26
C THR A 620 34.89 8.60 9.60
N LEU A 621 34.99 7.70 8.62
CA LEU A 621 34.59 6.30 8.77
C LEU A 621 35.74 5.41 8.25
N LYS A 622 35.86 4.19 8.81
CA LYS A 622 36.93 3.26 8.46
C LYS A 622 36.42 1.84 8.38
N ASP A 623 37.03 1.01 7.52
CA ASP A 623 36.70 -0.44 7.47
C ASP A 623 37.87 -1.23 8.11
N SER A 624 37.72 -2.55 8.29
CA SER A 624 38.77 -3.40 8.89
C SER A 624 40.00 -3.56 7.97
N ASN A 625 39.99 -2.95 6.76
CA ASN A 625 41.11 -3.02 5.84
C ASN A 625 41.90 -1.73 5.78
N GLY A 626 41.56 -0.77 6.63
CA GLY A 626 42.24 0.51 6.66
C GLY A 626 41.78 1.54 5.64
N ASN A 627 40.69 1.25 4.89
CA ASN A 627 40.14 2.23 3.95
C ASN A 627 39.43 3.30 4.76
N VAL A 628 39.61 4.55 4.35
CA VAL A 628 39.07 5.73 5.03
C VAL A 628 38.06 6.47 4.15
N VAL A 629 36.87 6.73 4.71
CA VAL A 629 35.82 7.53 4.05
C VAL A 629 35.63 8.81 4.87
N VAL A 630 35.58 9.96 4.20
CA VAL A 630 35.39 11.26 4.86
C VAL A 630 34.20 11.96 4.18
N VAL A 631 33.16 12.31 5.00
CA VAL A 631 31.96 13.04 4.56
C VAL A 631 31.95 14.47 5.18
N SER A 632 31.97 15.50 4.31
CA SER A 632 32.05 16.90 4.70
C SER A 632 30.86 17.74 4.21
N ARG A 633 30.34 18.59 5.12
CA ARG A 633 29.25 19.53 4.84
C ARG A 633 29.91 20.85 4.40
N GLY A 634 29.36 21.46 3.34
CA GLY A 634 29.86 22.72 2.80
C GLY A 634 29.85 23.88 3.77
N SER A 635 28.79 23.98 4.60
CA SER A 635 28.62 25.03 5.62
C SER A 635 27.68 24.53 6.70
N ASN A 636 27.82 25.03 7.94
CA ASN A 636 26.93 24.67 9.05
C ASN A 636 25.75 25.63 9.21
N ASP A 637 25.65 26.59 8.29
CA ASP A 637 24.58 27.60 8.26
C ASP A 637 23.48 27.14 7.32
N THR A 638 22.28 26.82 7.86
CA THR A 638 21.12 26.34 7.05
C THR A 638 20.64 27.36 6.03
N SER A 639 21.03 28.65 6.18
CA SER A 639 20.66 29.68 5.21
C SER A 639 21.64 29.71 4.00
N SER A 640 22.76 28.98 4.13
CA SER A 640 23.73 28.89 3.06
C SER A 640 23.39 27.78 2.09
N ALA A 641 23.66 28.02 0.80
CA ALA A 641 23.50 27.07 -0.30
C ALA A 641 24.44 25.87 -0.06
N ALA A 642 25.55 26.10 0.68
CA ALA A 642 26.53 25.08 0.98
C ALA A 642 26.15 24.13 2.13
N TYR A 643 25.04 24.39 2.86
CA TYR A 643 24.59 23.50 3.95
C TYR A 643 24.21 22.13 3.39
N ARG A 644 23.63 22.12 2.19
CA ARG A 644 23.23 20.90 1.51
C ARG A 644 24.33 20.34 0.58
N GLN A 645 25.51 20.99 0.55
CA GLN A 645 26.64 20.48 -0.24
C GLN A 645 27.40 19.44 0.57
N ARG A 646 27.63 18.27 -0.06
CA ARG A 646 28.36 17.20 0.56
C ARG A 646 29.47 16.69 -0.33
N THR A 647 30.69 16.61 0.21
CA THR A 647 31.77 15.92 -0.49
C THR A 647 32.04 14.59 0.26
N ILE A 648 32.21 13.50 -0.51
CA ILE A 648 32.60 12.18 -0.02
C ILE A 648 33.99 11.89 -0.61
N THR A 649 34.94 11.48 0.24
CA THR A 649 36.27 11.05 -0.23
C THR A 649 36.50 9.58 0.18
N PHE A 650 37.15 8.81 -0.70
CA PHE A 650 37.52 7.43 -0.42
C PHE A 650 39.04 7.38 -0.57
N ASN A 651 39.75 7.16 0.55
CA ASN A 651 41.21 7.13 0.63
C ASN A 651 41.84 8.41 0.12
N GLY A 652 41.20 9.53 0.45
CA GLY A 652 41.63 10.88 0.07
C GLY A 652 41.22 11.35 -1.31
N VAL A 653 40.52 10.51 -2.08
CA VAL A 653 40.12 10.88 -3.44
C VAL A 653 38.62 11.16 -3.46
N LYS A 654 38.20 12.28 -4.05
CA LYS A 654 36.79 12.65 -4.16
C LYS A 654 36.05 11.62 -5.01
N VAL A 655 34.97 11.03 -4.45
CA VAL A 655 34.13 10.03 -5.12
C VAL A 655 32.65 10.51 -5.27
N ALA A 656 32.28 11.63 -4.62
CA ALA A 656 30.93 12.21 -4.68
C ALA A 656 31.01 13.64 -4.31
N SER A 657 30.23 14.49 -5.00
CA SER A 657 30.15 15.91 -4.68
C SER A 657 28.81 16.54 -5.06
N GLY A 658 28.33 17.45 -4.22
CA GLY A 658 27.13 18.22 -4.54
C GLY A 658 25.95 18.03 -3.62
N VAL A 659 24.79 18.48 -4.11
CA VAL A 659 23.48 18.51 -3.45
C VAL A 659 22.58 17.44 -4.01
N VAL A 660 22.04 16.59 -3.12
CA VAL A 660 21.11 15.54 -3.55
C VAL A 660 19.76 16.17 -3.87
N SER A 661 19.01 15.57 -4.80
CA SER A 661 17.64 15.96 -5.07
C SER A 661 16.89 15.72 -3.74
N ALA A 662 16.12 16.72 -3.29
CA ALA A 662 15.42 16.65 -2.01
C ALA A 662 14.64 15.34 -1.84
N GLY A 663 14.84 14.69 -0.70
CA GLY A 663 14.21 13.42 -0.36
C GLY A 663 12.69 13.45 -0.31
N ASP A 664 12.12 14.67 -0.21
CA ASP A 664 10.67 14.92 -0.19
C ASP A 664 10.10 15.19 -1.60
N GLY A 665 10.93 14.97 -2.63
CA GLY A 665 10.60 15.17 -4.04
C GLY A 665 10.30 16.59 -4.47
N SER A 666 10.72 17.58 -3.68
CA SER A 666 10.42 19.00 -3.93
C SER A 666 11.44 19.82 -4.74
N ALA A 667 12.69 19.36 -4.94
CA ALA A 667 13.73 20.12 -5.66
C ALA A 667 14.87 19.21 -6.14
N THR A 668 15.09 19.17 -7.46
CA THR A 668 16.20 18.39 -8.04
C THR A 668 17.53 19.01 -7.64
N GLY A 669 18.55 18.18 -7.47
CA GLY A 669 19.87 18.62 -7.04
C GLY A 669 20.89 18.63 -8.15
N ASP A 670 22.17 18.51 -7.77
CA ASP A 670 23.27 18.54 -8.73
C ASP A 670 24.35 17.50 -8.40
N GLU A 671 24.08 16.62 -7.43
CA GLU A 671 25.06 15.62 -6.99
C GLU A 671 25.50 14.67 -8.10
N SER A 672 26.81 14.50 -8.19
CA SER A 672 27.40 13.52 -9.09
C SER A 672 28.36 12.63 -8.28
N TYR A 673 28.44 11.38 -8.67
CA TYR A 673 29.32 10.46 -7.97
C TYR A 673 29.92 9.43 -8.88
N LEU A 674 31.05 8.88 -8.42
CA LEU A 674 31.74 7.77 -9.03
C LEU A 674 32.18 6.83 -7.87
N LEU A 675 31.20 6.08 -7.37
CA LEU A 675 31.37 5.24 -6.18
C LEU A 675 31.97 3.88 -6.46
N PRO A 676 33.11 3.56 -5.80
CA PRO A 676 33.70 2.23 -5.96
C PRO A 676 32.91 1.15 -5.19
N TRP A 677 32.28 0.22 -5.92
CA TRP A 677 31.55 -0.89 -5.30
C TRP A 677 32.46 -2.09 -5.26
N MET A 678 33.11 -2.31 -4.12
CA MET A 678 34.13 -3.34 -3.94
C MET A 678 33.64 -4.67 -3.43
N TRP A 679 32.37 -4.74 -3.04
CA TRP A 679 31.80 -5.87 -2.36
C TRP A 679 30.87 -6.69 -3.19
N ASP A 680 30.70 -7.96 -2.79
CA ASP A 680 29.76 -8.88 -3.43
C ASP A 680 28.38 -8.63 -2.78
N SER A 681 27.32 -9.17 -3.39
CA SER A 681 25.96 -8.96 -2.94
C SER A 681 25.48 -10.00 -1.93
N PHE A 682 26.40 -10.87 -1.51
CA PHE A 682 26.12 -11.96 -0.58
C PHE A 682 26.61 -11.62 0.82
N THR A 683 27.80 -12.09 1.23
CA THR A 683 28.35 -11.76 2.55
C THR A 683 29.12 -10.44 2.54
N GLY A 684 29.20 -9.77 1.39
CA GLY A 684 29.89 -8.51 1.24
C GLY A 684 31.40 -8.60 1.30
N LYS A 685 31.97 -9.69 0.80
CA LYS A 685 33.42 -9.86 0.77
C LYS A 685 33.95 -9.10 -0.45
N LEU A 686 35.25 -8.77 -0.46
CA LEU A 686 35.86 -8.09 -1.59
C LEU A 686 35.83 -9.00 -2.80
N VAL A 687 35.40 -8.48 -3.95
CA VAL A 687 35.38 -9.24 -5.21
C VAL A 687 36.79 -9.18 -5.87
N LYS A 688 37.04 -10.01 -6.89
CA LYS A 688 38.32 -10.01 -7.61
C LYS A 688 38.41 -8.82 -8.59
N ASP A 689 39.65 -8.44 -8.99
CA ASP A 689 39.99 -7.34 -9.92
C ASP A 689 39.08 -7.23 -11.16
N SER A 690 38.83 -8.32 -11.87
CA SER A 690 37.97 -8.31 -13.07
C SER A 690 36.48 -7.98 -12.74
N GLU A 691 36.11 -8.08 -11.46
CA GLU A 691 34.74 -7.83 -11.01
C GLU A 691 34.57 -6.48 -10.30
N GLN A 692 35.70 -5.81 -9.93
CA GLN A 692 35.68 -4.51 -9.26
C GLN A 692 35.03 -3.46 -10.17
N LYS A 693 34.15 -2.63 -9.61
CA LYS A 693 33.42 -1.67 -10.43
C LYS A 693 33.10 -0.35 -9.74
N LEU A 694 32.71 0.64 -10.56
CA LEU A 694 32.31 1.97 -10.11
C LEU A 694 30.91 2.28 -10.62
N TYR A 695 30.03 2.79 -9.74
CA TYR A 695 28.72 3.25 -10.18
C TYR A 695 28.83 4.77 -10.42
N HIS A 696 28.35 5.23 -11.58
CA HIS A 696 28.33 6.64 -11.93
C HIS A 696 26.90 7.21 -12.00
N TRP A 697 26.71 8.39 -11.42
CA TRP A 697 25.45 9.11 -11.42
C TRP A 697 25.74 10.60 -11.55
N ASN A 698 24.99 11.28 -12.40
CA ASN A 698 25.07 12.73 -12.61
C ASN A 698 23.63 13.25 -12.63
N THR A 699 23.19 13.92 -11.54
CA THR A 699 21.80 14.44 -11.37
C THR A 699 21.33 15.32 -12.55
N LYS A 700 22.07 16.41 -12.85
CA LYS A 700 21.71 17.33 -13.92
C LYS A 700 22.14 16.84 -15.30
N GLY A 701 22.99 15.81 -15.35
CA GLY A 701 23.57 15.32 -16.60
C GLY A 701 24.69 16.24 -17.02
N GLY A 702 25.56 15.76 -17.89
CA GLY A 702 26.68 16.56 -18.34
C GLY A 702 27.98 15.79 -18.30
N THR A 703 29.10 16.51 -18.23
CA THR A 703 30.43 15.91 -18.23
C THR A 703 31.18 16.24 -16.94
N THR A 704 31.78 15.21 -16.31
CA THR A 704 32.56 15.32 -15.08
C THR A 704 33.82 14.49 -15.23
N THR A 705 34.93 14.97 -14.59
CA THR A 705 36.26 14.33 -14.60
C THR A 705 36.57 13.84 -13.19
N TRP A 706 37.04 12.59 -13.04
CA TRP A 706 37.31 11.96 -11.75
C TRP A 706 38.67 11.30 -11.70
N THR A 707 39.26 11.19 -10.49
CA THR A 707 40.49 10.46 -10.25
C THR A 707 40.03 9.05 -9.89
N LEU A 708 40.48 8.04 -10.64
CA LEU A 708 40.12 6.65 -10.38
C LEU A 708 40.75 6.13 -9.06
N PRO A 709 40.25 5.06 -8.40
CA PRO A 709 40.94 4.55 -7.19
C PRO A 709 42.36 4.06 -7.53
N ASP A 710 43.25 4.02 -6.54
CA ASP A 710 44.66 3.62 -6.70
C ASP A 710 44.90 2.36 -7.54
N SER A 711 44.10 1.28 -7.33
CA SER A 711 44.23 0.03 -8.08
C SER A 711 43.89 0.14 -9.58
N TRP A 712 43.38 1.31 -10.03
CA TRP A 712 42.99 1.56 -11.44
C TRP A 712 43.92 2.61 -12.08
N LYS A 713 44.89 3.18 -11.32
CA LYS A 713 45.72 4.31 -11.77
C LYS A 713 46.61 4.02 -13.01
N ASN A 714 46.93 2.76 -13.30
CA ASN A 714 47.78 2.44 -14.44
C ASN A 714 47.04 1.89 -15.66
N LEU A 715 45.69 1.85 -15.62
CA LEU A 715 44.88 1.40 -16.74
C LEU A 715 44.94 2.44 -17.85
N SER A 716 44.77 2.02 -19.11
CA SER A 716 44.79 2.91 -20.27
C SER A 716 43.36 3.27 -20.65
N SER A 717 42.41 2.40 -20.29
CA SER A 717 41.01 2.59 -20.60
C SER A 717 40.11 1.88 -19.60
N VAL A 718 38.81 2.22 -19.61
CA VAL A 718 37.75 1.61 -18.79
C VAL A 718 36.56 1.34 -19.72
N LYS A 719 35.61 0.52 -19.25
CA LYS A 719 34.40 0.16 -19.99
C LYS A 719 33.22 0.71 -19.23
N VAL A 720 32.44 1.56 -19.87
CA VAL A 720 31.27 2.18 -19.26
C VAL A 720 30.01 1.61 -19.88
N TYR A 721 29.05 1.19 -19.05
CA TYR A 721 27.78 0.63 -19.52
C TYR A 721 26.64 1.39 -18.93
N GLN A 722 25.64 1.71 -19.75
CA GLN A 722 24.45 2.38 -19.25
C GLN A 722 23.54 1.27 -18.71
N LEU A 723 22.96 1.46 -17.51
CA LEU A 723 22.11 0.43 -16.94
C LEU A 723 20.64 0.66 -17.21
N THR A 724 19.95 -0.40 -17.67
CA THR A 724 18.51 -0.35 -17.99
C THR A 724 17.80 -1.60 -17.42
N ASP A 725 16.48 -1.72 -17.66
CA ASP A 725 15.71 -2.92 -17.27
C ASP A 725 16.12 -4.18 -18.10
N GLN A 726 17.05 -4.00 -19.05
CA GLN A 726 17.60 -5.09 -19.86
C GLN A 726 19.07 -5.37 -19.44
N GLY A 727 19.58 -4.58 -18.50
CA GLY A 727 20.93 -4.73 -17.98
C GLY A 727 21.93 -3.78 -18.59
N LYS A 728 23.16 -4.25 -18.87
CA LYS A 728 24.24 -3.45 -19.45
C LYS A 728 24.02 -3.18 -20.95
N THR A 729 23.85 -1.90 -21.31
CA THR A 729 23.65 -1.45 -22.70
C THR A 729 24.64 -0.31 -23.06
N ASN A 730 24.67 0.06 -24.36
CA ASN A 730 25.46 1.16 -24.93
C ASN A 730 26.88 1.27 -24.38
N CYS A 731 27.64 0.17 -24.47
CA CYS A 731 29.02 0.10 -24.01
C CYS A 731 29.89 1.19 -24.66
N GLN A 732 30.81 1.77 -23.89
CA GLN A 732 31.76 2.80 -24.32
C GLN A 732 33.12 2.52 -23.71
N THR A 733 34.18 2.70 -24.49
CA THR A 733 35.56 2.58 -24.01
C THR A 733 36.00 4.01 -23.73
N VAL A 734 36.39 4.29 -22.49
CA VAL A 734 36.83 5.62 -22.13
C VAL A 734 38.30 5.57 -21.75
N ALA A 735 39.09 6.42 -22.39
CA ALA A 735 40.54 6.58 -22.15
C ALA A 735 40.83 7.08 -20.73
N VAL A 736 41.88 6.53 -20.11
CA VAL A 736 42.38 6.93 -18.80
C VAL A 736 43.70 7.68 -19.06
N SER A 737 43.80 8.95 -18.62
CA SER A 737 45.05 9.74 -18.71
C SER A 737 45.38 10.20 -17.29
N GLY A 738 46.59 9.87 -16.83
CA GLY A 738 47.10 10.27 -15.51
C GLY A 738 46.21 9.86 -14.35
N GLY A 739 45.69 8.63 -14.44
CA GLY A 739 44.80 8.04 -13.44
C GLY A 739 43.42 8.67 -13.34
N LYS A 740 43.03 9.43 -14.39
CA LYS A 740 41.77 10.15 -14.46
C LYS A 740 40.90 9.76 -15.63
N VAL A 741 39.59 9.89 -15.43
CA VAL A 741 38.61 9.59 -16.45
C VAL A 741 37.58 10.74 -16.60
N THR A 742 37.23 11.06 -17.86
CA THR A 742 36.16 12.01 -18.15
C THR A 742 34.90 11.21 -18.56
N LEU A 743 33.79 11.43 -17.86
CA LEU A 743 32.52 10.73 -18.11
C LEU A 743 31.42 11.68 -18.55
N THR A 744 30.78 11.35 -19.69
CA THR A 744 29.62 12.10 -20.21
C THR A 744 28.37 11.29 -19.79
N ALA A 745 27.44 11.94 -19.11
CA ALA A 745 26.26 11.22 -18.62
C ALA A 745 24.96 11.94 -18.87
N ASP A 746 23.89 11.22 -19.22
CA ASP A 746 22.55 11.82 -19.32
C ASP A 746 22.07 12.02 -17.90
N ALA A 747 21.19 13.01 -17.69
CA ALA A 747 20.65 13.32 -16.36
C ALA A 747 19.92 12.14 -15.79
N GLU A 748 20.15 11.88 -14.48
CA GLU A 748 19.47 10.84 -13.72
C GLU A 748 19.46 9.47 -14.42
N THR A 749 20.63 9.06 -14.94
CA THR A 749 20.84 7.83 -15.69
C THR A 749 21.98 7.02 -15.04
N PRO A 750 21.76 5.74 -14.67
CA PRO A 750 22.84 4.96 -14.04
C PRO A 750 23.81 4.33 -15.04
N TYR A 751 25.11 4.39 -14.70
CA TYR A 751 26.20 3.82 -15.48
C TYR A 751 27.05 2.99 -14.53
N VAL A 752 27.67 1.94 -15.03
CA VAL A 752 28.57 1.08 -14.26
C VAL A 752 29.88 0.99 -15.04
N VAL A 753 30.98 1.17 -14.33
CA VAL A 753 32.32 1.22 -14.92
C VAL A 753 33.12 -0.03 -14.51
N TYR A 754 33.66 -0.73 -15.50
CA TYR A 754 34.54 -1.90 -15.30
C TYR A 754 35.91 -1.62 -15.91
N LYS A 755 36.93 -2.38 -15.46
CA LYS A 755 38.32 -2.29 -15.93
C LYS A 755 38.46 -2.88 -17.35
N GLY A 756 37.56 -3.78 -17.71
CA GLY A 756 37.51 -4.44 -19.01
C GLY A 756 36.11 -4.87 -19.37
N CYS A 757 35.98 -5.62 -20.47
CA CYS A 757 34.69 -6.13 -20.94
C CYS A 757 34.05 -6.99 -19.84
N ALA A 758 32.79 -6.68 -19.50
CA ALA A 758 32.03 -7.40 -18.48
C ALA A 758 30.86 -8.11 -19.13
N LYS A 759 30.62 -9.38 -18.72
CA LYS A 759 29.52 -10.19 -19.26
C LYS A 759 28.19 -9.76 -18.66
N GLN A 760 27.09 -10.02 -19.39
CA GLN A 760 25.74 -9.69 -18.95
C GLN A 760 25.30 -10.68 -17.86
N ILE A 761 24.51 -10.20 -16.87
CA ILE A 761 23.94 -11.07 -15.82
C ILE A 761 22.94 -12.01 -16.54
N GLN A 762 23.07 -13.34 -16.32
CA GLN A 762 22.14 -14.27 -16.97
C GLN A 762 20.79 -14.31 -16.26
N VAL A 763 19.72 -14.17 -17.06
CA VAL A 763 18.34 -14.16 -16.58
C VAL A 763 17.50 -15.06 -17.48
N ASN A 764 16.87 -16.06 -16.86
CA ASN A 764 15.92 -16.97 -17.52
C ASN A 764 14.58 -16.56 -16.95
N TRP A 765 13.80 -15.82 -17.74
CA TRP A 765 12.52 -15.29 -17.28
C TRP A 765 11.47 -16.35 -17.01
N SER A 766 10.68 -16.11 -15.96
CA SER A 766 9.52 -16.87 -15.52
C SER A 766 9.78 -18.38 -15.21
N GLU A 767 10.82 -18.65 -14.40
CA GLU A 767 11.12 -20.01 -13.93
C GLU A 767 9.97 -20.55 -13.06
N GLY A 768 9.55 -21.78 -13.36
CA GLY A 768 8.47 -22.48 -12.71
C GLY A 768 7.08 -22.03 -13.10
N MET A 769 6.99 -21.11 -14.08
CA MET A 769 5.73 -20.50 -14.50
C MET A 769 5.08 -21.18 -15.73
N HIS A 770 5.70 -22.25 -16.25
CA HIS A 770 5.23 -23.10 -17.37
C HIS A 770 5.39 -22.44 -18.77
N VAL A 771 5.82 -21.16 -18.82
CA VAL A 771 6.14 -20.37 -20.02
C VAL A 771 7.38 -19.52 -19.73
N VAL A 772 8.12 -19.13 -20.78
CA VAL A 772 9.28 -18.22 -20.64
C VAL A 772 8.77 -16.78 -20.92
N ASP A 773 9.01 -15.88 -19.94
CA ASP A 773 8.67 -14.46 -19.95
C ASP A 773 7.14 -14.21 -20.00
N ALA A 774 6.47 -14.63 -18.90
CA ALA A 774 5.02 -14.48 -18.70
C ALA A 774 4.60 -13.03 -18.46
N GLY A 775 5.56 -12.18 -18.05
CA GLY A 775 5.31 -10.78 -17.73
C GLY A 775 5.83 -9.79 -18.74
N PHE A 776 6.42 -10.29 -19.84
CA PHE A 776 6.94 -9.53 -21.00
C PHE A 776 8.03 -8.54 -20.59
N ASN A 777 8.98 -9.02 -19.77
CA ASN A 777 10.13 -8.28 -19.25
C ASN A 777 11.41 -8.46 -20.11
N GLY A 778 11.37 -9.31 -21.13
CA GLY A 778 12.52 -9.62 -21.97
C GLY A 778 12.80 -8.70 -23.13
N GLY A 779 12.18 -7.52 -23.12
CA GLY A 779 12.30 -6.51 -24.17
C GLY A 779 11.70 -6.95 -25.49
N SER A 780 12.07 -6.29 -26.60
CA SER A 780 11.59 -6.65 -27.95
C SER A 780 12.05 -8.04 -28.38
N ASN A 781 13.21 -8.46 -27.90
CA ASN A 781 13.81 -9.74 -28.20
C ASN A 781 12.94 -10.93 -27.75
N THR A 782 12.10 -10.78 -26.70
CA THR A 782 11.23 -11.82 -26.19
C THR A 782 10.27 -12.36 -27.26
N LEU A 783 9.91 -11.50 -28.25
CA LEU A 783 9.01 -11.82 -29.35
C LEU A 783 9.70 -12.55 -30.50
N THR A 784 11.00 -12.86 -30.33
CA THR A 784 11.84 -13.56 -31.28
C THR A 784 12.09 -15.00 -30.83
N CYS A 785 12.72 -15.24 -29.66
CA CYS A 785 12.96 -16.65 -29.29
C CYS A 785 12.14 -17.17 -28.12
N ASN A 786 11.35 -16.33 -27.41
CA ASN A 786 10.50 -16.84 -26.33
C ASN A 786 9.08 -17.04 -26.84
N TRP A 787 8.49 -16.01 -27.47
CA TRP A 787 7.14 -16.05 -28.00
C TRP A 787 7.20 -16.04 -29.53
N THR A 788 6.40 -16.86 -30.22
CA THR A 788 6.38 -16.85 -31.69
C THR A 788 5.19 -16.05 -32.19
N VAL A 789 5.46 -15.11 -33.11
CA VAL A 789 4.49 -14.20 -33.70
C VAL A 789 4.18 -14.63 -35.15
N SER A 790 2.87 -14.63 -35.52
CA SER A 790 2.36 -14.95 -36.86
C SER A 790 1.14 -14.08 -37.21
N GLY A 791 0.92 -13.86 -38.51
CA GLY A 791 -0.19 -13.04 -38.98
C GLY A 791 0.23 -11.75 -39.65
N SER A 792 -0.73 -11.09 -40.30
CA SER A 792 -0.58 -9.84 -41.03
C SER A 792 -0.38 -8.64 -40.09
N GLY A 793 -0.89 -8.78 -38.87
CA GLY A 793 -0.82 -7.74 -37.84
C GLY A 793 0.53 -7.61 -37.18
N LYS A 794 0.57 -6.85 -36.09
CA LYS A 794 1.83 -6.63 -35.37
C LYS A 794 1.73 -6.91 -33.85
N ALA A 795 2.83 -7.45 -33.31
CA ALA A 795 3.01 -7.73 -31.88
C ALA A 795 4.23 -6.94 -31.42
N GLU A 796 4.03 -6.12 -30.38
CA GLU A 796 5.06 -5.28 -29.78
C GLU A 796 5.07 -5.47 -28.27
N VAL A 797 6.23 -5.24 -27.64
CA VAL A 797 6.36 -5.19 -26.19
C VAL A 797 6.29 -3.66 -25.94
N GLU A 798 5.21 -3.22 -25.25
CA GLU A 798 4.91 -1.82 -25.04
C GLU A 798 4.76 -1.44 -23.55
N GLY A 799 5.15 -0.21 -23.23
CA GLY A 799 5.05 0.35 -21.89
C GLY A 799 6.40 0.49 -21.20
N ASP A 800 6.72 1.71 -20.73
CA ASP A 800 8.02 2.04 -20.10
C ASP A 800 8.07 1.76 -18.60
N ASN A 801 6.94 1.31 -18.04
CA ASN A 801 6.78 0.96 -16.65
C ASN A 801 6.65 -0.59 -16.56
N ASN A 802 5.43 -1.12 -16.39
CA ASN A 802 5.17 -2.55 -16.38
C ASN A 802 4.90 -2.95 -17.84
N ALA A 803 5.91 -3.55 -18.51
CA ALA A 803 5.80 -3.89 -19.94
C ALA A 803 4.71 -4.91 -20.26
N MET A 804 3.95 -4.66 -21.33
CA MET A 804 2.85 -5.52 -21.75
C MET A 804 3.03 -5.97 -23.20
N LEU A 805 2.25 -6.97 -23.62
CA LEU A 805 2.21 -7.37 -25.01
C LEU A 805 1.09 -6.54 -25.66
N ARG A 806 1.41 -5.84 -26.76
CA ARG A 806 0.42 -5.05 -27.46
C ARG A 806 0.16 -5.64 -28.84
N LEU A 807 -1.12 -5.85 -29.18
CA LEU A 807 -1.50 -6.40 -30.47
C LEU A 807 -2.35 -5.46 -31.27
N THR A 808 -2.05 -5.37 -32.57
CA THR A 808 -2.78 -4.59 -33.58
C THR A 808 -3.01 -5.48 -34.83
N GLY A 809 -4.24 -5.47 -35.35
CA GLY A 809 -4.58 -6.26 -36.54
C GLY A 809 -4.71 -7.74 -36.25
N LYS A 810 -4.62 -8.56 -37.31
CA LYS A 810 -4.78 -10.02 -37.24
C LYS A 810 -3.43 -10.64 -36.86
N VAL A 811 -3.29 -11.04 -35.58
CA VAL A 811 -2.01 -11.55 -35.09
C VAL A 811 -2.17 -12.60 -33.97
N ASP A 812 -1.24 -13.58 -33.93
CA ASP A 812 -1.20 -14.63 -32.92
C ASP A 812 0.20 -14.70 -32.29
N VAL A 813 0.24 -14.76 -30.95
CA VAL A 813 1.46 -14.89 -30.15
C VAL A 813 1.35 -16.20 -29.38
N SER A 814 2.26 -17.14 -29.68
CA SER A 814 2.24 -18.49 -29.13
C SER A 814 3.49 -18.92 -28.40
N GLN A 815 3.30 -19.86 -27.48
CA GLN A 815 4.38 -20.49 -26.74
C GLN A 815 3.95 -21.82 -26.18
N ARG A 816 4.85 -22.79 -26.27
CA ARG A 816 4.68 -24.14 -25.75
C ARG A 816 4.65 -24.09 -24.20
N LEU A 817 3.75 -24.84 -23.56
CA LEU A 817 3.67 -24.91 -22.10
C LEU A 817 4.60 -26.04 -21.65
N THR A 818 5.40 -25.80 -20.58
CA THR A 818 6.34 -26.78 -20.02
C THR A 818 5.98 -27.18 -18.60
N ASP A 819 6.53 -28.33 -18.15
CA ASP A 819 6.42 -28.88 -16.78
C ASP A 819 4.98 -29.10 -16.29
N LEU A 820 4.07 -29.52 -17.18
CA LEU A 820 2.70 -29.80 -16.75
C LEU A 820 2.57 -31.27 -16.30
N LYS A 821 1.76 -31.51 -15.25
CA LYS A 821 1.49 -32.85 -14.76
C LYS A 821 0.39 -33.44 -15.64
N ALA A 822 0.72 -34.43 -16.48
CA ALA A 822 -0.25 -35.09 -17.36
C ALA A 822 -1.48 -35.57 -16.58
N GLY A 823 -2.66 -35.25 -17.11
CA GLY A 823 -3.93 -35.61 -16.54
C GLY A 823 -4.49 -34.69 -15.47
N GLN A 824 -3.69 -33.72 -15.00
CA GLN A 824 -4.05 -32.75 -13.97
C GLN A 824 -4.81 -31.56 -14.54
N LYS A 825 -5.75 -31.04 -13.74
CA LYS A 825 -6.57 -29.87 -14.08
C LYS A 825 -5.83 -28.56 -13.79
N TYR A 826 -5.83 -27.67 -14.80
CA TYR A 826 -5.19 -26.35 -14.75
C TYR A 826 -6.13 -25.23 -15.15
N ALA A 827 -5.95 -24.07 -14.53
CA ALA A 827 -6.58 -22.83 -14.98
C ALA A 827 -5.42 -22.03 -15.58
N LEU A 828 -5.70 -21.35 -16.67
CA LEU A 828 -4.75 -20.44 -17.28
C LEU A 828 -5.48 -19.13 -17.39
N TYR A 829 -4.97 -18.09 -16.75
CA TYR A 829 -5.57 -16.78 -16.89
C TYR A 829 -4.53 -15.79 -17.32
N VAL A 830 -4.97 -14.72 -17.96
CA VAL A 830 -4.15 -13.65 -18.51
C VAL A 830 -4.91 -12.33 -18.34
N GLY A 831 -4.16 -11.27 -18.04
CA GLY A 831 -4.71 -9.94 -17.95
C GLY A 831 -4.94 -9.47 -19.37
N VAL A 832 -6.13 -8.91 -19.65
CA VAL A 832 -6.44 -8.44 -20.98
C VAL A 832 -7.17 -7.08 -20.94
N ASP A 833 -6.69 -6.13 -21.76
CA ASP A 833 -7.33 -4.83 -21.96
C ASP A 833 -7.56 -4.70 -23.48
N ASN A 834 -8.82 -4.87 -23.91
CA ASN A 834 -9.20 -4.80 -25.33
C ASN A 834 -9.94 -3.51 -25.69
N ARG A 835 -9.30 -2.67 -26.54
CA ARG A 835 -9.84 -1.38 -27.00
C ARG A 835 -10.54 -1.49 -28.36
N SER A 836 -10.36 -2.65 -29.00
CA SER A 836 -10.92 -3.05 -30.29
C SER A 836 -12.32 -3.66 -30.15
N THR A 837 -13.14 -3.53 -31.21
CA THR A 837 -14.47 -4.15 -31.24
C THR A 837 -14.32 -5.65 -31.60
N GLY A 838 -13.20 -5.98 -32.25
CA GLY A 838 -12.79 -7.33 -32.62
C GLY A 838 -12.34 -8.11 -31.40
N ASP A 839 -12.65 -9.41 -31.37
CA ASP A 839 -12.34 -10.31 -30.25
C ASP A 839 -10.85 -10.50 -29.98
N ALA A 840 -10.52 -10.51 -28.69
CA ALA A 840 -9.17 -10.78 -28.21
C ALA A 840 -9.29 -12.17 -27.56
N SER A 841 -8.35 -13.09 -27.85
CA SER A 841 -8.52 -14.46 -27.35
C SER A 841 -7.35 -15.09 -26.63
N VAL A 842 -7.66 -16.13 -25.84
CA VAL A 842 -6.69 -16.99 -25.17
C VAL A 842 -7.13 -18.47 -25.46
N THR A 843 -6.20 -19.24 -26.04
CA THR A 843 -6.46 -20.60 -26.47
C THR A 843 -5.33 -21.52 -26.08
N VAL A 844 -5.69 -22.71 -25.58
CA VAL A 844 -4.77 -23.79 -25.24
C VAL A 844 -5.04 -24.90 -26.27
N THR A 845 -3.97 -25.33 -26.96
CA THR A 845 -4.02 -26.37 -27.98
C THR A 845 -3.05 -27.50 -27.68
N SER A 846 -3.40 -28.72 -28.12
CA SER A 846 -2.57 -29.92 -28.01
C SER A 846 -2.52 -30.53 -29.43
N GLY A 847 -1.33 -30.47 -30.03
CA GLY A 847 -1.13 -30.89 -31.41
C GLY A 847 -1.71 -29.79 -32.26
N GLY A 848 -2.94 -29.99 -32.70
CA GLY A 848 -3.69 -28.99 -33.44
C GLY A 848 -5.04 -28.75 -32.80
N LYS A 849 -5.47 -29.73 -31.97
CA LYS A 849 -6.74 -29.76 -31.24
C LYS A 849 -6.83 -28.66 -30.20
N VAL A 850 -7.98 -27.98 -30.14
CA VAL A 850 -8.29 -26.92 -29.18
C VAL A 850 -8.75 -27.60 -27.87
N LEU A 851 -8.00 -27.41 -26.76
CA LEU A 851 -8.37 -27.97 -25.45
C LEU A 851 -9.36 -27.02 -24.74
N ALA A 852 -9.10 -25.70 -24.82
CA ALA A 852 -9.94 -24.64 -24.23
C ALA A 852 -9.68 -23.33 -24.98
N THR A 853 -10.69 -22.44 -24.99
CA THR A 853 -10.60 -21.10 -25.60
C THR A 853 -11.57 -20.11 -24.93
N ASN A 854 -11.17 -18.82 -24.95
CA ASN A 854 -12.00 -17.74 -24.42
C ASN A 854 -11.70 -16.48 -25.18
N SER A 855 -12.66 -15.56 -25.17
CA SER A 855 -12.58 -14.31 -25.90
C SER A 855 -13.23 -13.20 -25.14
N THR A 856 -12.87 -11.98 -25.55
CA THR A 856 -13.41 -10.73 -25.05
C THR A 856 -13.58 -9.80 -26.25
N GLY A 857 -14.70 -9.08 -26.26
CA GLY A 857 -14.94 -8.01 -27.21
C GLY A 857 -14.28 -6.78 -26.61
N LYS A 858 -14.84 -5.59 -26.88
CA LYS A 858 -14.31 -4.36 -26.30
C LYS A 858 -14.52 -4.43 -24.78
N SER A 859 -13.44 -4.26 -24.02
CA SER A 859 -13.47 -4.32 -22.57
C SER A 859 -14.45 -3.27 -22.00
N ILE A 860 -15.34 -3.70 -21.10
CA ILE A 860 -16.38 -2.81 -20.54
C ILE A 860 -16.16 -2.44 -19.05
N ALA A 861 -15.14 -2.98 -18.37
CA ALA A 861 -14.93 -2.67 -16.95
C ALA A 861 -13.52 -2.19 -16.66
N LYS A 862 -13.41 -0.98 -16.10
CA LYS A 862 -12.13 -0.39 -15.69
C LYS A 862 -11.58 -1.14 -14.47
N ASN A 863 -10.25 -1.18 -14.33
CA ASN A 863 -9.60 -1.83 -13.19
C ASN A 863 -9.51 -0.92 -11.93
N TYR A 864 -10.13 -1.35 -10.82
CA TYR A 864 -10.13 -0.55 -9.58
C TYR A 864 -9.28 -1.14 -8.43
N ILE A 865 -8.41 -2.11 -8.75
CA ILE A 865 -7.57 -2.82 -7.78
C ILE A 865 -6.28 -2.04 -7.53
N LYS A 866 -6.21 -1.32 -6.38
CA LYS A 866 -5.09 -0.46 -6.01
C LYS A 866 -3.72 -1.15 -6.05
N ALA A 867 -3.60 -2.38 -5.49
CA ALA A 867 -2.33 -3.11 -5.41
C ALA A 867 -1.90 -3.79 -6.72
N TYR A 868 -2.74 -3.71 -7.74
CA TYR A 868 -2.50 -4.37 -9.01
C TYR A 868 -1.73 -3.47 -9.99
N GLY A 869 -0.83 -4.09 -10.74
CA GLY A 869 0.04 -3.45 -11.73
C GLY A 869 -0.63 -2.76 -12.91
N HIS A 870 -1.90 -3.06 -13.21
CA HIS A 870 -2.55 -2.35 -14.33
C HIS A 870 -3.91 -1.79 -13.97
N ASN A 871 -4.02 -1.06 -12.86
CA ASN A 871 -5.30 -0.45 -12.49
C ASN A 871 -5.55 0.83 -13.35
N THR A 872 -6.78 1.40 -13.31
CA THR A 872 -7.17 2.53 -14.17
C THR A 872 -6.40 3.86 -13.85
N ASN A 873 -5.50 3.87 -12.85
CA ASN A 873 -4.65 5.04 -12.58
C ASN A 873 -3.30 4.88 -13.25
N SER A 874 -3.00 3.71 -13.88
CA SER A 874 -1.69 3.44 -14.51
C SER A 874 -1.58 3.73 -16.02
N ASN A 875 -2.65 4.21 -16.66
CA ASN A 875 -2.65 4.57 -18.09
C ASN A 875 -2.11 3.47 -19.04
N THR A 876 -2.96 2.48 -19.33
CA THR A 876 -2.62 1.43 -20.31
C THR A 876 -2.69 2.10 -21.69
N GLU A 877 -3.71 2.95 -21.88
CA GLU A 877 -3.96 3.75 -23.08
C GLU A 877 -5.06 4.74 -22.77
N ASN A 878 -4.88 6.00 -23.24
CA ASN A 878 -5.87 7.08 -23.17
C ASN A 878 -6.31 7.46 -21.75
N GLY A 879 -5.40 7.29 -20.78
CA GLY A 879 -5.62 7.63 -19.38
C GLY A 879 -6.57 6.73 -18.63
N SER A 880 -6.57 5.44 -18.97
CA SER A 880 -7.43 4.46 -18.33
C SER A 880 -6.83 3.07 -18.48
N SER A 881 -7.39 2.10 -17.75
CA SER A 881 -7.01 0.69 -17.84
C SER A 881 -8.24 -0.16 -17.57
N TYR A 882 -8.50 -1.06 -18.52
CA TYR A 882 -9.63 -1.99 -18.51
C TYR A 882 -9.17 -3.43 -18.25
N PHE A 883 -7.89 -3.62 -17.81
CA PHE A 883 -7.31 -4.95 -17.53
C PHE A 883 -8.17 -5.75 -16.56
N GLN A 884 -8.55 -6.94 -16.99
CA GLN A 884 -9.31 -7.92 -16.23
C GLN A 884 -8.83 -9.31 -16.65
N ASN A 885 -8.78 -10.26 -15.70
CA ASN A 885 -8.27 -11.61 -15.97
C ASN A 885 -9.24 -12.47 -16.75
N MET A 886 -8.75 -13.00 -17.88
CA MET A 886 -9.49 -13.89 -18.81
C MET A 886 -8.99 -15.32 -18.59
N TYR A 887 -9.93 -16.24 -18.28
CA TYR A 887 -9.65 -17.63 -17.91
C TYR A 887 -9.98 -18.67 -18.95
N VAL A 888 -9.19 -19.74 -18.93
CA VAL A 888 -9.42 -21.00 -19.63
C VAL A 888 -9.14 -22.12 -18.64
N PHE A 889 -9.97 -23.16 -18.65
CA PHE A 889 -9.83 -24.33 -17.80
C PHE A 889 -9.57 -25.52 -18.69
N PHE A 890 -8.47 -26.26 -18.44
CA PHE A 890 -8.13 -27.44 -19.26
C PHE A 890 -7.43 -28.56 -18.43
N THR A 891 -7.35 -29.75 -19.01
CA THR A 891 -6.65 -30.90 -18.40
C THR A 891 -5.36 -31.04 -19.16
N ALA A 892 -4.21 -31.17 -18.46
CA ALA A 892 -2.90 -31.32 -19.11
C ALA A 892 -2.91 -32.62 -19.96
N PRO A 893 -2.55 -32.51 -21.28
CA PRO A 893 -2.62 -33.70 -22.16
C PRO A 893 -1.65 -34.83 -21.85
N GLU A 894 -2.02 -36.09 -22.19
CA GLU A 894 -1.15 -37.26 -21.96
C GLU A 894 0.15 -37.22 -22.80
N ASN A 895 0.12 -36.61 -24.02
CA ASN A 895 1.32 -36.45 -24.86
C ASN A 895 2.33 -35.43 -24.31
N GLY A 896 1.88 -34.58 -23.38
CA GLY A 896 2.73 -33.56 -22.78
C GLY A 896 3.02 -32.39 -23.70
N ASP A 897 2.21 -32.26 -24.77
CA ASP A 897 2.31 -31.17 -25.73
C ASP A 897 1.09 -30.26 -25.57
N ALA A 898 1.32 -29.04 -25.07
CA ALA A 898 0.30 -28.02 -24.87
C ALA A 898 0.90 -26.68 -25.26
N THR A 899 0.10 -25.79 -25.85
CA THR A 899 0.55 -24.49 -26.31
C THR A 899 -0.52 -23.46 -25.98
N VAL A 900 -0.07 -22.25 -25.54
CA VAL A 900 -0.94 -21.09 -25.31
C VAL A 900 -0.81 -20.14 -26.50
N THR A 901 -1.95 -19.56 -26.94
CA THR A 901 -1.98 -18.57 -28.00
C THR A 901 -2.81 -17.37 -27.55
N LEU A 902 -2.21 -16.18 -27.66
CA LEU A 902 -2.82 -14.88 -27.39
C LEU A 902 -3.09 -14.28 -28.78
N SER A 903 -4.35 -13.91 -29.06
CA SER A 903 -4.65 -13.46 -30.40
C SER A 903 -5.64 -12.31 -30.49
N HIS A 904 -5.56 -11.62 -31.64
CA HIS A 904 -6.42 -10.53 -32.06
C HIS A 904 -6.87 -10.95 -33.46
N LYS A 905 -8.18 -10.91 -33.68
CA LYS A 905 -8.80 -11.41 -34.90
C LYS A 905 -8.99 -10.33 -35.99
N SER A 906 -9.69 -9.20 -35.67
CA SER A 906 -10.00 -8.14 -36.65
C SER A 906 -8.78 -7.35 -37.13
N THR A 907 -8.90 -6.76 -38.32
CA THR A 907 -7.85 -5.99 -38.97
C THR A 907 -7.82 -4.50 -38.56
N ASP A 908 -8.77 -4.03 -37.69
CA ASP A 908 -8.81 -2.63 -37.24
C ASP A 908 -7.51 -2.20 -36.51
N GLY A 909 -7.27 -0.90 -36.44
CA GLY A 909 -6.06 -0.34 -35.83
C GLY A 909 -6.07 -0.19 -34.32
N ALA A 910 -7.19 -0.55 -33.64
CA ALA A 910 -7.30 -0.46 -32.18
C ALA A 910 -6.43 -1.51 -31.50
N HIS A 911 -5.98 -1.21 -30.29
CA HIS A 911 -5.05 -2.08 -29.57
C HIS A 911 -5.69 -3.04 -28.59
N THR A 912 -4.98 -4.13 -28.34
CA THR A 912 -5.31 -5.11 -27.32
C THR A 912 -4.02 -5.36 -26.53
N TYR A 913 -4.15 -5.30 -25.21
CA TYR A 913 -3.04 -5.48 -24.28
C TYR A 913 -3.24 -6.76 -23.46
N PHE A 914 -2.14 -7.50 -23.30
CA PHE A 914 -2.04 -8.72 -22.53
C PHE A 914 -0.85 -8.62 -21.61
N ASP A 915 -1.00 -9.16 -20.41
CA ASP A 915 0.08 -9.26 -19.45
C ASP A 915 -0.17 -10.38 -18.46
N ASP A 916 0.92 -10.96 -17.94
CA ASP A 916 0.93 -11.94 -16.85
C ASP A 916 0.17 -13.21 -17.16
N VAL A 917 0.79 -14.04 -17.98
CA VAL A 917 0.24 -15.33 -18.34
C VAL A 917 0.44 -16.24 -17.12
N ARG A 918 -0.65 -16.65 -16.46
CA ARG A 918 -0.56 -17.52 -15.29
C ARG A 918 -1.21 -18.90 -15.51
N ILE A 919 -0.39 -19.96 -15.46
CA ILE A 919 -0.79 -21.37 -15.55
C ILE A 919 -0.73 -21.90 -14.11
N VAL A 920 -1.89 -22.25 -13.53
CA VAL A 920 -1.94 -22.74 -12.13
C VAL A 920 -2.84 -24.01 -11.97
N GLU A 921 -2.39 -25.00 -11.16
CA GLU A 921 -3.21 -26.19 -10.87
C GLU A 921 -4.50 -25.71 -10.22
N ASN A 922 -5.64 -26.10 -10.79
CA ASN A 922 -6.93 -25.62 -10.29
C ASN A 922 -8.01 -26.67 -10.52
N GLN A 923 -8.90 -26.88 -9.53
CA GLN A 923 -9.95 -27.91 -9.63
C GLN A 923 -11.34 -27.42 -10.02
N TYR A 924 -11.50 -26.12 -10.38
CA TYR A 924 -12.80 -25.60 -10.82
C TYR A 924 -13.24 -26.32 -12.09
N SER A 925 -14.51 -26.78 -12.10
CA SER A 925 -15.11 -27.46 -13.24
C SER A 925 -16.62 -27.13 -13.41
N GLY A 926 -17.02 -25.91 -13.03
CA GLY A 926 -18.40 -25.46 -13.05
C GLY A 926 -18.93 -24.84 -14.33
N ILE A 927 -18.19 -24.94 -15.45
CA ILE A 927 -18.63 -24.41 -16.76
C ILE A 927 -18.98 -25.53 -17.73
N THR A 928 -20.24 -25.57 -18.18
CA THR A 928 -20.63 -26.53 -19.21
C THR A 928 -21.01 -25.71 -20.43
N TYR A 929 -20.61 -26.19 -21.61
CA TYR A 929 -20.90 -25.52 -22.88
C TYR A 929 -21.99 -26.25 -23.69
N GLU A 930 -22.42 -25.62 -24.79
CA GLU A 930 -23.32 -26.17 -25.79
C GLU A 930 -22.38 -26.74 -26.86
N LYS A 931 -22.92 -27.39 -27.92
CA LYS A 931 -22.09 -27.96 -28.99
C LYS A 931 -21.37 -26.87 -29.80
N ASP A 932 -22.02 -25.69 -29.99
CA ASP A 932 -21.45 -24.55 -30.73
C ASP A 932 -20.38 -23.73 -29.96
N GLY A 933 -20.09 -24.15 -28.72
CA GLY A 933 -19.09 -23.50 -27.88
C GLY A 933 -19.63 -22.40 -26.98
N THR A 934 -20.93 -22.07 -27.08
CA THR A 934 -21.55 -21.05 -26.22
C THR A 934 -21.87 -21.65 -24.85
N LEU A 935 -22.13 -20.79 -23.86
CA LEU A 935 -22.44 -21.18 -22.49
C LEU A 935 -23.82 -21.85 -22.34
N LYS A 936 -23.82 -23.05 -21.72
CA LYS A 936 -25.03 -23.80 -21.37
C LYS A 936 -25.30 -23.46 -19.88
N SER A 937 -24.26 -23.57 -19.03
CA SER A 937 -24.35 -23.26 -17.61
C SER A 937 -23.02 -22.92 -16.96
N LEU A 938 -23.13 -22.10 -15.90
CA LEU A 938 -22.01 -21.71 -15.07
C LEU A 938 -22.44 -21.79 -13.60
N THR A 939 -21.72 -22.62 -12.81
CA THR A 939 -21.96 -22.73 -11.37
C THR A 939 -20.70 -22.33 -10.62
N ASN A 940 -20.85 -21.68 -9.47
CA ASN A 940 -19.72 -21.34 -8.62
C ASN A 940 -20.10 -21.22 -7.14
N GLY A 941 -19.43 -22.01 -6.33
CA GLY A 941 -19.53 -21.98 -4.88
C GLY A 941 -18.30 -21.29 -4.29
N PHE A 942 -17.39 -20.80 -5.19
CA PHE A 942 -16.15 -20.04 -4.93
C PHE A 942 -15.13 -20.85 -4.09
N GLU A 943 -15.19 -22.20 -4.20
CA GLU A 943 -14.31 -23.12 -3.46
C GLU A 943 -12.99 -23.37 -4.19
N ASN A 944 -12.95 -23.14 -5.52
CA ASN A 944 -11.75 -23.36 -6.32
C ASN A 944 -11.34 -22.15 -7.15
N ASN A 945 -11.53 -20.92 -6.63
CA ASN A 945 -11.15 -19.70 -7.37
C ASN A 945 -9.65 -19.51 -7.36
N ALA A 946 -9.04 -19.36 -8.55
CA ALA A 946 -7.59 -19.16 -8.71
C ALA A 946 -7.18 -17.85 -8.03
N GLN A 947 -8.06 -16.82 -8.12
CA GLN A 947 -7.91 -15.49 -7.53
C GLN A 947 -9.21 -14.68 -7.72
N GLY A 948 -9.29 -13.55 -7.01
CA GLY A 948 -10.40 -12.62 -7.12
C GLY A 948 -11.78 -13.18 -6.88
N ILE A 949 -12.81 -12.45 -7.31
CA ILE A 949 -14.18 -12.85 -7.10
C ILE A 949 -14.84 -13.38 -8.38
N TRP A 950 -14.04 -13.96 -9.29
CA TRP A 950 -14.47 -14.57 -10.57
C TRP A 950 -15.76 -15.42 -10.38
N PRO A 951 -16.79 -15.35 -11.27
CA PRO A 951 -16.86 -14.61 -12.55
C PRO A 951 -17.11 -13.12 -12.42
N PHE A 952 -17.28 -12.62 -11.18
CA PHE A 952 -17.44 -11.19 -10.95
C PHE A 952 -16.06 -10.50 -10.98
N VAL A 953 -16.08 -9.18 -11.20
CA VAL A 953 -14.91 -8.30 -11.14
C VAL A 953 -15.36 -7.10 -10.31
N VAL A 954 -14.46 -6.59 -9.48
CA VAL A 954 -14.70 -5.42 -8.61
C VAL A 954 -14.99 -4.15 -9.44
N SER A 955 -16.05 -3.38 -9.04
CA SER A 955 -16.46 -2.13 -9.68
C SER A 955 -15.86 -0.85 -9.00
N GLY A 956 -16.39 0.32 -9.36
CA GLY A 956 -15.89 1.61 -8.90
C GLY A 956 -16.54 2.27 -7.71
N SER A 957 -17.32 1.53 -6.88
CA SER A 957 -17.98 2.15 -5.71
C SER A 957 -17.03 2.90 -4.76
N GLU A 958 -15.73 2.52 -4.74
CA GLU A 958 -14.69 3.13 -3.89
C GLU A 958 -13.55 3.75 -4.71
N GLY A 959 -13.70 3.79 -6.04
CA GLY A 959 -12.64 4.22 -6.94
C GLY A 959 -11.51 3.20 -6.88
N VAL A 960 -10.26 3.60 -7.20
CA VAL A 960 -9.08 2.73 -7.14
C VAL A 960 -8.72 2.61 -5.64
N GLU A 961 -9.00 1.42 -5.09
CA GLU A 961 -8.89 1.16 -3.66
C GLU A 961 -8.41 -0.26 -3.37
N ASP A 962 -8.07 -0.52 -2.10
CA ASP A 962 -7.83 -1.85 -1.55
C ASP A 962 -9.29 -2.19 -1.17
N ASN A 963 -10.03 -2.66 -2.18
CA ASN A 963 -11.49 -2.85 -2.18
C ASN A 963 -11.99 -3.72 -1.07
N ARG A 964 -13.01 -3.21 -0.33
CA ARG A 964 -13.64 -3.88 0.81
C ARG A 964 -14.58 -5.04 0.36
N ILE A 965 -14.09 -5.86 -0.60
CA ILE A 965 -14.76 -7.01 -1.23
C ILE A 965 -13.70 -8.11 -1.40
N HIS A 966 -13.98 -9.32 -0.90
CA HIS A 966 -13.05 -10.46 -1.02
C HIS A 966 -13.76 -11.77 -0.75
N LEU A 967 -13.00 -12.88 -0.83
CA LEU A 967 -13.47 -14.22 -0.51
C LEU A 967 -13.40 -14.43 1.00
N SER A 968 -14.57 -14.51 1.64
CA SER A 968 -14.70 -14.74 3.09
C SER A 968 -14.43 -16.20 3.40
N GLU A 969 -13.83 -16.48 4.59
CA GLU A 969 -13.43 -17.83 5.01
C GLU A 969 -14.16 -18.30 6.27
N LEU A 970 -14.51 -19.59 6.30
CA LEU A 970 -15.19 -20.19 7.44
C LEU A 970 -14.24 -20.53 8.59
N HIS A 971 -14.68 -20.17 9.80
CA HIS A 971 -14.04 -20.50 11.07
C HIS A 971 -15.10 -20.38 12.16
N ALA A 972 -15.92 -21.44 12.27
CA ALA A 972 -17.00 -21.53 13.23
C ALA A 972 -16.47 -21.71 14.64
N PRO A 973 -17.12 -21.11 15.67
CA PRO A 973 -18.36 -20.29 15.61
C PRO A 973 -18.16 -18.79 15.31
N PHE A 974 -16.91 -18.33 15.33
CA PHE A 974 -16.47 -16.92 15.19
C PHE A 974 -16.94 -16.19 13.93
N THR A 975 -16.98 -16.87 12.76
CA THR A 975 -17.41 -16.25 11.49
C THR A 975 -18.92 -16.38 11.27
N ARG A 976 -19.61 -17.11 12.17
CA ARG A 976 -21.04 -17.34 12.07
C ARG A 976 -21.81 -16.27 12.86
N ALA A 977 -23.11 -16.10 12.53
CA ALA A 977 -24.04 -15.21 13.22
C ALA A 977 -24.22 -15.74 14.64
N GLY A 978 -24.29 -14.85 15.62
CA GLY A 978 -24.48 -15.27 17.01
C GLY A 978 -23.26 -15.19 17.90
N TRP A 979 -22.04 -15.17 17.30
CA TRP A 979 -20.81 -15.02 18.09
C TRP A 979 -20.62 -13.53 18.35
N ASP A 980 -20.58 -13.13 19.66
CA ASP A 980 -20.47 -11.72 20.10
C ASP A 980 -21.69 -10.91 19.57
N VAL A 981 -21.48 -9.77 18.87
CA VAL A 981 -22.54 -8.93 18.31
C VAL A 981 -22.79 -9.20 16.81
N LYS A 982 -22.11 -10.22 16.26
CA LYS A 982 -22.19 -10.62 14.85
C LYS A 982 -23.57 -11.19 14.51
N LYS A 983 -24.24 -10.63 13.49
CA LYS A 983 -25.59 -11.06 13.09
C LYS A 983 -25.68 -11.71 11.71
N MET A 984 -24.57 -11.72 10.97
CA MET A 984 -24.51 -12.31 9.63
C MET A 984 -23.39 -13.36 9.55
N ASP A 985 -23.63 -14.42 8.77
CA ASP A 985 -22.62 -15.43 8.51
C ASP A 985 -21.71 -14.89 7.43
N ASP A 986 -20.41 -15.18 7.55
CA ASP A 986 -19.43 -14.79 6.55
C ASP A 986 -19.52 -15.71 5.34
N VAL A 987 -19.81 -17.01 5.59
CA VAL A 987 -19.85 -18.06 4.56
C VAL A 987 -21.22 -18.71 4.51
N LEU A 988 -21.80 -18.81 3.31
CA LEU A 988 -23.15 -19.38 3.15
C LEU A 988 -23.09 -20.88 3.08
N ASP A 989 -22.17 -21.44 2.27
CA ASP A 989 -21.93 -22.88 2.23
C ASP A 989 -20.51 -23.16 1.76
N GLY A 990 -19.98 -24.30 2.16
CA GLY A 990 -18.60 -24.68 1.91
C GLY A 990 -17.70 -23.91 2.86
N THR A 991 -16.49 -23.56 2.39
CA THR A 991 -15.51 -22.83 3.19
C THR A 991 -15.43 -21.34 2.76
N TRP A 992 -15.90 -21.02 1.53
CA TRP A 992 -15.79 -19.70 0.93
C TRP A 992 -17.05 -19.12 0.34
N SER A 993 -17.20 -17.78 0.43
CA SER A 993 -18.29 -16.99 -0.15
C SER A 993 -17.69 -15.66 -0.60
N VAL A 994 -18.46 -14.83 -1.35
CA VAL A 994 -18.04 -13.48 -1.76
C VAL A 994 -18.60 -12.51 -0.72
N LYS A 995 -17.73 -11.68 -0.12
CA LYS A 995 -18.17 -10.75 0.93
C LYS A 995 -17.92 -9.28 0.60
N VAL A 996 -18.93 -8.42 0.85
CA VAL A 996 -18.89 -6.97 0.71
C VAL A 996 -19.01 -6.40 2.13
N ASN A 997 -18.04 -5.57 2.56
CA ASN A 997 -18.05 -5.00 3.91
C ASN A 997 -18.37 -3.50 3.93
N GLY A 998 -19.58 -3.19 4.40
CA GLY A 998 -20.10 -1.85 4.64
C GLY A 998 -20.12 -0.86 3.50
N LEU A 999 -20.30 -1.31 2.25
CA LEU A 999 -20.35 -0.41 1.09
C LEU A 999 -21.78 0.06 0.79
N THR A 1000 -22.48 0.58 1.83
CA THR A 1000 -23.85 1.09 1.77
C THR A 1000 -23.91 2.56 1.35
N GLN A 1001 -25.08 2.98 0.80
CA GLN A 1001 -25.41 4.34 0.34
C GLN A 1001 -24.36 4.90 -0.65
N LYS A 1002 -23.97 4.08 -1.64
CA LYS A 1002 -23.01 4.53 -2.67
C LYS A 1002 -23.74 5.03 -3.90
N GLY A 1003 -24.91 4.47 -4.19
CA GLY A 1003 -25.70 4.82 -5.37
C GLY A 1003 -25.00 4.46 -6.66
N THR A 1004 -24.21 3.36 -6.64
CA THR A 1004 -23.44 2.87 -7.79
C THR A 1004 -23.16 1.36 -7.70
N LEU A 1005 -22.64 0.78 -8.80
CA LEU A 1005 -22.27 -0.62 -8.95
C LEU A 1005 -21.12 -1.00 -7.98
N VAL A 1006 -21.21 -2.20 -7.34
CA VAL A 1006 -20.22 -2.72 -6.37
C VAL A 1006 -19.30 -3.76 -7.07
N TYR A 1007 -19.90 -4.74 -7.73
CA TYR A 1007 -19.19 -5.72 -8.54
C TYR A 1007 -20.10 -6.22 -9.67
N GLN A 1008 -19.51 -6.77 -10.72
CA GLN A 1008 -20.27 -7.24 -11.88
C GLN A 1008 -19.54 -8.34 -12.65
N THR A 1009 -20.32 -9.10 -13.43
CA THR A 1009 -19.79 -10.08 -14.36
C THR A 1009 -19.36 -9.26 -15.57
N ILE A 1010 -18.54 -9.83 -16.44
CA ILE A 1010 -18.10 -9.18 -17.67
C ILE A 1010 -18.14 -10.25 -18.76
N PRO A 1011 -18.39 -9.90 -20.06
CA PRO A 1011 -18.51 -10.95 -21.10
C PRO A 1011 -17.36 -11.96 -21.22
N GLN A 1012 -16.15 -11.60 -20.79
CA GLN A 1012 -15.01 -12.54 -20.87
C GLN A 1012 -15.09 -13.65 -19.82
N ASN A 1013 -15.91 -13.45 -18.77
CA ASN A 1013 -16.08 -14.41 -17.69
C ASN A 1013 -17.36 -15.22 -17.90
N VAL A 1014 -18.45 -14.53 -18.25
CA VAL A 1014 -19.74 -15.14 -18.56
C VAL A 1014 -20.35 -14.36 -19.70
N LYS A 1015 -20.34 -14.96 -20.90
CA LYS A 1015 -20.86 -14.37 -22.12
C LYS A 1015 -22.35 -14.71 -22.28
N PHE A 1016 -23.19 -13.68 -22.27
CA PHE A 1016 -24.61 -13.86 -22.49
C PHE A 1016 -24.86 -13.56 -23.96
N GLU A 1017 -25.18 -14.61 -24.72
CA GLU A 1017 -25.43 -14.53 -26.16
C GLU A 1017 -26.57 -13.57 -26.49
N ALA A 1018 -26.44 -12.84 -27.62
CA ALA A 1018 -27.45 -11.89 -28.11
C ALA A 1018 -28.81 -12.58 -28.25
N GLY A 1019 -29.80 -12.02 -27.54
CA GLY A 1019 -31.19 -12.49 -27.52
C GLY A 1019 -31.50 -13.72 -26.68
N ALA A 1020 -30.45 -14.44 -26.23
CA ALA A 1020 -30.57 -15.66 -25.42
C ALA A 1020 -31.04 -15.37 -23.99
N LYS A 1021 -31.86 -16.28 -23.43
CA LYS A 1021 -32.42 -16.16 -22.09
C LYS A 1021 -31.68 -17.05 -21.12
N TYR A 1022 -31.52 -16.54 -19.90
CA TYR A 1022 -30.77 -17.23 -18.86
C TYR A 1022 -31.46 -17.12 -17.52
N LYS A 1023 -31.41 -18.21 -16.76
CA LYS A 1023 -31.92 -18.24 -15.40
C LYS A 1023 -30.70 -17.99 -14.51
N VAL A 1024 -30.75 -16.90 -13.73
CA VAL A 1024 -29.66 -16.55 -12.84
C VAL A 1024 -30.12 -16.69 -11.39
N SER A 1025 -29.39 -17.46 -10.59
CA SER A 1025 -29.71 -17.62 -9.18
C SER A 1025 -28.48 -17.66 -8.30
N PHE A 1026 -28.64 -17.20 -7.05
CA PHE A 1026 -27.60 -17.20 -6.05
C PHE A 1026 -28.19 -17.20 -4.64
N ASP A 1027 -27.36 -17.63 -3.67
CA ASP A 1027 -27.67 -17.59 -2.25
C ASP A 1027 -27.04 -16.31 -1.76
N TYR A 1028 -27.70 -15.63 -0.82
CA TYR A 1028 -27.19 -14.37 -0.31
C TYR A 1028 -27.59 -14.14 1.14
N GLN A 1029 -26.90 -13.16 1.75
CA GLN A 1029 -27.17 -12.60 3.06
C GLN A 1029 -26.97 -11.08 3.01
N SER A 1030 -28.04 -10.32 3.27
CA SER A 1030 -27.99 -8.85 3.26
C SER A 1030 -28.39 -8.30 4.64
N GLY A 1031 -27.68 -7.28 5.10
CA GLY A 1031 -27.84 -6.71 6.43
C GLY A 1031 -29.14 -6.00 6.70
N SER A 1032 -29.64 -5.28 5.70
CA SER A 1032 -30.87 -4.52 5.80
C SER A 1032 -31.66 -4.66 4.52
N ASP A 1033 -32.92 -4.22 4.55
CA ASP A 1033 -33.77 -4.19 3.39
C ASP A 1033 -33.30 -3.06 2.46
N ASP A 1034 -33.30 -3.35 1.14
CA ASP A 1034 -33.05 -2.46 0.01
C ASP A 1034 -31.68 -1.75 -0.02
N ILE A 1035 -30.75 -2.07 0.91
CA ILE A 1035 -29.40 -1.46 0.93
C ILE A 1035 -28.56 -1.88 -0.29
N TYR A 1036 -28.80 -3.11 -0.79
CA TYR A 1036 -28.14 -3.67 -1.98
C TYR A 1036 -29.17 -4.11 -3.00
N ALA A 1037 -28.79 -4.11 -4.28
CA ALA A 1037 -29.67 -4.50 -5.37
C ALA A 1037 -28.98 -5.31 -6.45
N ILE A 1038 -29.75 -6.05 -7.25
CA ILE A 1038 -29.26 -6.79 -8.41
C ILE A 1038 -29.25 -5.75 -9.54
N ALA A 1039 -28.11 -5.60 -10.20
CA ALA A 1039 -27.97 -4.68 -11.34
C ALA A 1039 -27.86 -5.49 -12.62
N VAL A 1040 -28.56 -5.08 -13.68
CA VAL A 1040 -28.52 -5.73 -15.00
C VAL A 1040 -28.27 -4.61 -16.02
N GLY A 1041 -27.23 -4.78 -16.84
CA GLY A 1041 -26.86 -3.80 -17.85
C GLY A 1041 -26.26 -4.41 -19.09
N GLN A 1042 -25.93 -3.54 -20.04
CA GLN A 1042 -25.31 -3.85 -21.33
C GLN A 1042 -24.22 -2.79 -21.54
N GLY A 1043 -23.01 -3.27 -21.87
CA GLY A 1043 -21.84 -2.43 -22.06
C GLY A 1043 -21.39 -1.76 -20.78
N GLU A 1044 -20.42 -0.81 -20.87
CA GLU A 1044 -19.88 -0.12 -19.70
C GLU A 1044 -20.99 0.46 -18.83
N TYR A 1045 -20.91 0.22 -17.51
CA TYR A 1045 -21.93 0.68 -16.58
C TYR A 1045 -22.10 2.21 -16.62
N SER A 1046 -23.38 2.64 -16.68
CA SER A 1046 -23.79 4.05 -16.61
C SER A 1046 -25.09 4.13 -15.82
N ALA A 1047 -25.15 5.05 -14.84
CA ALA A 1047 -26.34 5.29 -14.01
C ALA A 1047 -27.54 5.65 -14.89
N GLY A 1048 -28.71 5.21 -14.49
CA GLY A 1048 -29.94 5.48 -15.24
C GLY A 1048 -30.25 4.45 -16.30
N SER A 1049 -29.19 3.87 -16.92
CA SER A 1049 -29.26 2.82 -17.95
C SER A 1049 -29.41 1.41 -17.32
N VAL A 1050 -29.08 1.28 -16.03
CA VAL A 1050 -29.11 0.02 -15.28
C VAL A 1050 -30.54 -0.34 -14.74
N LYS A 1051 -30.91 -1.65 -14.85
CA LYS A 1051 -32.14 -2.22 -14.30
C LYS A 1051 -31.82 -2.70 -12.88
N LEU A 1052 -32.55 -2.18 -11.88
CA LEU A 1052 -32.32 -2.49 -10.47
C LEU A 1052 -33.44 -3.26 -9.77
N THR A 1053 -33.06 -4.32 -9.05
CA THR A 1053 -33.94 -5.13 -8.23
C THR A 1053 -33.41 -5.14 -6.79
N ASN A 1054 -34.06 -4.34 -5.91
CA ASN A 1054 -33.74 -4.24 -4.48
C ASN A 1054 -33.88 -5.62 -3.81
N LEU A 1055 -32.92 -5.99 -2.97
CA LEU A 1055 -32.93 -7.26 -2.24
C LEU A 1055 -33.35 -7.03 -0.79
N LYS A 1056 -34.15 -7.96 -0.27
CA LYS A 1056 -34.65 -7.88 1.08
C LYS A 1056 -33.60 -8.38 2.07
N LYS A 1057 -33.72 -7.95 3.33
CA LYS A 1057 -32.86 -8.32 4.45
C LYS A 1057 -32.87 -9.83 4.62
N ALA A 1058 -31.68 -10.41 4.74
CA ALA A 1058 -31.42 -11.82 5.00
C ALA A 1058 -30.23 -11.82 5.99
N LEU A 1059 -30.52 -11.48 7.25
CA LEU A 1059 -29.51 -11.34 8.30
C LEU A 1059 -29.45 -12.57 9.22
N GLY A 1060 -28.45 -13.44 8.99
CA GLY A 1060 -28.29 -14.66 9.77
C GLY A 1060 -28.97 -15.88 9.16
N GLU A 1061 -29.94 -15.65 8.27
CA GLU A 1061 -30.65 -16.70 7.55
C GLU A 1061 -30.44 -16.44 6.08
N THR A 1062 -29.98 -17.46 5.35
CA THR A 1062 -29.65 -17.33 3.92
C THR A 1062 -30.90 -17.16 3.05
N GLY A 1063 -30.86 -16.15 2.20
CA GLY A 1063 -31.90 -15.87 1.21
C GLY A 1063 -31.58 -16.47 -0.14
N LYS A 1064 -32.58 -16.54 -1.00
CA LYS A 1064 -32.45 -17.07 -2.36
C LYS A 1064 -32.87 -15.97 -3.34
N ALA A 1065 -32.04 -15.71 -4.34
CA ALA A 1065 -32.36 -14.69 -5.36
C ALA A 1065 -32.45 -15.37 -6.70
N GLU A 1066 -33.48 -15.03 -7.49
CA GLU A 1066 -33.72 -15.67 -8.78
C GLU A 1066 -34.33 -14.69 -9.74
N PHE A 1067 -33.78 -14.65 -10.96
CA PHE A 1067 -34.24 -13.78 -12.03
C PHE A 1067 -33.85 -14.32 -13.40
N GLU A 1068 -34.48 -13.77 -14.44
CA GLU A 1068 -34.23 -14.11 -15.83
C GLU A 1068 -33.51 -12.94 -16.49
N LEU A 1069 -32.48 -13.25 -17.27
CA LEU A 1069 -31.68 -12.25 -17.97
C LEU A 1069 -31.69 -12.59 -19.45
N THR A 1070 -32.01 -11.60 -20.29
CA THR A 1070 -32.00 -11.74 -21.74
C THR A 1070 -30.79 -11.01 -22.27
N GLY A 1071 -29.99 -11.72 -23.07
CA GLY A 1071 -28.77 -11.22 -23.68
C GLY A 1071 -28.98 -10.03 -24.60
N GLY A 1072 -28.25 -8.96 -24.31
CA GLY A 1072 -28.27 -7.73 -25.09
C GLY A 1072 -27.78 -7.96 -26.50
N CYS A 1073 -28.33 -7.19 -27.44
CA CYS A 1073 -28.08 -7.26 -28.87
C CYS A 1073 -26.60 -7.22 -29.27
N ASN A 1074 -25.74 -6.61 -28.43
CA ASN A 1074 -24.30 -6.47 -28.68
C ASN A 1074 -23.40 -7.51 -27.94
N GLY A 1075 -24.03 -8.48 -27.27
CA GLY A 1075 -23.35 -9.56 -26.52
C GLY A 1075 -22.60 -9.11 -25.28
N ASP A 1076 -22.81 -7.86 -24.86
CA ASP A 1076 -22.15 -7.22 -23.71
C ASP A 1076 -22.99 -7.16 -22.44
N SER A 1077 -24.06 -7.97 -22.35
CA SER A 1077 -24.90 -8.01 -21.15
C SER A 1077 -24.11 -8.55 -19.94
N TRP A 1078 -24.52 -8.12 -18.73
CA TRP A 1078 -23.93 -8.47 -17.45
C TRP A 1078 -24.90 -8.26 -16.30
N PHE A 1079 -24.54 -8.80 -15.13
CA PHE A 1079 -25.27 -8.57 -13.91
C PHE A 1079 -24.27 -8.39 -12.77
N GLY A 1080 -24.73 -7.80 -11.68
CA GLY A 1080 -23.91 -7.58 -10.51
C GLY A 1080 -24.69 -7.11 -9.30
N ILE A 1081 -23.94 -6.68 -8.28
CA ILE A 1081 -24.49 -6.15 -7.04
C ILE A 1081 -24.26 -4.66 -7.03
N TYR A 1082 -25.31 -3.90 -6.75
CA TYR A 1082 -25.34 -2.45 -6.73
C TYR A 1082 -25.62 -1.94 -5.31
N SER A 1083 -24.97 -0.83 -4.91
CA SER A 1083 -25.25 -0.21 -3.62
C SER A 1083 -26.22 0.92 -3.86
N THR A 1084 -27.38 0.88 -3.20
CA THR A 1084 -28.44 1.88 -3.37
C THR A 1084 -28.18 3.14 -2.51
N ALA A 1085 -29.17 4.03 -2.43
CA ALA A 1085 -29.10 5.26 -1.64
C ALA A 1085 -29.71 5.05 -0.26
N THR A 1086 -30.52 3.97 -0.10
CA THR A 1086 -31.23 3.61 1.14
C THR A 1086 -30.27 3.35 2.30
N ALA A 1087 -30.57 3.97 3.45
CA ALA A 1087 -29.80 3.87 4.67
C ALA A 1087 -30.03 2.54 5.37
N PRO A 1088 -28.96 1.88 5.89
CA PRO A 1088 -29.17 0.59 6.59
C PRO A 1088 -29.91 0.75 7.91
N ASP A 1089 -30.54 -0.35 8.35
CA ASP A 1089 -31.24 -0.42 9.62
C ASP A 1089 -30.25 -1.05 10.60
N LEU A 1090 -29.60 -0.19 11.40
CA LEU A 1090 -28.59 -0.57 12.38
C LEU A 1090 -29.17 -1.23 13.65
N GLN A 1091 -30.51 -1.35 13.72
CA GLN A 1091 -31.25 -2.01 14.80
C GLN A 1091 -30.84 -1.57 16.24
N GLY A 1092 -30.48 -0.28 16.41
CA GLY A 1092 -30.12 0.29 17.69
C GLY A 1092 -28.71 0.04 18.17
N SER A 1093 -27.85 -0.54 17.30
CA SER A 1093 -26.45 -0.85 17.61
C SER A 1093 -25.63 0.44 17.68
N THR A 1094 -24.57 0.45 18.52
CA THR A 1094 -23.69 1.60 18.72
C THR A 1094 -22.24 1.14 18.64
N GLY A 1095 -21.36 2.07 18.23
CA GLY A 1095 -19.92 1.83 18.09
C GLY A 1095 -19.61 0.80 17.02
N ASN A 1096 -18.57 -0.01 17.27
CA ASN A 1096 -18.10 -1.09 16.38
C ASN A 1096 -19.17 -2.13 16.07
N ALA A 1097 -20.19 -2.30 16.93
CA ALA A 1097 -21.32 -3.22 16.75
C ALA A 1097 -22.11 -2.89 15.48
N GLN A 1098 -22.05 -1.61 15.00
CA GLN A 1098 -22.71 -1.20 13.74
C GLN A 1098 -21.98 -1.86 12.58
N ASP A 1099 -20.64 -2.04 12.71
CA ASP A 1099 -19.75 -2.63 11.70
C ASP A 1099 -19.72 -4.15 11.79
N PHE A 1100 -19.47 -4.68 13.00
CA PHE A 1100 -19.39 -6.12 13.27
C PHE A 1100 -20.72 -6.87 13.05
N GLY A 1101 -21.84 -6.21 13.40
CA GLY A 1101 -23.19 -6.73 13.25
C GLY A 1101 -23.55 -7.25 11.87
N GLY A 1102 -23.09 -6.57 10.83
CA GLY A 1102 -23.33 -6.98 9.45
C GLY A 1102 -24.54 -6.33 8.82
N TYR A 1103 -25.15 -5.34 9.52
CA TYR A 1103 -26.32 -4.56 9.08
C TYR A 1103 -26.05 -3.85 7.74
N LYS A 1104 -24.76 -3.59 7.42
CA LYS A 1104 -24.34 -2.88 6.21
C LYS A 1104 -23.64 -3.78 5.17
N ASP A 1105 -23.60 -5.11 5.39
CA ASP A 1105 -22.86 -6.04 4.52
C ASP A 1105 -23.70 -6.89 3.57
N PHE A 1106 -23.03 -7.50 2.59
CA PHE A 1106 -23.62 -8.37 1.59
C PHE A 1106 -22.71 -9.58 1.30
N VAL A 1107 -23.22 -10.79 1.55
CA VAL A 1107 -22.53 -12.06 1.30
C VAL A 1107 -23.31 -12.81 0.22
N LEU A 1108 -22.60 -13.33 -0.82
CA LEU A 1108 -23.16 -14.08 -1.95
C LEU A 1108 -22.41 -15.40 -2.05
N ASP A 1109 -23.12 -16.44 -2.51
CA ASP A 1109 -22.58 -17.78 -2.71
C ASP A 1109 -23.50 -18.54 -3.63
N ASN A 1110 -23.05 -19.72 -4.07
CA ASN A 1110 -23.79 -20.67 -4.91
C ASN A 1110 -24.43 -20.03 -6.13
N LEU A 1111 -23.59 -19.38 -6.94
CA LEU A 1111 -24.03 -18.76 -8.18
C LEU A 1111 -24.35 -19.88 -9.18
N LYS A 1112 -25.48 -19.73 -9.89
CA LYS A 1112 -25.94 -20.67 -10.90
C LYS A 1112 -26.55 -19.87 -12.05
N ILE A 1113 -25.99 -20.04 -13.25
CA ILE A 1113 -26.44 -19.42 -14.50
C ILE A 1113 -26.77 -20.57 -15.46
N GLU A 1114 -28.01 -20.63 -15.97
CA GLU A 1114 -28.44 -21.68 -16.90
C GLU A 1114 -29.13 -21.07 -18.11
N ARG A 1115 -28.70 -21.46 -19.32
CA ARG A 1115 -29.36 -21.05 -20.55
C ARG A 1115 -30.76 -21.71 -20.59
N ILE A 1116 -31.77 -20.92 -20.95
CA ILE A 1116 -33.15 -21.40 -21.05
C ILE A 1116 -33.40 -21.60 -22.54
N GLU A 1117 -33.98 -22.74 -22.91
CA GLU A 1117 -34.32 -23.04 -24.30
C GLU A 1117 -35.44 -22.10 -24.77
N SER A 1118 -35.27 -21.53 -25.97
CA SER A 1118 -36.20 -20.62 -26.61
C SER A 1118 -37.12 -21.40 -27.51
N GLN A 1119 -38.35 -20.90 -27.74
CA GLN A 1119 -39.31 -21.49 -28.66
C GLN A 1119 -38.77 -21.20 -30.09
N THR A 1120 -38.73 -22.24 -30.94
CA THR A 1120 -38.23 -22.12 -32.31
C THR A 1120 -39.15 -21.25 -33.13
N ARG A 1121 -38.57 -20.33 -33.92
CA ARG A 1121 -39.33 -19.42 -34.77
C ARG A 1121 -39.10 -19.69 -36.26
N THR A 1122 -40.07 -19.31 -37.10
CA THR A 1122 -39.95 -19.40 -38.56
C THR A 1122 -39.34 -18.09 -39.08
N LYS A 1123 -39.00 -18.03 -40.38
CA LYS A 1123 -38.45 -16.81 -41.00
C LYS A 1123 -39.56 -15.74 -40.96
N ALA A 1124 -40.82 -16.12 -41.29
CA ALA A 1124 -42.00 -15.24 -41.28
C ALA A 1124 -42.17 -14.51 -39.93
N GLU A 1125 -42.07 -15.26 -38.80
CA GLU A 1125 -42.18 -14.72 -37.45
C GLU A 1125 -41.13 -13.65 -37.18
N ALA A 1126 -39.86 -13.92 -37.54
CA ALA A 1126 -38.75 -12.98 -37.37
C ALA A 1126 -38.93 -11.73 -38.25
N GLN A 1127 -39.36 -11.89 -39.52
CA GLN A 1127 -39.63 -10.80 -40.46
C GLN A 1127 -40.74 -9.89 -39.91
N ASP A 1128 -41.84 -10.51 -39.39
CA ASP A 1128 -42.99 -9.79 -38.81
C ASP A 1128 -42.57 -8.99 -37.59
N LYS A 1129 -41.72 -9.57 -36.73
CA LYS A 1129 -41.16 -8.93 -35.55
C LYS A 1129 -40.32 -7.70 -35.94
N VAL A 1130 -39.64 -7.73 -37.11
CA VAL A 1130 -38.87 -6.57 -37.63
C VAL A 1130 -39.87 -5.44 -37.92
N LYS A 1131 -41.00 -5.77 -38.58
CA LYS A 1131 -42.07 -4.81 -38.89
C LYS A 1131 -42.61 -4.14 -37.64
N GLU A 1132 -42.90 -4.95 -36.58
CA GLU A 1132 -43.42 -4.52 -35.29
C GLU A 1132 -42.46 -3.56 -34.60
N ILE A 1133 -41.17 -3.92 -34.52
CA ILE A 1133 -40.13 -3.10 -33.88
C ILE A 1133 -39.95 -1.77 -34.64
N ARG A 1134 -39.91 -1.81 -36.00
CA ARG A 1134 -39.76 -0.61 -36.82
C ARG A 1134 -40.98 0.32 -36.65
N GLY A 1135 -42.18 -0.26 -36.63
CA GLY A 1135 -43.45 0.45 -36.45
C GLY A 1135 -43.59 1.14 -35.10
N LYS A 1136 -42.77 0.74 -34.12
CA LYS A 1136 -42.79 1.29 -32.78
C LYS A 1136 -41.73 2.38 -32.57
N TYR A 1137 -40.49 2.17 -33.08
CA TYR A 1137 -39.37 3.06 -32.81
C TYR A 1137 -38.80 3.90 -33.98
N ASP A 1138 -39.24 3.68 -35.23
CA ASP A 1138 -38.71 4.47 -36.36
C ASP A 1138 -39.03 5.98 -36.28
N SER A 1139 -40.22 6.31 -35.73
CA SER A 1139 -40.78 7.65 -35.51
C SER A 1139 -40.24 8.36 -34.24
N LYS A 1140 -39.36 7.71 -33.48
CA LYS A 1140 -38.82 8.24 -32.23
C LYS A 1140 -37.33 8.62 -32.27
N ARG A 1141 -36.82 9.05 -33.44
CA ARG A 1141 -35.40 9.43 -33.57
C ARG A 1141 -35.03 10.77 -32.89
N ALA A 1142 -35.94 11.78 -32.96
CA ALA A 1142 -35.74 13.12 -32.41
C ALA A 1142 -35.29 13.12 -30.95
N CYS A 1143 -36.12 12.55 -30.06
CA CYS A 1143 -35.82 12.46 -28.63
C CYS A 1143 -35.32 11.05 -28.26
N LEU A 1144 -34.05 10.81 -28.66
CA LEU A 1144 -33.27 9.59 -28.52
C LEU A 1144 -31.83 9.95 -28.89
N SER A 1145 -30.86 9.60 -28.01
CA SER A 1145 -29.42 9.85 -28.18
C SER A 1145 -28.89 9.34 -29.53
N ASP A 1146 -27.86 10.00 -30.08
CA ASP A 1146 -27.25 9.61 -31.36
C ASP A 1146 -26.65 8.19 -31.28
N ALA A 1147 -26.15 7.81 -30.09
CA ALA A 1147 -25.60 6.49 -29.79
C ALA A 1147 -26.73 5.45 -29.63
N ALA A 1148 -27.89 5.88 -29.06
CA ALA A 1148 -29.07 5.03 -28.85
C ALA A 1148 -29.71 4.64 -30.20
N TRP A 1149 -29.71 5.58 -31.16
CA TRP A 1149 -30.22 5.37 -32.51
C TRP A 1149 -29.25 4.46 -33.28
N GLN A 1150 -27.92 4.56 -32.98
CA GLN A 1150 -26.91 3.70 -33.61
C GLN A 1150 -27.06 2.28 -33.12
N GLN A 1151 -27.23 2.09 -31.79
CA GLN A 1151 -27.44 0.79 -31.14
C GLN A 1151 -28.65 0.06 -31.75
N TYR A 1152 -29.74 0.82 -31.96
CA TYR A 1152 -31.01 0.37 -32.52
C TYR A 1152 -30.86 -0.06 -33.97
N GLN A 1153 -30.13 0.74 -34.78
CA GLN A 1153 -29.90 0.47 -36.20
C GLN A 1153 -28.96 -0.73 -36.39
N ASP A 1154 -27.93 -0.86 -35.52
CA ASP A 1154 -26.97 -1.96 -35.55
C ASP A 1154 -27.67 -3.29 -35.25
N CYS A 1155 -28.66 -3.25 -34.36
CA CYS A 1155 -29.44 -4.41 -33.95
C CYS A 1155 -30.38 -4.90 -35.05
N LEU A 1156 -31.05 -3.96 -35.76
CA LEU A 1156 -31.95 -4.28 -36.87
C LEU A 1156 -31.17 -4.91 -38.01
N VAL A 1157 -29.95 -4.38 -38.29
CA VAL A 1157 -29.02 -4.89 -39.29
C VAL A 1157 -28.63 -6.33 -38.93
N LYS A 1158 -28.24 -6.57 -37.67
CA LYS A 1158 -27.87 -7.88 -37.12
C LYS A 1158 -28.97 -8.93 -37.33
N ALA A 1159 -30.23 -8.60 -36.99
CA ALA A 1159 -31.39 -9.48 -37.15
C ALA A 1159 -31.72 -9.73 -38.63
N ARG A 1160 -31.57 -8.71 -39.49
CA ARG A 1160 -31.85 -8.87 -40.92
C ARG A 1160 -30.82 -9.78 -41.61
N VAL A 1161 -29.53 -9.68 -41.21
CA VAL A 1161 -28.42 -10.53 -41.71
C VAL A 1161 -28.77 -12.02 -41.45
N LEU A 1162 -29.16 -12.37 -40.19
CA LEU A 1162 -29.60 -13.71 -39.77
C LEU A 1162 -30.83 -14.20 -40.57
N ILE A 1163 -31.81 -13.32 -40.81
CA ILE A 1163 -33.05 -13.61 -41.53
C ILE A 1163 -32.81 -13.85 -43.02
N ASN A 1164 -31.95 -13.01 -43.64
CA ASN A 1164 -31.82 -13.02 -45.11
C ASN A 1164 -30.61 -13.78 -45.65
N LYS A 1165 -29.79 -14.41 -44.77
CA LYS A 1165 -28.65 -15.16 -45.27
C LYS A 1165 -29.14 -16.35 -46.10
N ASN A 1166 -28.52 -16.55 -47.26
CA ASN A 1166 -28.81 -17.69 -48.13
C ASN A 1166 -28.39 -18.91 -47.34
N GLY A 1167 -29.35 -19.81 -47.11
CA GLY A 1167 -29.11 -21.02 -46.33
C GLY A 1167 -29.30 -20.88 -44.84
N ALA A 1168 -30.03 -19.82 -44.39
CA ALA A 1168 -30.36 -19.60 -42.96
C ALA A 1168 -31.27 -20.74 -42.46
N THR A 1169 -31.15 -21.10 -41.17
CA THR A 1169 -31.89 -22.19 -40.52
C THR A 1169 -32.83 -21.66 -39.42
N ALA A 1170 -33.67 -22.57 -38.84
CA ALA A 1170 -34.57 -22.28 -37.72
C ALA A 1170 -33.83 -21.62 -36.55
N GLU A 1171 -32.59 -22.05 -36.30
CA GLU A 1171 -31.70 -21.55 -35.26
C GLU A 1171 -31.43 -20.07 -35.48
N ASP A 1172 -31.17 -19.66 -36.72
CA ASP A 1172 -30.94 -18.27 -37.11
C ASP A 1172 -32.22 -17.43 -36.98
N PHE A 1173 -33.36 -17.98 -37.35
CA PHE A 1173 -34.66 -17.32 -37.29
C PHE A 1173 -35.10 -17.09 -35.84
N THR A 1174 -34.80 -18.07 -34.94
CA THR A 1174 -35.09 -17.99 -33.51
C THR A 1174 -34.25 -16.87 -32.90
N LYS A 1175 -32.94 -16.89 -33.20
CA LYS A 1175 -31.98 -15.89 -32.75
C LYS A 1175 -32.41 -14.49 -33.22
N ALA A 1176 -32.73 -14.30 -34.51
CA ALA A 1176 -33.19 -13.02 -35.06
C ALA A 1176 -34.44 -12.49 -34.30
N TYR A 1177 -35.46 -13.35 -34.12
CA TYR A 1177 -36.68 -13.04 -33.36
C TYR A 1177 -36.38 -12.67 -31.90
N ASP A 1178 -35.56 -13.49 -31.21
CA ASP A 1178 -35.18 -13.28 -29.81
C ASP A 1178 -34.41 -11.97 -29.57
N ILE A 1179 -33.55 -11.59 -30.52
CA ILE A 1179 -32.74 -10.37 -30.50
C ILE A 1179 -33.66 -9.16 -30.59
N LEU A 1180 -34.71 -9.26 -31.41
CA LEU A 1180 -35.69 -8.18 -31.58
C LEU A 1180 -36.55 -8.01 -30.33
N VAL A 1181 -36.91 -9.14 -29.68
CA VAL A 1181 -37.66 -9.16 -28.41
C VAL A 1181 -36.81 -8.46 -27.33
N ALA A 1182 -35.49 -8.76 -27.30
CA ALA A 1182 -34.54 -8.15 -26.38
C ALA A 1182 -34.37 -6.65 -26.68
N LEU A 1183 -34.37 -6.26 -27.97
CA LEU A 1183 -34.24 -4.87 -28.43
C LEU A 1183 -35.47 -4.07 -27.95
N ASP A 1184 -36.68 -4.65 -28.13
CA ASP A 1184 -37.95 -4.07 -27.73
C ASP A 1184 -37.95 -3.71 -26.23
N GLU A 1185 -37.69 -4.72 -25.37
CA GLU A 1185 -37.64 -4.54 -23.91
C GLU A 1185 -36.60 -3.52 -23.45
N TYR A 1186 -35.48 -3.42 -24.20
CA TYR A 1186 -34.40 -2.47 -23.95
C TYR A 1186 -34.89 -1.05 -24.29
N MET A 1187 -35.53 -0.87 -25.48
CA MET A 1187 -36.04 0.43 -25.94
C MET A 1187 -37.22 0.91 -25.04
N LYS A 1188 -38.08 -0.02 -24.59
CA LYS A 1188 -39.25 0.23 -23.72
C LYS A 1188 -38.84 0.71 -22.32
N LYS A 1189 -37.76 0.11 -21.75
CA LYS A 1189 -37.21 0.45 -20.44
C LYS A 1189 -36.60 1.85 -20.51
N ALA A 1190 -35.96 2.17 -21.65
CA ALA A 1190 -35.36 3.46 -21.95
C ALA A 1190 -36.43 4.52 -22.14
N GLU A 1191 -37.60 4.10 -22.69
CA GLU A 1191 -38.77 4.96 -22.96
C GLU A 1191 -39.43 5.45 -21.66
N ARG A 1192 -39.60 4.56 -20.65
CA ARG A 1192 -40.19 4.88 -19.34
C ARG A 1192 -39.26 5.80 -18.52
N LYS A 1193 -37.93 5.72 -18.74
CA LYS A 1193 -36.91 6.56 -18.10
C LYS A 1193 -36.90 7.96 -18.76
N LEU A 1194 -37.28 8.03 -20.06
CA LEU A 1194 -37.40 9.27 -20.84
C LEU A 1194 -38.73 9.95 -20.45
N LYS A 1195 -39.81 9.16 -20.25
CA LYS A 1195 -41.14 9.62 -19.83
C LYS A 1195 -41.10 10.19 -18.39
N ASP A 1196 -40.18 9.64 -17.54
CA ASP A 1196 -39.94 10.08 -16.17
C ASP A 1196 -39.35 11.50 -16.22
N LEU A 1197 -38.31 11.69 -17.07
CA LEU A 1197 -37.60 12.96 -17.31
C LEU A 1197 -38.49 14.01 -17.97
N ASP A 1198 -39.40 13.58 -18.87
CA ASP A 1198 -40.34 14.45 -19.58
C ASP A 1198 -41.42 15.02 -18.64
N ARG A 1199 -41.98 14.17 -17.75
CA ARG A 1199 -43.00 14.55 -16.75
C ARG A 1199 -42.42 15.57 -15.76
N LYS A 1200 -41.15 15.39 -15.37
CA LYS A 1200 -40.43 16.29 -14.46
C LYS A 1200 -40.07 17.62 -15.16
N LEU A 1201 -39.93 17.61 -16.51
CA LEU A 1201 -39.61 18.80 -17.31
C LEU A 1201 -40.87 19.67 -17.53
N LEU A 1202 -42.05 19.03 -17.66
CA LEU A 1202 -43.34 19.72 -17.81
C LEU A 1202 -43.76 20.38 -16.48
N GLU A 1203 -43.36 19.76 -15.35
CA GLU A 1203 -43.61 20.22 -13.97
C GLU A 1203 -42.74 21.48 -13.68
N ALA A 1204 -41.46 21.47 -14.10
CA ALA A 1204 -40.49 22.57 -13.94
C ALA A 1204 -40.75 23.74 -14.91
N ALA A 1205 -41.50 23.48 -16.02
CA ALA A 1205 -41.88 24.49 -17.01
C ALA A 1205 -42.97 25.39 -16.41
N ARG A 1206 -43.86 24.80 -15.59
CA ARG A 1206 -44.94 25.48 -14.86
C ARG A 1206 -44.34 26.35 -13.74
N ALA A 1207 -43.54 25.71 -12.85
CA ALA A 1207 -42.86 26.30 -11.68
C ALA A 1207 -42.06 27.56 -12.02
N GLY A 1208 -41.23 27.49 -13.05
CA GLY A 1208 -40.43 28.61 -13.52
C GLY A 1208 -38.99 28.64 -13.05
N GLN A 1209 -38.42 27.46 -12.68
CA GLN A 1209 -37.03 27.38 -12.24
C GLN A 1209 -36.11 26.96 -13.37
N ASP A 1210 -35.26 27.92 -13.82
CA ASP A 1210 -34.28 27.75 -14.90
C ASP A 1210 -33.23 26.68 -14.59
N ASP A 1211 -32.78 26.60 -13.32
CA ASP A 1211 -31.79 25.63 -12.87
C ASP A 1211 -32.26 24.18 -13.07
N GLU A 1212 -33.48 23.85 -12.59
CA GLU A 1212 -34.06 22.51 -12.74
C GLU A 1212 -34.49 22.19 -14.18
N VAL A 1213 -34.75 23.23 -15.01
CA VAL A 1213 -35.08 23.09 -16.43
C VAL A 1213 -33.78 22.73 -17.20
N ARG A 1214 -32.64 23.33 -16.80
CA ARG A 1214 -31.31 23.09 -17.38
C ARG A 1214 -30.69 21.75 -16.92
N ILE A 1215 -30.89 21.37 -15.63
CA ILE A 1215 -30.40 20.11 -15.04
C ILE A 1215 -31.01 18.90 -15.78
N LEU A 1216 -32.35 18.93 -15.99
CA LEU A 1216 -33.15 17.91 -16.67
C LEU A 1216 -32.78 17.78 -18.15
N MET A 1217 -32.53 18.92 -18.84
CA MET A 1217 -32.12 19.02 -20.25
C MET A 1217 -30.72 18.44 -20.48
N ALA A 1218 -29.79 18.66 -19.53
CA ALA A 1218 -28.40 18.16 -19.56
C ALA A 1218 -28.34 16.66 -19.23
N ASN A 1219 -29.35 16.16 -18.49
CA ASN A 1219 -29.50 14.74 -18.10
C ASN A 1219 -30.35 13.96 -19.13
N GLY A 1220 -30.60 14.60 -20.29
CA GLY A 1220 -31.34 14.03 -21.40
C GLY A 1220 -32.85 14.17 -21.32
N ALA A 1221 -33.36 15.36 -21.66
CA ALA A 1221 -34.80 15.62 -21.67
C ALA A 1221 -35.25 16.06 -23.06
N CYS A 1222 -36.42 15.56 -23.47
CA CYS A 1222 -37.03 15.85 -24.77
C CYS A 1222 -37.59 17.29 -24.76
N VAL A 1223 -37.09 18.14 -25.69
CA VAL A 1223 -37.53 19.53 -25.84
C VAL A 1223 -38.98 19.66 -26.30
N ASN A 1224 -39.38 18.83 -27.28
CA ASN A 1224 -40.72 18.84 -27.89
C ASN A 1224 -41.70 17.84 -27.22
N ALA A 1225 -41.38 17.39 -25.98
CA ALA A 1225 -42.17 16.45 -25.20
C ALA A 1225 -43.53 17.00 -24.81
N ALA A 1226 -44.60 16.31 -25.25
CA ALA A 1226 -45.98 16.68 -24.98
C ALA A 1226 -46.69 15.63 -24.12
N ASP A 1227 -47.73 16.04 -23.38
CA ASP A 1227 -48.52 15.17 -22.52
C ASP A 1227 -49.77 14.61 -23.26
N ASP A 1228 -50.73 14.01 -22.53
CA ASP A 1228 -51.96 13.43 -23.06
C ASP A 1228 -52.87 14.44 -23.83
N VAL A 1229 -52.73 15.75 -23.55
CA VAL A 1229 -53.51 16.80 -24.23
C VAL A 1229 -52.63 17.59 -25.25
N GLY A 1230 -51.38 17.14 -25.43
CA GLY A 1230 -50.42 17.73 -26.38
C GLY A 1230 -49.80 19.06 -25.99
N VAL A 1231 -49.69 19.32 -24.67
CA VAL A 1231 -49.09 20.55 -24.14
C VAL A 1231 -47.58 20.32 -23.92
N THR A 1232 -46.74 21.10 -24.62
CA THR A 1232 -45.28 21.01 -24.55
C THR A 1232 -44.70 21.94 -23.44
N PRO A 1233 -43.39 21.84 -23.04
CA PRO A 1233 -42.87 22.75 -22.01
C PRO A 1233 -42.76 24.22 -22.45
N LEU A 1234 -42.76 24.46 -23.79
CA LEU A 1234 -42.72 25.78 -24.42
C LEU A 1234 -44.11 26.46 -24.30
N HIS A 1235 -45.20 25.66 -24.27
CA HIS A 1235 -46.57 26.15 -24.09
C HIS A 1235 -46.71 26.69 -22.66
N LEU A 1236 -46.31 25.86 -21.67
CA LEU A 1236 -46.35 26.13 -20.22
C LEU A 1236 -45.52 27.35 -19.81
N ALA A 1237 -44.25 27.44 -20.29
CA ALA A 1237 -43.33 28.55 -20.01
C ALA A 1237 -43.80 29.89 -20.62
N ALA A 1238 -44.52 29.85 -21.77
CA ALA A 1238 -45.01 31.05 -22.46
C ALA A 1238 -46.22 31.70 -21.76
N GLN A 1239 -47.21 30.88 -21.31
CA GLN A 1239 -48.40 31.39 -20.62
C GLN A 1239 -48.10 31.90 -19.20
N ARG A 1240 -47.16 31.25 -18.47
CA ARG A 1240 -46.76 31.67 -17.12
C ARG A 1240 -45.84 32.90 -17.20
N GLY A 1241 -45.14 33.06 -18.33
CA GLY A 1241 -44.25 34.17 -18.60
C GLY A 1241 -42.86 34.07 -18.04
N HIS A 1242 -42.18 32.92 -18.28
CA HIS A 1242 -40.81 32.69 -17.81
C HIS A 1242 -39.85 32.85 -18.99
N LEU A 1243 -39.51 34.12 -19.33
CA LEU A 1243 -38.63 34.52 -20.44
C LEU A 1243 -37.29 33.80 -20.47
N GLU A 1244 -36.67 33.58 -19.28
CA GLU A 1244 -35.39 32.89 -19.17
C GLU A 1244 -35.48 31.42 -19.65
N ILE A 1245 -36.64 30.77 -19.44
CA ILE A 1245 -36.93 29.38 -19.82
C ILE A 1245 -37.37 29.30 -21.31
N VAL A 1246 -38.27 30.22 -21.76
CA VAL A 1246 -38.76 30.30 -23.15
C VAL A 1246 -37.56 30.38 -24.14
N GLU A 1247 -36.58 31.25 -23.84
CA GLU A 1247 -35.37 31.45 -24.64
C GLU A 1247 -34.41 30.24 -24.59
N VAL A 1248 -34.34 29.55 -23.41
CA VAL A 1248 -33.52 28.34 -23.20
C VAL A 1248 -34.11 27.18 -24.02
N LEU A 1249 -35.45 27.05 -24.01
CA LEU A 1249 -36.21 26.03 -24.74
C LEU A 1249 -36.10 26.22 -26.27
N LEU A 1250 -36.26 27.47 -26.77
CA LEU A 1250 -36.17 27.81 -28.19
C LEU A 1250 -34.77 27.55 -28.78
N LYS A 1251 -33.71 27.77 -27.96
CA LYS A 1251 -32.30 27.54 -28.31
C LYS A 1251 -32.03 26.02 -28.43
N CYS A 1252 -32.64 25.23 -27.52
CA CYS A 1252 -32.52 23.78 -27.43
C CYS A 1252 -33.29 23.02 -28.55
N GLY A 1253 -34.09 23.73 -29.35
CA GLY A 1253 -34.83 23.16 -30.47
C GLY A 1253 -36.27 22.82 -30.21
N ALA A 1254 -36.97 23.61 -29.36
CA ALA A 1254 -38.40 23.40 -29.07
C ALA A 1254 -39.24 23.91 -30.25
N ASP A 1255 -40.27 23.13 -30.64
CA ASP A 1255 -41.18 23.49 -31.74
C ASP A 1255 -42.00 24.72 -31.38
N VAL A 1256 -41.71 25.86 -32.03
CA VAL A 1256 -42.39 27.13 -31.80
C VAL A 1256 -43.82 27.12 -32.41
N ASN A 1257 -44.03 26.28 -33.44
CA ASN A 1257 -45.30 26.11 -34.15
C ASN A 1257 -46.21 25.06 -33.48
N ALA A 1258 -45.67 24.28 -32.51
CA ALA A 1258 -46.36 23.21 -31.77
C ALA A 1258 -47.72 23.62 -31.22
N ALA A 1259 -48.72 22.74 -31.36
CA ALA A 1259 -50.09 22.99 -30.90
C ALA A 1259 -50.64 21.84 -30.06
N ASP A 1260 -51.54 22.18 -29.11
CA ASP A 1260 -52.21 21.21 -28.23
C ASP A 1260 -53.55 20.77 -28.86
N LEU A 1261 -54.35 19.97 -28.12
CA LEU A 1261 -55.64 19.44 -28.55
C LEU A 1261 -56.68 20.53 -28.90
N TRP A 1262 -56.42 21.78 -28.46
CA TRP A 1262 -57.27 22.96 -28.71
C TRP A 1262 -56.71 23.86 -29.83
N GLY A 1263 -55.61 23.42 -30.45
CA GLY A 1263 -54.93 24.12 -31.55
C GLY A 1263 -54.18 25.37 -31.12
N GLN A 1264 -53.95 25.52 -29.81
CA GLN A 1264 -53.26 26.65 -29.19
C GLN A 1264 -51.74 26.47 -29.27
N THR A 1265 -51.04 27.47 -29.80
CA THR A 1265 -49.57 27.48 -29.94
C THR A 1265 -48.98 28.30 -28.77
N PRO A 1266 -47.65 28.20 -28.43
CA PRO A 1266 -47.12 29.03 -27.32
C PRO A 1266 -47.30 30.54 -27.49
N LEU A 1267 -47.56 31.00 -28.74
CA LEU A 1267 -47.81 32.41 -29.09
C LEU A 1267 -49.22 32.83 -28.67
N HIS A 1268 -50.23 31.94 -28.83
CA HIS A 1268 -51.63 32.17 -28.45
C HIS A 1268 -51.73 32.44 -26.94
N LEU A 1269 -51.08 31.55 -26.15
CA LEU A 1269 -51.01 31.54 -24.69
C LEU A 1269 -50.33 32.79 -24.13
N ALA A 1270 -49.15 33.17 -24.69
CA ALA A 1270 -48.36 34.34 -24.29
C ALA A 1270 -49.06 35.67 -24.61
N ALA A 1271 -49.87 35.70 -25.68
CA ALA A 1271 -50.61 36.89 -26.09
C ALA A 1271 -51.81 37.17 -25.19
N THR A 1272 -52.55 36.11 -24.76
CA THR A 1272 -53.72 36.22 -23.88
C THR A 1272 -53.29 36.66 -22.48
N ALA A 1273 -52.13 36.15 -22.00
CA ALA A 1273 -51.55 36.45 -20.69
C ALA A 1273 -50.93 37.85 -20.66
N GLY A 1274 -50.44 38.33 -21.81
CA GLY A 1274 -49.87 39.67 -21.97
C GLY A 1274 -48.39 39.80 -21.67
N HIS A 1275 -47.57 38.83 -22.12
CA HIS A 1275 -46.12 38.86 -21.92
C HIS A 1275 -45.41 39.35 -23.19
N LEU A 1276 -45.09 40.67 -23.23
CA LEU A 1276 -44.45 41.35 -24.35
C LEU A 1276 -43.08 40.76 -24.76
N GLU A 1277 -42.16 40.58 -23.79
CA GLU A 1277 -40.82 40.03 -24.02
C GLU A 1277 -40.81 38.58 -24.56
N ILE A 1278 -41.81 37.76 -24.15
CA ILE A 1278 -41.98 36.37 -24.59
C ILE A 1278 -42.56 36.35 -26.03
N VAL A 1279 -43.55 37.22 -26.32
CA VAL A 1279 -44.19 37.36 -27.65
C VAL A 1279 -43.14 37.76 -28.72
N GLU A 1280 -42.23 38.70 -28.36
CA GLU A 1280 -41.14 39.22 -29.20
C GLU A 1280 -40.20 38.11 -29.68
N VAL A 1281 -39.62 37.33 -28.74
CA VAL A 1281 -38.67 36.25 -29.02
C VAL A 1281 -39.31 35.06 -29.77
N LEU A 1282 -40.64 34.84 -29.61
CA LEU A 1282 -41.35 33.75 -30.31
C LEU A 1282 -41.41 34.02 -31.80
N LEU A 1283 -41.82 35.26 -32.18
CA LEU A 1283 -41.91 35.71 -33.58
C LEU A 1283 -40.53 35.75 -34.27
N CYS A 1284 -39.46 36.00 -33.47
CA CYS A 1284 -38.05 36.01 -33.87
C CYS A 1284 -37.46 34.61 -34.03
N ASN A 1285 -38.17 33.58 -33.49
CA ASN A 1285 -37.79 32.17 -33.58
C ASN A 1285 -38.70 31.39 -34.55
N GLY A 1286 -39.60 32.12 -35.22
CA GLY A 1286 -40.50 31.58 -36.24
C GLY A 1286 -41.91 31.26 -35.83
N ALA A 1287 -42.50 32.02 -34.88
CA ALA A 1287 -43.88 31.78 -34.45
C ALA A 1287 -44.87 32.18 -35.54
N ASP A 1288 -45.81 31.27 -35.85
CA ASP A 1288 -46.86 31.44 -36.85
C ASP A 1288 -47.75 32.60 -36.40
N VAL A 1289 -47.65 33.74 -37.10
CA VAL A 1289 -48.39 34.98 -36.80
C VAL A 1289 -49.91 34.82 -36.97
N ASN A 1290 -50.33 34.03 -37.98
CA ASN A 1290 -51.74 33.85 -38.31
C ASN A 1290 -52.29 32.47 -37.89
N ALA A 1291 -51.63 31.85 -36.88
CA ALA A 1291 -52.01 30.57 -36.29
C ALA A 1291 -53.39 30.69 -35.63
N ARG A 1292 -54.24 29.65 -35.75
CA ARG A 1292 -55.59 29.66 -35.19
C ARG A 1292 -55.87 28.48 -34.27
N ASP A 1293 -56.82 28.66 -33.33
CA ASP A 1293 -57.25 27.62 -32.40
C ASP A 1293 -58.45 26.85 -33.00
N ASN A 1294 -59.25 26.17 -32.15
CA ASN A 1294 -60.41 25.41 -32.62
C ASN A 1294 -61.63 26.30 -32.96
N ILE A 1295 -61.55 27.62 -32.62
CA ILE A 1295 -62.59 28.62 -32.90
C ILE A 1295 -62.19 29.44 -34.15
N GLY A 1296 -60.91 29.83 -34.21
CA GLY A 1296 -60.32 30.60 -35.29
C GLY A 1296 -59.70 31.91 -34.82
N HIS A 1297 -59.22 31.93 -33.54
CA HIS A 1297 -58.59 33.09 -32.91
C HIS A 1297 -57.10 33.14 -33.18
N THR A 1298 -56.65 34.22 -33.83
CA THR A 1298 -55.23 34.46 -34.10
C THR A 1298 -54.65 35.12 -32.82
N PRO A 1299 -53.31 35.13 -32.57
CA PRO A 1299 -52.79 35.81 -31.35
C PRO A 1299 -53.13 37.32 -31.26
N LEU A 1300 -53.76 37.87 -32.32
CA LEU A 1300 -54.27 39.24 -32.41
C LEU A 1300 -55.65 39.30 -31.71
N HIS A 1301 -56.51 38.29 -31.98
CA HIS A 1301 -57.86 38.15 -31.43
C HIS A 1301 -57.85 37.99 -29.90
N LEU A 1302 -56.92 37.15 -29.40
CA LEU A 1302 -56.76 36.84 -27.97
C LEU A 1302 -56.15 37.99 -27.17
N ALA A 1303 -55.22 38.77 -27.77
CA ALA A 1303 -54.61 39.93 -27.13
C ALA A 1303 -55.61 41.08 -27.02
N ALA A 1304 -56.64 41.09 -27.89
CA ALA A 1304 -57.72 42.07 -27.92
C ALA A 1304 -58.83 41.71 -26.93
N TRP A 1305 -59.13 40.39 -26.79
CA TRP A 1305 -60.14 39.83 -25.88
C TRP A 1305 -59.75 40.15 -24.44
N ALA A 1306 -58.47 39.97 -24.10
CA ALA A 1306 -57.90 40.27 -22.79
C ALA A 1306 -57.66 41.78 -22.64
N GLY A 1307 -57.60 42.49 -23.77
CA GLY A 1307 -57.42 43.94 -23.83
C GLY A 1307 -56.03 44.44 -23.51
N HIS A 1308 -55.01 43.95 -24.23
CA HIS A 1308 -53.63 44.39 -24.02
C HIS A 1308 -53.26 45.49 -25.00
N LEU A 1309 -53.15 46.73 -24.48
CA LEU A 1309 -52.83 47.95 -25.22
C LEU A 1309 -51.45 47.93 -25.88
N GLU A 1310 -50.45 47.32 -25.21
CA GLU A 1310 -49.05 47.26 -25.67
C GLU A 1310 -48.71 45.99 -26.46
N ILE A 1311 -49.49 44.90 -26.32
CA ILE A 1311 -49.24 43.61 -26.99
C ILE A 1311 -49.89 43.59 -28.41
N VAL A 1312 -51.10 44.21 -28.58
CA VAL A 1312 -51.81 44.28 -29.87
C VAL A 1312 -50.96 45.04 -30.93
N GLU A 1313 -50.42 46.21 -30.54
CA GLU A 1313 -49.58 47.08 -31.37
C GLU A 1313 -48.23 46.43 -31.76
N VAL A 1314 -47.66 45.59 -30.89
CA VAL A 1314 -46.39 44.91 -31.12
C VAL A 1314 -46.53 43.86 -32.22
N LEU A 1315 -47.50 42.92 -32.11
CA LEU A 1315 -47.74 41.86 -33.11
C LEU A 1315 -48.18 42.40 -34.49
N LEU A 1316 -48.85 43.57 -34.53
CA LEU A 1316 -49.28 44.22 -35.77
C LEU A 1316 -48.10 44.71 -36.61
N LYS A 1317 -47.06 45.24 -35.94
CA LYS A 1317 -45.82 45.76 -36.54
C LYS A 1317 -45.08 44.69 -37.35
N TYR A 1318 -45.06 43.43 -36.84
CA TYR A 1318 -44.42 42.28 -37.48
C TYR A 1318 -45.11 41.85 -38.78
N GLY A 1319 -46.44 41.72 -38.74
CA GLY A 1319 -47.25 41.34 -39.90
C GLY A 1319 -48.46 40.47 -39.61
N ALA A 1320 -49.16 40.76 -38.50
CA ALA A 1320 -50.37 40.02 -38.11
C ALA A 1320 -51.57 40.52 -38.92
N ASP A 1321 -52.29 39.58 -39.55
CA ASP A 1321 -53.45 39.85 -40.40
C ASP A 1321 -54.61 40.53 -39.68
N VAL A 1322 -55.18 41.57 -40.31
CA VAL A 1322 -56.31 42.35 -39.80
C VAL A 1322 -57.63 41.85 -40.41
N CYS A 1323 -57.53 41.06 -41.49
CA CYS A 1323 -58.64 40.48 -42.24
C CYS A 1323 -59.17 39.20 -41.56
N ALA A 1324 -58.41 38.64 -40.60
CA ALA A 1324 -58.68 37.42 -39.83
C ALA A 1324 -60.04 37.40 -39.15
N GLN A 1325 -60.81 36.31 -39.37
CA GLN A 1325 -62.12 36.07 -38.79
C GLN A 1325 -62.24 34.63 -38.28
N ASP A 1326 -62.86 34.44 -37.09
CA ASP A 1326 -63.08 33.13 -36.48
C ASP A 1326 -64.35 32.45 -37.03
N LYS A 1327 -64.82 31.34 -36.40
CA LYS A 1327 -66.01 30.60 -36.86
C LYS A 1327 -67.31 31.44 -36.79
N PHE A 1328 -67.38 32.40 -35.84
CA PHE A 1328 -68.52 33.32 -35.69
C PHE A 1328 -68.43 34.51 -36.65
N GLY A 1329 -67.26 34.69 -37.28
CA GLY A 1329 -66.99 35.76 -38.22
C GLY A 1329 -66.79 37.10 -37.53
N LYS A 1330 -66.08 37.09 -36.39
CA LYS A 1330 -65.81 38.29 -35.59
C LYS A 1330 -64.36 38.72 -35.66
N THR A 1331 -64.13 40.01 -35.99
CA THR A 1331 -62.82 40.64 -36.12
C THR A 1331 -62.53 41.47 -34.86
N ALA A 1332 -61.42 42.26 -34.86
CA ALA A 1332 -61.03 43.12 -33.74
C ALA A 1332 -61.94 44.36 -33.59
N PHE A 1333 -62.75 44.68 -34.64
CA PHE A 1333 -63.72 45.79 -34.66
C PHE A 1333 -64.83 45.57 -33.61
N ASP A 1334 -65.30 44.32 -33.48
CA ASP A 1334 -66.37 43.91 -32.56
C ASP A 1334 -65.91 43.81 -31.09
N ILE A 1335 -64.64 43.41 -30.86
CA ILE A 1335 -64.06 43.27 -29.50
C ILE A 1335 -63.88 44.64 -28.84
N SER A 1336 -63.30 45.62 -29.58
CA SER A 1336 -63.04 46.98 -29.11
C SER A 1336 -64.31 47.81 -28.81
N ILE A 1337 -65.44 47.47 -29.47
CA ILE A 1337 -66.72 48.16 -29.28
C ILE A 1337 -67.55 47.48 -28.15
N ASP A 1338 -67.26 46.19 -27.84
CA ASP A 1338 -67.95 45.44 -26.78
C ASP A 1338 -67.51 45.86 -25.38
N ASN A 1339 -66.18 45.93 -25.12
CA ASN A 1339 -65.64 46.33 -23.82
C ASN A 1339 -65.72 47.85 -23.60
N GLY A 1340 -65.76 48.26 -22.33
CA GLY A 1340 -65.88 49.66 -21.92
C GLY A 1340 -64.71 50.58 -22.20
N ASN A 1341 -63.61 50.04 -22.77
CA ASN A 1341 -62.42 50.82 -23.10
C ASN A 1341 -62.28 51.08 -24.61
N GLU A 1342 -62.19 52.38 -24.98
CA GLU A 1342 -62.05 52.85 -26.36
C GLU A 1342 -60.58 52.98 -26.80
N ASP A 1343 -59.64 52.69 -25.87
CA ASP A 1343 -58.19 52.74 -26.09
C ASP A 1343 -57.70 51.73 -27.14
N LEU A 1344 -58.36 50.56 -27.22
CA LEU A 1344 -58.06 49.51 -28.20
C LEU A 1344 -58.50 49.94 -29.59
N ALA A 1345 -59.64 50.64 -29.68
CA ALA A 1345 -60.22 51.15 -30.93
C ALA A 1345 -59.38 52.26 -31.60
N GLU A 1346 -58.44 52.88 -30.84
CA GLU A 1346 -57.54 53.93 -31.33
C GLU A 1346 -56.35 53.37 -32.13
N ILE A 1347 -55.79 52.21 -31.70
CA ILE A 1347 -54.67 51.54 -32.38
C ILE A 1347 -55.17 50.78 -33.64
N LEU A 1348 -56.45 50.32 -33.62
CA LEU A 1348 -57.09 49.62 -34.75
C LEU A 1348 -57.52 50.61 -35.87
N GLN A 1349 -57.67 51.91 -35.51
CA GLN A 1349 -57.97 53.02 -36.43
C GLN A 1349 -56.65 53.70 -36.85
N LYS A 1350 -55.53 53.02 -36.54
CA LYS A 1350 -54.14 53.32 -36.87
C LYS A 1350 -53.54 51.99 -37.44
N ALA A 1351 -54.42 51.26 -38.16
CA ALA A 1351 -54.23 49.99 -38.88
C ALA A 1351 -55.12 50.10 -40.15
N CYS A 1352 -56.31 50.75 -39.99
CA CYS A 1352 -57.30 51.14 -41.02
C CYS A 1352 -58.30 52.17 -40.47
N LYS A 1353 -58.30 53.38 -41.07
CA LYS A 1353 -59.10 54.54 -40.66
C LYS A 1353 -60.54 54.55 -41.20
N LEU A 1354 -61.52 54.36 -40.29
CA LEU A 1354 -62.96 54.35 -40.57
C LEU A 1354 -63.52 55.76 -40.61
MN MN B . 4.47 -6.99 -17.39
MN MN C . 40.07 10.75 20.26
MN MN D . -11.92 -12.28 5.39
MN MN E . -19.13 -21.53 -0.98
O1 MES F . -20.58 -29.80 -3.95
C2 MES F . -20.67 -28.56 -3.24
C3 MES F . -20.40 -27.38 -4.15
N4 MES F . -19.05 -27.52 -4.77
C5 MES F . -18.94 -28.85 -5.47
C6 MES F . -19.27 -29.96 -4.51
C7 MES F . -18.76 -26.36 -5.68
C8 MES F . -17.33 -26.37 -6.20
S MES F . -16.93 -24.81 -6.94
O1S MES F . -15.62 -25.00 -7.56
O2S MES F . -17.97 -24.53 -7.92
O3S MES F . -16.91 -23.84 -5.86
C1 MPD G . 0.61 7.19 17.64
C2 MPD G . -0.01 6.37 16.52
O2 MPD G . 1.09 5.76 15.81
CM MPD G . -0.86 5.25 17.11
C3 MPD G . -0.95 7.26 15.63
C4 MPD G . -0.42 7.76 14.25
O4 MPD G . -0.82 6.87 13.20
C5 MPD G . -0.93 9.15 13.96
#